data_6AU7
# 
_entry.id   6AU7 
# 
_audit_conform.dict_name       mmcif_pdbx.dic 
_audit_conform.dict_version    5.397 
_audit_conform.dict_location   http://mmcif.pdb.org/dictionaries/ascii/mmcif_pdbx.dic 
# 
loop_
_database_2.database_id 
_database_2.database_code 
_database_2.pdbx_database_accession 
_database_2.pdbx_DOI 
PDB   6AU7         pdb_00006au7 10.2210/pdb6au7/pdb 
WWPDB D_1000229848 ?            ?                   
# 
loop_
_pdbx_audit_revision_history.ordinal 
_pdbx_audit_revision_history.data_content_type 
_pdbx_audit_revision_history.major_revision 
_pdbx_audit_revision_history.minor_revision 
_pdbx_audit_revision_history.revision_date 
1 'Structure model' 1 0 2018-02-28 
2 'Structure model' 1 1 2018-03-14 
3 'Structure model' 1 2 2023-10-04 
4 'Structure model' 1 3 2024-10-23 
# 
_pdbx_audit_revision_details.ordinal             1 
_pdbx_audit_revision_details.revision_ordinal    1 
_pdbx_audit_revision_details.data_content_type   'Structure model' 
_pdbx_audit_revision_details.provider            repository 
_pdbx_audit_revision_details.type                'Initial release' 
_pdbx_audit_revision_details.description         ? 
_pdbx_audit_revision_details.details             ? 
# 
loop_
_pdbx_audit_revision_group.ordinal 
_pdbx_audit_revision_group.revision_ordinal 
_pdbx_audit_revision_group.data_content_type 
_pdbx_audit_revision_group.group 
1 2 'Structure model' 'Database references'    
2 3 'Structure model' 'Data collection'        
3 3 'Structure model' 'Database references'    
4 3 'Structure model' 'Refinement description' 
5 4 'Structure model' 'Structure summary'      
# 
loop_
_pdbx_audit_revision_category.ordinal 
_pdbx_audit_revision_category.revision_ordinal 
_pdbx_audit_revision_category.data_content_type 
_pdbx_audit_revision_category.category 
1 2 'Structure model' citation                      
2 2 'Structure model' citation_author               
3 3 'Structure model' chem_comp_atom                
4 3 'Structure model' chem_comp_bond                
5 3 'Structure model' database_2                    
6 3 'Structure model' pdbx_initial_refinement_model 
7 3 'Structure model' struct_ncs_dom_lim            
8 4 'Structure model' pdbx_entry_details            
9 4 'Structure model' pdbx_modification_feature     
# 
loop_
_pdbx_audit_revision_item.ordinal 
_pdbx_audit_revision_item.revision_ordinal 
_pdbx_audit_revision_item.data_content_type 
_pdbx_audit_revision_item.item 
1  2 'Structure model' '_citation.journal_abbrev'              
2  2 'Structure model' '_citation.journal_volume'              
3  2 'Structure model' '_citation.page_first'                  
4  2 'Structure model' '_citation.page_last'                   
5  2 'Structure model' '_citation.pdbx_database_id_PubMed'     
6  2 'Structure model' '_citation.title'                       
7  2 'Structure model' '_citation_author.name'                 
8  3 'Structure model' '_database_2.pdbx_DOI'                  
9  3 'Structure model' '_database_2.pdbx_database_accession'   
10 3 'Structure model' '_struct_ncs_dom_lim.beg_auth_comp_id'  
11 3 'Structure model' '_struct_ncs_dom_lim.beg_label_asym_id' 
12 3 'Structure model' '_struct_ncs_dom_lim.beg_label_comp_id' 
13 3 'Structure model' '_struct_ncs_dom_lim.beg_label_seq_id'  
14 3 'Structure model' '_struct_ncs_dom_lim.end_auth_comp_id'  
15 3 'Structure model' '_struct_ncs_dom_lim.end_label_asym_id' 
16 3 'Structure model' '_struct_ncs_dom_lim.end_label_comp_id' 
17 3 'Structure model' '_struct_ncs_dom_lim.end_label_seq_id'  
# 
_pdbx_database_status.status_code                     REL 
_pdbx_database_status.status_code_sf                  REL 
_pdbx_database_status.status_code_mr                  ? 
_pdbx_database_status.entry_id                        6AU7 
_pdbx_database_status.recvd_initial_deposition_date   2017-08-30 
_pdbx_database_status.SG_entry                        N 
_pdbx_database_status.deposit_site                    RCSB 
_pdbx_database_status.process_site                    RCSB 
_pdbx_database_status.status_code_cs                  ? 
_pdbx_database_status.methods_development_category    ? 
_pdbx_database_status.pdb_format_compatible           Y 
_pdbx_database_status.status_code_nmr_data            ? 
# 
loop_
_pdbx_database_related.db_name 
_pdbx_database_related.details 
_pdbx_database_related.db_id 
_pdbx_database_related.content_type 
PDB . 6ATL unspecified 
PDB . 6ATM unspecified 
PDB . 6ATN unspecified 
PDB . 6ATS unspecified 
PDB . 6ATU unspecified 
PDB . 6ATW unspecified 
PDB . 6ATY unspecified 
# 
loop_
_audit_author.name 
_audit_author.pdbx_ordinal 
_audit_author.identifier_ORCID 
'Gewe, M.M.'   1 ? 
'Rupert, P.'   2 ? 
'Strong, R.K.' 3 ? 
# 
_citation.abstract                  ? 
_citation.abstract_id_CAS           ? 
_citation.book_id_ISBN              ? 
_citation.book_publisher            ? 
_citation.book_publisher_city       ? 
_citation.book_title                ? 
_citation.coordinate_linkage        ? 
_citation.country                   US 
_citation.database_id_Medline       ? 
_citation.details                   ? 
_citation.id                        primary 
_citation.journal_abbrev            'Nat. Struct. Mol. Biol.' 
_citation.journal_id_ASTM           ? 
_citation.journal_id_CSD            ? 
_citation.journal_id_ISSN           1545-9985 
_citation.journal_full              ? 
_citation.journal_issue             ? 
_citation.journal_volume            25 
_citation.language                  ? 
_citation.page_first                270 
_citation.page_last                 278 
_citation.title                     
'Screening, large-scale production and structure-based classification of cystine-dense peptides.' 
_citation.year                      2018 
_citation.database_id_CSD           ? 
_citation.pdbx_database_id_DOI      10.1038/s41594-018-0033-9 
_citation.pdbx_database_id_PubMed   29483648 
_citation.unpublished_flag          ? 
# 
loop_
_citation_author.citation_id 
_citation_author.name 
_citation_author.ordinal 
_citation_author.identifier_ORCID 
primary 'Correnti, C.E.'          1  ? 
primary 'Gewe, M.M.'              2  ? 
primary 'Mehlin, C.'              3  ? 
primary 'Bandaranayake, A.D.'     4  ? 
primary 'Johnsen, W.A.'           5  ? 
primary 'Rupert, P.B.'            6  ? 
primary 'Brusniak, M.Y.'          7  ? 
primary 'Clarke, M.'              8  ? 
primary 'Burke, S.E.'             9  ? 
primary 'De Van Der Schueren, W.' 10 ? 
primary 'Pilat, K.'               11 ? 
primary 'Turnbaugh, S.M.'         12 ? 
primary 'May, D.'                 13 ? 
primary 'Watson, A.'              14 ? 
primary 'Chan, M.K.'              15 ? 
primary 'Bahl, C.D.'              16 ? 
primary 'Olson, J.M.'             17 ? 
primary 'Strong, R.K.'            18 ? 
# 
loop_
_entity.id 
_entity.type 
_entity.src_method 
_entity.pdbx_description 
_entity.formula_weight 
_entity.pdbx_number_of_molecules 
_entity.pdbx_ec 
_entity.pdbx_mutation 
_entity.pdbx_fragment 
_entity.details 
1 polymer     man 'Potassium channel toxin gamma-KTx 2.2' 4155.808 4  ? ? ? ? 
2 non-polymer syn 'SULFATE ION'                           96.063   4  ? ? ? ? 
3 non-polymer syn GLYCEROL                                92.094   2  ? ? ? ? 
4 water       nat water                                   18.015   43 ? ? ? ? 
# 
_entity_name_com.entity_id   1 
_entity_name_com.name        BmKK7,BmKKx2 
# 
_entity_poly.entity_id                      1 
_entity_poly.type                           'polypeptide(L)' 
_entity_poly.nstd_linkage                   no 
_entity_poly.nstd_monomer                   no 
_entity_poly.pdbx_seq_one_letter_code       GSRPTDIKCSASYQCFPVCKSRFGKTNGRCVNGLCDCF 
_entity_poly.pdbx_seq_one_letter_code_can   GSRPTDIKCSASYQCFPVCKSRFGKTNGRCVNGLCDCF 
_entity_poly.pdbx_strand_id                 A,B,C,D 
_entity_poly.pdbx_target_identifier         ? 
# 
loop_
_pdbx_entity_nonpoly.entity_id 
_pdbx_entity_nonpoly.name 
_pdbx_entity_nonpoly.comp_id 
2 'SULFATE ION' SO4 
3 GLYCEROL      GOL 
4 water         HOH 
# 
loop_
_entity_poly_seq.entity_id 
_entity_poly_seq.num 
_entity_poly_seq.mon_id 
_entity_poly_seq.hetero 
1 1  GLY n 
1 2  SER n 
1 3  ARG n 
1 4  PRO n 
1 5  THR n 
1 6  ASP n 
1 7  ILE n 
1 8  LYS n 
1 9  CYS n 
1 10 SER n 
1 11 ALA n 
1 12 SER n 
1 13 TYR n 
1 14 GLN n 
1 15 CYS n 
1 16 PHE n 
1 17 PRO n 
1 18 VAL n 
1 19 CYS n 
1 20 LYS n 
1 21 SER n 
1 22 ARG n 
1 23 PHE n 
1 24 GLY n 
1 25 LYS n 
1 26 THR n 
1 27 ASN n 
1 28 GLY n 
1 29 ARG n 
1 30 CYS n 
1 31 VAL n 
1 32 ASN n 
1 33 GLY n 
1 34 LEU n 
1 35 CYS n 
1 36 ASP n 
1 37 CYS n 
1 38 PHE n 
# 
_entity_src_gen.entity_id                          1 
_entity_src_gen.pdbx_src_id                        1 
_entity_src_gen.pdbx_alt_source_flag               sample 
_entity_src_gen.pdbx_seq_type                      'Biological sequence' 
_entity_src_gen.pdbx_beg_seq_num                   1 
_entity_src_gen.pdbx_end_seq_num                   38 
_entity_src_gen.gene_src_common_name               'Manchurian scorpion' 
_entity_src_gen.gene_src_genus                     ? 
_entity_src_gen.pdbx_gene_src_gene                 ? 
_entity_src_gen.gene_src_species                   ? 
_entity_src_gen.gene_src_strain                    ? 
_entity_src_gen.gene_src_tissue                    ? 
_entity_src_gen.gene_src_tissue_fraction           ? 
_entity_src_gen.gene_src_details                   ? 
_entity_src_gen.pdbx_gene_src_fragment             ? 
_entity_src_gen.pdbx_gene_src_scientific_name      'Mesobuthus martensii' 
_entity_src_gen.pdbx_gene_src_ncbi_taxonomy_id     34649 
_entity_src_gen.pdbx_gene_src_variant              ? 
_entity_src_gen.pdbx_gene_src_cell_line            ? 
_entity_src_gen.pdbx_gene_src_atcc                 ? 
_entity_src_gen.pdbx_gene_src_organ                ? 
_entity_src_gen.pdbx_gene_src_organelle            ? 
_entity_src_gen.pdbx_gene_src_cell                 ? 
_entity_src_gen.pdbx_gene_src_cellular_location    ? 
_entity_src_gen.host_org_common_name               ? 
_entity_src_gen.pdbx_host_org_scientific_name      'Homo sapiens' 
_entity_src_gen.pdbx_host_org_ncbi_taxonomy_id     9606 
_entity_src_gen.host_org_genus                     ? 
_entity_src_gen.pdbx_host_org_gene                 ? 
_entity_src_gen.pdbx_host_org_organ                ? 
_entity_src_gen.host_org_species                   ? 
_entity_src_gen.pdbx_host_org_tissue               ? 
_entity_src_gen.pdbx_host_org_tissue_fraction      ? 
_entity_src_gen.pdbx_host_org_strain               ? 
_entity_src_gen.pdbx_host_org_variant              ? 
_entity_src_gen.pdbx_host_org_cell_line            ? 
_entity_src_gen.pdbx_host_org_atcc                 ? 
_entity_src_gen.pdbx_host_org_culture_collection   ? 
_entity_src_gen.pdbx_host_org_cell                 ? 
_entity_src_gen.pdbx_host_org_organelle            ? 
_entity_src_gen.pdbx_host_org_cellular_location    ? 
_entity_src_gen.pdbx_host_org_vector_type          ? 
_entity_src_gen.pdbx_host_org_vector               ? 
_entity_src_gen.host_org_details                   ? 
_entity_src_gen.expression_system_id               ? 
_entity_src_gen.plasmid_name                       ? 
_entity_src_gen.plasmid_details                    ? 
_entity_src_gen.pdbx_description                   ? 
# 
loop_
_chem_comp.id 
_chem_comp.type 
_chem_comp.mon_nstd_flag 
_chem_comp.name 
_chem_comp.pdbx_synonyms 
_chem_comp.formula 
_chem_comp.formula_weight 
ALA 'L-peptide linking' y ALANINE         ?                               'C3 H7 N O2'     89.093  
ARG 'L-peptide linking' y ARGININE        ?                               'C6 H15 N4 O2 1' 175.209 
ASN 'L-peptide linking' y ASPARAGINE      ?                               'C4 H8 N2 O3'    132.118 
ASP 'L-peptide linking' y 'ASPARTIC ACID' ?                               'C4 H7 N O4'     133.103 
CYS 'L-peptide linking' y CYSTEINE        ?                               'C3 H7 N O2 S'   121.158 
GLN 'L-peptide linking' y GLUTAMINE       ?                               'C5 H10 N2 O3'   146.144 
GLY 'peptide linking'   y GLYCINE         ?                               'C2 H5 N O2'     75.067  
GOL non-polymer         . GLYCEROL        'GLYCERIN; PROPANE-1,2,3-TRIOL' 'C3 H8 O3'       92.094  
HOH non-polymer         . WATER           ?                               'H2 O'           18.015  
ILE 'L-peptide linking' y ISOLEUCINE      ?                               'C6 H13 N O2'    131.173 
LEU 'L-peptide linking' y LEUCINE         ?                               'C6 H13 N O2'    131.173 
LYS 'L-peptide linking' y LYSINE          ?                               'C6 H15 N2 O2 1' 147.195 
PHE 'L-peptide linking' y PHENYLALANINE   ?                               'C9 H11 N O2'    165.189 
PRO 'L-peptide linking' y PROLINE         ?                               'C5 H9 N O2'     115.130 
SER 'L-peptide linking' y SERINE          ?                               'C3 H7 N O3'     105.093 
SO4 non-polymer         . 'SULFATE ION'   ?                               'O4 S -2'        96.063  
THR 'L-peptide linking' y THREONINE       ?                               'C4 H9 N O3'     119.119 
TYR 'L-peptide linking' y TYROSINE        ?                               'C9 H11 N O3'    181.189 
VAL 'L-peptide linking' y VALINE          ?                               'C5 H11 N O2'    117.146 
# 
loop_
_pdbx_poly_seq_scheme.asym_id 
_pdbx_poly_seq_scheme.entity_id 
_pdbx_poly_seq_scheme.seq_id 
_pdbx_poly_seq_scheme.mon_id 
_pdbx_poly_seq_scheme.ndb_seq_num 
_pdbx_poly_seq_scheme.pdb_seq_num 
_pdbx_poly_seq_scheme.auth_seq_num 
_pdbx_poly_seq_scheme.pdb_mon_id 
_pdbx_poly_seq_scheme.auth_mon_id 
_pdbx_poly_seq_scheme.pdb_strand_id 
_pdbx_poly_seq_scheme.pdb_ins_code 
_pdbx_poly_seq_scheme.hetero 
A 1 1  GLY 1  -1 -1 GLY GLY A . n 
A 1 2  SER 2  0  0  SER SER A . n 
A 1 3  ARG 3  1  1  ARG ARG A . n 
A 1 4  PRO 4  2  2  PRO PRO A . n 
A 1 5  THR 5  3  3  THR THR A . n 
A 1 6  ASP 6  4  4  ASP ASP A . n 
A 1 7  ILE 7  5  5  ILE ILE A . n 
A 1 8  LYS 8  6  6  LYS LYS A . n 
A 1 9  CYS 9  7  7  CYS CYS A . n 
A 1 10 SER 10 8  8  SER SER A . n 
A 1 11 ALA 11 9  9  ALA ALA A . n 
A 1 12 SER 12 10 10 SER SER A . n 
A 1 13 TYR 13 11 11 TYR TYR A . n 
A 1 14 GLN 14 12 12 GLN GLN A . n 
A 1 15 CYS 15 13 13 CYS CYS A . n 
A 1 16 PHE 16 14 14 PHE PHE A . n 
A 1 17 PRO 17 15 15 PRO PRO A . n 
A 1 18 VAL 18 16 16 VAL VAL A . n 
A 1 19 CYS 19 17 17 CYS CYS A . n 
A 1 20 LYS 20 18 18 LYS LYS A . n 
A 1 21 SER 21 19 19 SER SER A . n 
A 1 22 ARG 22 20 20 ARG ARG A . n 
A 1 23 PHE 23 21 21 PHE PHE A . n 
A 1 24 GLY 24 22 22 GLY GLY A . n 
A 1 25 LYS 25 23 23 LYS LYS A . n 
A 1 26 THR 26 24 24 THR THR A . n 
A 1 27 ASN 27 25 25 ASN ASN A . n 
A 1 28 GLY 28 26 26 GLY GLY A . n 
A 1 29 ARG 29 27 27 ARG ARG A . n 
A 1 30 CYS 30 28 28 CYS CYS A . n 
A 1 31 VAL 31 29 29 VAL VAL A . n 
A 1 32 ASN 32 30 30 ASN ASN A . n 
A 1 33 GLY 33 31 31 GLY GLY A . n 
A 1 34 LEU 34 32 32 LEU LEU A . n 
A 1 35 CYS 35 33 33 CYS CYS A . n 
A 1 36 ASP 36 34 34 ASP ASP A . n 
A 1 37 CYS 37 35 35 CYS CYS A . n 
A 1 38 PHE 38 36 36 PHE PHE A . n 
B 1 1  GLY 1  -1 -1 GLY GLY B . n 
B 1 2  SER 2  0  0  SER SER B . n 
B 1 3  ARG 3  1  1  ARG ARG B . n 
B 1 4  PRO 4  2  2  PRO PRO B . n 
B 1 5  THR 5  3  3  THR THR B . n 
B 1 6  ASP 6  4  4  ASP ASP B . n 
B 1 7  ILE 7  5  5  ILE ILE B . n 
B 1 8  LYS 8  6  6  LYS LYS B . n 
B 1 9  CYS 9  7  7  CYS CYS B . n 
B 1 10 SER 10 8  8  SER SER B . n 
B 1 11 ALA 11 9  9  ALA ALA B . n 
B 1 12 SER 12 10 10 SER SER B . n 
B 1 13 TYR 13 11 11 TYR TYR B . n 
B 1 14 GLN 14 12 12 GLN GLN B . n 
B 1 15 CYS 15 13 13 CYS CYS B . n 
B 1 16 PHE 16 14 14 PHE PHE B . n 
B 1 17 PRO 17 15 15 PRO PRO B . n 
B 1 18 VAL 18 16 16 VAL VAL B . n 
B 1 19 CYS 19 17 17 CYS CYS B . n 
B 1 20 LYS 20 18 18 LYS LYS B . n 
B 1 21 SER 21 19 19 SER SER B . n 
B 1 22 ARG 22 20 20 ARG ARG B . n 
B 1 23 PHE 23 21 21 PHE PHE B . n 
B 1 24 GLY 24 22 22 GLY GLY B . n 
B 1 25 LYS 25 23 23 LYS LYS B . n 
B 1 26 THR 26 24 24 THR THR B . n 
B 1 27 ASN 27 25 25 ASN ASN B . n 
B 1 28 GLY 28 26 26 GLY GLY B . n 
B 1 29 ARG 29 27 27 ARG ARG B . n 
B 1 30 CYS 30 28 28 CYS CYS B . n 
B 1 31 VAL 31 29 29 VAL VAL B . n 
B 1 32 ASN 32 30 30 ASN ASN B . n 
B 1 33 GLY 33 31 31 GLY GLY B . n 
B 1 34 LEU 34 32 32 LEU LEU B . n 
B 1 35 CYS 35 33 33 CYS CYS B . n 
B 1 36 ASP 36 34 34 ASP ASP B . n 
B 1 37 CYS 37 35 35 CYS CYS B . n 
B 1 38 PHE 38 36 36 PHE PHE B . n 
C 1 1  GLY 1  -1 -1 GLY GLY C . n 
C 1 2  SER 2  0  0  SER SER C . n 
C 1 3  ARG 3  1  1  ARG ARG C . n 
C 1 4  PRO 4  2  2  PRO PRO C . n 
C 1 5  THR 5  3  3  THR THR C . n 
C 1 6  ASP 6  4  4  ASP ASP C . n 
C 1 7  ILE 7  5  5  ILE ILE C . n 
C 1 8  LYS 8  6  6  LYS LYS C . n 
C 1 9  CYS 9  7  7  CYS CYS C . n 
C 1 10 SER 10 8  8  SER SER C . n 
C 1 11 ALA 11 9  9  ALA ALA C . n 
C 1 12 SER 12 10 10 SER SER C . n 
C 1 13 TYR 13 11 11 TYR TYR C . n 
C 1 14 GLN 14 12 12 GLN GLN C . n 
C 1 15 CYS 15 13 13 CYS CYS C . n 
C 1 16 PHE 16 14 14 PHE PHE C . n 
C 1 17 PRO 17 15 15 PRO PRO C . n 
C 1 18 VAL 18 16 16 VAL VAL C . n 
C 1 19 CYS 19 17 17 CYS CYS C . n 
C 1 20 LYS 20 18 18 LYS LYS C . n 
C 1 21 SER 21 19 19 SER SER C . n 
C 1 22 ARG 22 20 20 ARG ARG C . n 
C 1 23 PHE 23 21 21 PHE PHE C . n 
C 1 24 GLY 24 22 22 GLY GLY C . n 
C 1 25 LYS 25 23 23 LYS LYS C . n 
C 1 26 THR 26 24 24 THR THR C . n 
C 1 27 ASN 27 25 25 ASN ASN C . n 
C 1 28 GLY 28 26 26 GLY GLY C . n 
C 1 29 ARG 29 27 27 ARG ARG C . n 
C 1 30 CYS 30 28 28 CYS CYS C . n 
C 1 31 VAL 31 29 29 VAL VAL C . n 
C 1 32 ASN 32 30 30 ASN ASN C . n 
C 1 33 GLY 33 31 31 GLY GLY C . n 
C 1 34 LEU 34 32 32 LEU LEU C . n 
C 1 35 CYS 35 33 33 CYS CYS C . n 
C 1 36 ASP 36 34 34 ASP ASP C . n 
C 1 37 CYS 37 35 35 CYS CYS C . n 
C 1 38 PHE 38 36 36 PHE PHE C . n 
D 1 1  GLY 1  -1 -1 GLY GLY D . n 
D 1 2  SER 2  0  0  SER SER D . n 
D 1 3  ARG 3  1  1  ARG ARG D . n 
D 1 4  PRO 4  2  2  PRO PRO D . n 
D 1 5  THR 5  3  3  THR THR D . n 
D 1 6  ASP 6  4  4  ASP ASP D . n 
D 1 7  ILE 7  5  5  ILE ILE D . n 
D 1 8  LYS 8  6  6  LYS LYS D . n 
D 1 9  CYS 9  7  7  CYS CYS D . n 
D 1 10 SER 10 8  8  SER SER D . n 
D 1 11 ALA 11 9  9  ALA ALA D . n 
D 1 12 SER 12 10 10 SER SER D . n 
D 1 13 TYR 13 11 11 TYR TYR D . n 
D 1 14 GLN 14 12 12 GLN GLN D . n 
D 1 15 CYS 15 13 13 CYS CYS D . n 
D 1 16 PHE 16 14 14 PHE PHE D . n 
D 1 17 PRO 17 15 15 PRO PRO D . n 
D 1 18 VAL 18 16 16 VAL VAL D . n 
D 1 19 CYS 19 17 17 CYS CYS D . n 
D 1 20 LYS 20 18 18 LYS LYS D . n 
D 1 21 SER 21 19 19 SER SER D . n 
D 1 22 ARG 22 20 20 ARG ARG D . n 
D 1 23 PHE 23 21 21 PHE PHE D . n 
D 1 24 GLY 24 22 22 GLY GLY D . n 
D 1 25 LYS 25 23 23 LYS LYS D . n 
D 1 26 THR 26 24 24 THR THR D . n 
D 1 27 ASN 27 25 25 ASN ASN D . n 
D 1 28 GLY 28 26 26 GLY GLY D . n 
D 1 29 ARG 29 27 27 ARG ARG D . n 
D 1 30 CYS 30 28 28 CYS CYS D . n 
D 1 31 VAL 31 29 29 VAL VAL D . n 
D 1 32 ASN 32 30 30 ASN ASN D . n 
D 1 33 GLY 33 31 31 GLY GLY D . n 
D 1 34 LEU 34 32 32 LEU LEU D . n 
D 1 35 CYS 35 33 33 CYS CYS D . n 
D 1 36 ASP 36 34 34 ASP ASP D . n 
D 1 37 CYS 37 35 35 CYS CYS D . n 
D 1 38 PHE 38 36 36 PHE PHE D . n 
# 
loop_
_pdbx_nonpoly_scheme.asym_id 
_pdbx_nonpoly_scheme.entity_id 
_pdbx_nonpoly_scheme.mon_id 
_pdbx_nonpoly_scheme.ndb_seq_num 
_pdbx_nonpoly_scheme.pdb_seq_num 
_pdbx_nonpoly_scheme.auth_seq_num 
_pdbx_nonpoly_scheme.pdb_mon_id 
_pdbx_nonpoly_scheme.auth_mon_id 
_pdbx_nonpoly_scheme.pdb_strand_id 
_pdbx_nonpoly_scheme.pdb_ins_code 
E 2 SO4 1  101 3  SO4 SO4 A . 
F 3 GOL 1  101 1  GOL GOL B . 
G 3 GOL 1  102 2  GOL GOL B . 
H 2 SO4 1  101 4  SO4 SO4 C . 
I 2 SO4 1  101 1  SO4 SO4 D . 
J 2 SO4 1  102 5  SO4 SO4 D . 
K 4 HOH 1  201 10 HOH HOH A . 
K 4 HOH 2  202 18 HOH HOH A . 
K 4 HOH 3  203 4  HOH HOH A . 
K 4 HOH 4  204 40 HOH HOH A . 
K 4 HOH 5  205 20 HOH HOH A . 
K 4 HOH 6  206 34 HOH HOH A . 
K 4 HOH 7  207 43 HOH HOH A . 
K 4 HOH 8  208 3  HOH HOH A . 
K 4 HOH 9  209 1  HOH HOH A . 
K 4 HOH 10 210 22 HOH HOH A . 
K 4 HOH 11 211 12 HOH HOH A . 
K 4 HOH 12 212 32 HOH HOH A . 
K 4 HOH 13 213 39 HOH HOH A . 
L 4 HOH 1  201 13 HOH HOH B . 
L 4 HOH 2  202 36 HOH HOH B . 
L 4 HOH 3  203 24 HOH HOH B . 
L 4 HOH 4  204 16 HOH HOH B . 
L 4 HOH 5  205 37 HOH HOH B . 
L 4 HOH 6  206 25 HOH HOH B . 
L 4 HOH 7  207 23 HOH HOH B . 
L 4 HOH 8  208 38 HOH HOH B . 
L 4 HOH 9  209 26 HOH HOH B . 
L 4 HOH 10 210 27 HOH HOH B . 
L 4 HOH 11 211 33 HOH HOH B . 
M 4 HOH 1  201 21 HOH HOH C . 
M 4 HOH 2  202 11 HOH HOH C . 
M 4 HOH 3  203 17 HOH HOH C . 
M 4 HOH 4  204 9  HOH HOH C . 
M 4 HOH 5  205 2  HOH HOH C . 
M 4 HOH 6  206 8  HOH HOH C . 
M 4 HOH 7  207 5  HOH HOH C . 
M 4 HOH 8  208 6  HOH HOH C . 
M 4 HOH 9  209 15 HOH HOH C . 
M 4 HOH 10 210 41 HOH HOH C . 
M 4 HOH 11 211 42 HOH HOH C . 
M 4 HOH 12 212 44 HOH HOH C . 
M 4 HOH 13 213 45 HOH HOH C . 
N 4 HOH 1  201 7  HOH HOH D . 
N 4 HOH 2  202 35 HOH HOH D . 
N 4 HOH 3  203 19 HOH HOH D . 
N 4 HOH 4  204 14 HOH HOH D . 
N 4 HOH 5  205 28 HOH HOH D . 
N 4 HOH 6  206 29 HOH HOH D . 
# 
loop_
_software.citation_id 
_software.classification 
_software.compiler_name 
_software.compiler_version 
_software.contact_author 
_software.contact_author_email 
_software.date 
_software.description 
_software.dependencies 
_software.hardware 
_software.language 
_software.location 
_software.mods 
_software.name 
_software.os 
_software.os_version 
_software.type 
_software.version 
_software.pdbx_ordinal 
? refinement       ? ? ? ? ? ? ? ? ? ? ? REFMAC   ? ? ? 5.8.0155 1 
? 'data reduction' ? ? ? ? ? ? ? ? ? ? ? HKL-2000 ? ? ? .        2 
? 'data scaling'   ? ? ? ? ? ? ? ? ? ? ? HKL-2000 ? ? ? .        3 
? phasing          ? ? ? ? ? ? ? ? ? ? ? PHASER   ? ? ? .        4 
# 
_cell.angle_alpha                  90.00 
_cell.angle_alpha_esd              ? 
_cell.angle_beta                   107.02 
_cell.angle_beta_esd               ? 
_cell.angle_gamma                  90.00 
_cell.angle_gamma_esd              ? 
_cell.entry_id                     6AU7 
_cell.details                      ? 
_cell.formula_units_Z              ? 
_cell.length_a                     50.173 
_cell.length_a_esd                 ? 
_cell.length_b                     48.146 
_cell.length_b_esd                 ? 
_cell.length_c                     50.271 
_cell.length_c_esd                 ? 
_cell.volume                       ? 
_cell.volume_esd                   ? 
_cell.Z_PDB                        16 
_cell.reciprocal_angle_alpha       ? 
_cell.reciprocal_angle_beta        ? 
_cell.reciprocal_angle_gamma       ? 
_cell.reciprocal_angle_alpha_esd   ? 
_cell.reciprocal_angle_beta_esd    ? 
_cell.reciprocal_angle_gamma_esd   ? 
_cell.reciprocal_length_a          ? 
_cell.reciprocal_length_b          ? 
_cell.reciprocal_length_c          ? 
_cell.reciprocal_length_a_esd      ? 
_cell.reciprocal_length_b_esd      ? 
_cell.reciprocal_length_c_esd      ? 
_cell.pdbx_unique_axis             ? 
# 
_symmetry.entry_id                         6AU7 
_symmetry.cell_setting                     ? 
_symmetry.Int_Tables_number                5 
_symmetry.space_group_name_Hall            ? 
_symmetry.space_group_name_H-M             'C 1 2 1' 
_symmetry.pdbx_full_space_group_name_H-M   ? 
# 
_exptl.absorpt_coefficient_mu     ? 
_exptl.absorpt_correction_T_max   ? 
_exptl.absorpt_correction_T_min   ? 
_exptl.absorpt_correction_type    ? 
_exptl.absorpt_process_details    ? 
_exptl.entry_id                   6AU7 
_exptl.crystals_number            1 
_exptl.details                    ? 
_exptl.method                     'X-RAY DIFFRACTION' 
_exptl.method_details             ? 
# 
_exptl_crystal.colour                      ? 
_exptl_crystal.density_diffrn              ? 
_exptl_crystal.density_Matthews            1.75 
_exptl_crystal.density_method              ? 
_exptl_crystal.density_percent_sol         29.57 
_exptl_crystal.description                 ? 
_exptl_crystal.F_000                       ? 
_exptl_crystal.id                          1 
_exptl_crystal.preparation                 ? 
_exptl_crystal.size_max                    ? 
_exptl_crystal.size_mid                    ? 
_exptl_crystal.size_min                    ? 
_exptl_crystal.size_rad                    ? 
_exptl_crystal.colour_lustre               ? 
_exptl_crystal.colour_modifier             ? 
_exptl_crystal.colour_primary              ? 
_exptl_crystal.density_meas                ? 
_exptl_crystal.density_meas_esd            ? 
_exptl_crystal.density_meas_gt             ? 
_exptl_crystal.density_meas_lt             ? 
_exptl_crystal.density_meas_temp           ? 
_exptl_crystal.density_meas_temp_esd       ? 
_exptl_crystal.density_meas_temp_gt        ? 
_exptl_crystal.density_meas_temp_lt        ? 
_exptl_crystal.pdbx_crystal_image_url      ? 
_exptl_crystal.pdbx_crystal_image_format   ? 
_exptl_crystal.pdbx_mosaicity              ? 
_exptl_crystal.pdbx_mosaicity_esd          ? 
# 
_exptl_crystal_grow.apparatus       ? 
_exptl_crystal_grow.atmosphere      ? 
_exptl_crystal_grow.crystal_id      1 
_exptl_crystal_grow.details         ? 
_exptl_crystal_grow.method          'VAPOR DIFFUSION, SITTING DROP' 
_exptl_crystal_grow.method_ref      ? 
_exptl_crystal_grow.pH              ? 
_exptl_crystal_grow.pressure        ? 
_exptl_crystal_grow.pressure_esd    ? 
_exptl_crystal_grow.seeding         ? 
_exptl_crystal_grow.seeding_ref     ? 
_exptl_crystal_grow.temp            298 
_exptl_crystal_grow.temp_details    ? 
_exptl_crystal_grow.temp_esd        ? 
_exptl_crystal_grow.time            ? 
_exptl_crystal_grow.pdbx_details    '0.17M AmSO4, 25.5% PEG 4000' 
_exptl_crystal_grow.pdbx_pH_range   ? 
# 
_diffrn.ambient_environment    ? 
_diffrn.ambient_temp           100 
_diffrn.ambient_temp_details   ? 
_diffrn.ambient_temp_esd       ? 
_diffrn.crystal_id             1 
_diffrn.crystal_support        ? 
_diffrn.crystal_treatment      ? 
_diffrn.details                ? 
_diffrn.id                     1 
_diffrn.ambient_pressure       ? 
_diffrn.ambient_pressure_esd   ? 
_diffrn.ambient_pressure_gt    ? 
_diffrn.ambient_pressure_lt    ? 
_diffrn.ambient_temp_gt        ? 
_diffrn.ambient_temp_lt        ? 
# 
_diffrn_detector.details                      ? 
_diffrn_detector.detector                     CCD 
_diffrn_detector.diffrn_id                    1 
_diffrn_detector.type                         'RIGAKU SATURN 944' 
_diffrn_detector.area_resol_mean              ? 
_diffrn_detector.dtime                        ? 
_diffrn_detector.pdbx_frames_total            ? 
_diffrn_detector.pdbx_collection_time_total   ? 
_diffrn_detector.pdbx_collection_date         2016-09-01 
# 
_diffrn_radiation.collimation                      ? 
_diffrn_radiation.diffrn_id                        1 
_diffrn_radiation.filter_edge                      ? 
_diffrn_radiation.inhomogeneity                    ? 
_diffrn_radiation.monochromator                    ? 
_diffrn_radiation.polarisn_norm                    ? 
_diffrn_radiation.polarisn_ratio                   ? 
_diffrn_radiation.probe                            ? 
_diffrn_radiation.type                             ? 
_diffrn_radiation.xray_symbol                      ? 
_diffrn_radiation.wavelength_id                    1 
_diffrn_radiation.pdbx_monochromatic_or_laue_m_l   M 
_diffrn_radiation.pdbx_wavelength_list             ? 
_diffrn_radiation.pdbx_wavelength                  ? 
_diffrn_radiation.pdbx_diffrn_protocol             'SINGLE WAVELENGTH' 
_diffrn_radiation.pdbx_analyzer                    ? 
_diffrn_radiation.pdbx_scattering_type             x-ray 
# 
_diffrn_radiation_wavelength.id           1 
_diffrn_radiation_wavelength.wavelength   1.54 
_diffrn_radiation_wavelength.wt           1.0 
# 
_diffrn_source.current                     ? 
_diffrn_source.details                     ? 
_diffrn_source.diffrn_id                   1 
_diffrn_source.power                       ? 
_diffrn_source.size                        ? 
_diffrn_source.source                      'ROTATING ANODE' 
_diffrn_source.target                      ? 
_diffrn_source.type                        'RIGAKU MICROMAX-007 HF' 
_diffrn_source.voltage                     ? 
_diffrn_source.take-off_angle              ? 
_diffrn_source.pdbx_wavelength_list        1.54 
_diffrn_source.pdbx_wavelength             ? 
_diffrn_source.pdbx_synchrotron_beamline   ? 
_diffrn_source.pdbx_synchrotron_site       ? 
# 
_reflns.B_iso_Wilson_estimate            ? 
_reflns.entry_id                         6AU7 
_reflns.data_reduction_details           ? 
_reflns.data_reduction_method            ? 
_reflns.d_resolution_high                1.90 
_reflns.d_resolution_low                 50 
_reflns.details                          ? 
_reflns.limit_h_max                      ? 
_reflns.limit_h_min                      ? 
_reflns.limit_k_max                      ? 
_reflns.limit_k_min                      ? 
_reflns.limit_l_max                      ? 
_reflns.limit_l_min                      ? 
_reflns.number_all                       ? 
_reflns.number_obs                       7571 
_reflns.observed_criterion               ? 
_reflns.observed_criterion_F_max         ? 
_reflns.observed_criterion_F_min         ? 
_reflns.observed_criterion_I_max         ? 
_reflns.observed_criterion_I_min         ? 
_reflns.observed_criterion_sigma_F       ? 
_reflns.observed_criterion_sigma_I       ? 
_reflns.percent_possible_obs             83.1 
_reflns.R_free_details                   ? 
_reflns.Rmerge_F_all                     ? 
_reflns.Rmerge_F_obs                     ? 
_reflns.Friedel_coverage                 ? 
_reflns.number_gt                        ? 
_reflns.threshold_expression             ? 
_reflns.pdbx_redundancy                  11.7 
_reflns.pdbx_Rmerge_I_obs                0.087 
_reflns.pdbx_Rmerge_I_all                ? 
_reflns.pdbx_Rsym_value                  ? 
_reflns.pdbx_netI_over_av_sigmaI         ? 
_reflns.pdbx_netI_over_sigmaI            14.3 
_reflns.pdbx_res_netI_over_av_sigmaI_2   ? 
_reflns.pdbx_res_netI_over_sigmaI_2      ? 
_reflns.pdbx_chi_squared                 ? 
_reflns.pdbx_scaling_rejects             ? 
_reflns.pdbx_d_res_high_opt              ? 
_reflns.pdbx_d_res_low_opt               ? 
_reflns.pdbx_d_res_opt_method            ? 
_reflns.phase_calculation_details        ? 
_reflns.pdbx_Rrim_I_all                  ? 
_reflns.pdbx_Rpim_I_all                  ? 
_reflns.pdbx_d_opt                       ? 
_reflns.pdbx_number_measured_all         ? 
_reflns.pdbx_diffrn_id                   1 
_reflns.pdbx_ordinal                     1 
_reflns.pdbx_CC_half                     ? 
_reflns.pdbx_R_split                     ? 
# 
_reflns_shell.d_res_high                  1.90 
_reflns_shell.d_res_low                   1.97 
_reflns_shell.meanI_over_sigI_all         ? 
_reflns_shell.meanI_over_sigI_obs         8.5 
_reflns_shell.number_measured_all         ? 
_reflns_shell.number_measured_obs         ? 
_reflns_shell.number_possible             ? 
_reflns_shell.number_unique_all           ? 
_reflns_shell.number_unique_obs           195 
_reflns_shell.percent_possible_all        11.7 
_reflns_shell.percent_possible_obs        ? 
_reflns_shell.Rmerge_F_all                ? 
_reflns_shell.Rmerge_F_obs                ? 
_reflns_shell.Rmerge_I_all                ? 
_reflns_shell.Rmerge_I_obs                0.215 
_reflns_shell.meanI_over_sigI_gt          ? 
_reflns_shell.meanI_over_uI_all           ? 
_reflns_shell.meanI_over_uI_gt            ? 
_reflns_shell.number_measured_gt          ? 
_reflns_shell.number_unique_gt            ? 
_reflns_shell.percent_possible_gt         ? 
_reflns_shell.Rmerge_F_gt                 ? 
_reflns_shell.Rmerge_I_gt                 ? 
_reflns_shell.pdbx_redundancy             1.7 
_reflns_shell.pdbx_Rsym_value             ? 
_reflns_shell.pdbx_chi_squared            ? 
_reflns_shell.pdbx_netI_over_sigmaI_all   ? 
_reflns_shell.pdbx_netI_over_sigmaI_obs   ? 
_reflns_shell.pdbx_Rrim_I_all             ? 
_reflns_shell.pdbx_Rpim_I_all             ? 
_reflns_shell.pdbx_rejects                ? 
_reflns_shell.pdbx_ordinal                1 
_reflns_shell.pdbx_diffrn_id              1 
_reflns_shell.pdbx_CC_half                ? 
_reflns_shell.pdbx_R_split                ? 
# 
_refine.aniso_B[1][1]                            0.06 
_refine.aniso_B[1][2]                            0.00 
_refine.aniso_B[1][3]                            0.02 
_refine.aniso_B[2][2]                            -0.04 
_refine.aniso_B[2][3]                            0.00 
_refine.aniso_B[3][3]                            -0.03 
_refine.B_iso_max                                ? 
_refine.B_iso_mean                               23.310 
_refine.B_iso_min                                ? 
_refine.correlation_coeff_Fo_to_Fc               0.935 
_refine.correlation_coeff_Fo_to_Fc_free          0.917 
_refine.details                                  'HYDROGENS HAVE BEEN ADDED IN THE RIDING POSITIONS' 
_refine.diff_density_max                         ? 
_refine.diff_density_max_esd                     ? 
_refine.diff_density_min                         ? 
_refine.diff_density_min_esd                     ? 
_refine.diff_density_rms                         ? 
_refine.diff_density_rms_esd                     ? 
_refine.entry_id                                 6AU7 
_refine.pdbx_refine_id                           'X-RAY DIFFRACTION' 
_refine.ls_abs_structure_details                 ? 
_refine.ls_abs_structure_Flack                   ? 
_refine.ls_abs_structure_Flack_esd               ? 
_refine.ls_abs_structure_Rogers                  ? 
_refine.ls_abs_structure_Rogers_esd              ? 
_refine.ls_d_res_high                            1.90 
_refine.ls_d_res_low                             48.07 
_refine.ls_extinction_coef                       ? 
_refine.ls_extinction_coef_esd                   ? 
_refine.ls_extinction_expression                 ? 
_refine.ls_extinction_method                     ? 
_refine.ls_goodness_of_fit_all                   ? 
_refine.ls_goodness_of_fit_all_esd               ? 
_refine.ls_goodness_of_fit_obs                   ? 
_refine.ls_goodness_of_fit_obs_esd               ? 
_refine.ls_hydrogen_treatment                    ? 
_refine.ls_matrix_type                           ? 
_refine.ls_number_constraints                    ? 
_refine.ls_number_parameters                     ? 
_refine.ls_number_reflns_all                     ? 
_refine.ls_number_reflns_obs                     7156 
_refine.ls_number_reflns_R_free                  415 
_refine.ls_number_reflns_R_work                  ? 
_refine.ls_number_restraints                     ? 
_refine.ls_percent_reflns_obs                    83.30 
_refine.ls_percent_reflns_R_free                 5.5 
_refine.ls_R_factor_all                          ? 
_refine.ls_R_factor_obs                          0.20310 
_refine.ls_R_factor_R_free                       0.21869 
_refine.ls_R_factor_R_free_error                 ? 
_refine.ls_R_factor_R_free_error_details         ? 
_refine.ls_R_factor_R_work                       0.20219 
_refine.ls_R_Fsqd_factor_obs                     ? 
_refine.ls_R_I_factor_obs                        ? 
_refine.ls_redundancy_reflns_all                 ? 
_refine.ls_redundancy_reflns_obs                 ? 
_refine.ls_restrained_S_all                      ? 
_refine.ls_restrained_S_obs                      ? 
_refine.ls_shift_over_esd_max                    ? 
_refine.ls_shift_over_esd_mean                   ? 
_refine.ls_structure_factor_coef                 ? 
_refine.ls_weighting_details                     ? 
_refine.ls_weighting_scheme                      ? 
_refine.ls_wR_factor_all                         ? 
_refine.ls_wR_factor_obs                         ? 
_refine.ls_wR_factor_R_free                      ? 
_refine.ls_wR_factor_R_work                      ? 
_refine.occupancy_max                            ? 
_refine.occupancy_min                            ? 
_refine.solvent_model_details                    ? 
_refine.solvent_model_param_bsol                 ? 
_refine.solvent_model_param_ksol                 ? 
_refine.ls_R_factor_gt                           ? 
_refine.ls_goodness_of_fit_gt                    ? 
_refine.ls_goodness_of_fit_ref                   ? 
_refine.ls_shift_over_su_max                     ? 
_refine.ls_shift_over_su_max_lt                  ? 
_refine.ls_shift_over_su_mean                    ? 
_refine.ls_shift_over_su_mean_lt                 ? 
_refine.pdbx_ls_sigma_I                          ? 
_refine.pdbx_ls_sigma_F                          ? 
_refine.pdbx_ls_sigma_Fsqd                       ? 
_refine.pdbx_data_cutoff_high_absF               ? 
_refine.pdbx_data_cutoff_high_rms_absF           ? 
_refine.pdbx_data_cutoff_low_absF                ? 
_refine.pdbx_isotropic_thermal_model             ? 
_refine.pdbx_ls_cross_valid_method               THROUGHOUT 
_refine.pdbx_method_to_determine_struct          'MOLECULAR REPLACEMENT' 
_refine.pdbx_starting_model                      1J5J 
_refine.pdbx_stereochemistry_target_values       ? 
_refine.pdbx_R_Free_selection_details            RANDOM 
_refine.pdbx_stereochem_target_val_spec_case     ? 
_refine.pdbx_overall_ESU_R                       0.306 
_refine.pdbx_overall_ESU_R_Free                  0.186 
_refine.pdbx_solvent_vdw_probe_radii             1.20 
_refine.pdbx_solvent_ion_probe_radii             0.80 
_refine.pdbx_solvent_shrinkage_radii             0.80 
_refine.pdbx_real_space_R                        ? 
_refine.pdbx_density_correlation                 ? 
_refine.pdbx_pd_number_of_powder_patterns        ? 
_refine.pdbx_pd_number_of_points                 ? 
_refine.pdbx_pd_meas_number_of_points            ? 
_refine.pdbx_pd_proc_ls_prof_R_factor            ? 
_refine.pdbx_pd_proc_ls_prof_wR_factor           ? 
_refine.pdbx_pd_Marquardt_correlation_coeff      ? 
_refine.pdbx_pd_Fsqrd_R_factor                   ? 
_refine.pdbx_pd_ls_matrix_band_width             ? 
_refine.pdbx_overall_phase_error                 ? 
_refine.pdbx_overall_SU_R_free_Cruickshank_DPI   ? 
_refine.pdbx_overall_SU_R_free_Blow_DPI          ? 
_refine.pdbx_overall_SU_R_Blow_DPI               ? 
_refine.pdbx_TLS_residual_ADP_flag               ? 
_refine.pdbx_diffrn_id                           1 
_refine.overall_SU_B                             4.303 
_refine.overall_SU_ML                            0.126 
_refine.overall_SU_R_Cruickshank_DPI             ? 
_refine.overall_SU_R_free                        ? 
_refine.overall_FOM_free_R_set                   ? 
_refine.overall_FOM_work_R_set                   ? 
_refine.pdbx_average_fsc_overall                 ? 
_refine.pdbx_average_fsc_work                    ? 
_refine.pdbx_average_fsc_free                    ? 
# 
_refine_hist.pdbx_refine_id                   'X-RAY DIFFRACTION' 
_refine_hist.cycle_id                         1 
_refine_hist.pdbx_number_atoms_protein        1144 
_refine_hist.pdbx_number_atoms_nucleic_acid   0 
_refine_hist.pdbx_number_atoms_ligand         32 
_refine_hist.number_atoms_solvent             43 
_refine_hist.number_atoms_total               1219 
_refine_hist.d_res_high                       1.90 
_refine_hist.d_res_low                        48.07 
# 
loop_
_refine_ls_restr.pdbx_refine_id 
_refine_ls_restr.criterion 
_refine_ls_restr.dev_ideal 
_refine_ls_restr.dev_ideal_target 
_refine_ls_restr.number 
_refine_ls_restr.rejects 
_refine_ls_restr.type 
_refine_ls_restr.weight 
_refine_ls_restr.pdbx_restraint_function 
'X-RAY DIFFRACTION' ? 0.013  0.019  1206 ? r_bond_refined_d             ? ? 
'X-RAY DIFFRACTION' ? 0.001  0.020  1079 ? r_bond_other_d               ? ? 
'X-RAY DIFFRACTION' ? 1.471  1.982  1621 ? r_angle_refined_deg          ? ? 
'X-RAY DIFFRACTION' ? 0.853  3.000  2501 ? r_angle_other_deg            ? ? 
'X-RAY DIFFRACTION' ? 6.501  5.000  150  ? r_dihedral_angle_1_deg       ? ? 
'X-RAY DIFFRACTION' ? 23.695 21.667 48   ? r_dihedral_angle_2_deg       ? ? 
'X-RAY DIFFRACTION' ? 15.177 15.000 197  ? r_dihedral_angle_3_deg       ? ? 
'X-RAY DIFFRACTION' ? 12.348 15.000 12   ? r_dihedral_angle_4_deg       ? ? 
'X-RAY DIFFRACTION' ? 0.092  0.200  167  ? r_chiral_restr               ? ? 
'X-RAY DIFFRACTION' ? 0.011  0.021  1347 ? r_gen_planes_refined         ? ? 
'X-RAY DIFFRACTION' ? 0.002  0.020  289  ? r_gen_planes_other           ? ? 
'X-RAY DIFFRACTION' ? ?      ?      ?    ? r_nbd_refined                ? ? 
'X-RAY DIFFRACTION' ? ?      ?      ?    ? r_nbd_other                  ? ? 
'X-RAY DIFFRACTION' ? ?      ?      ?    ? r_nbtor_refined              ? ? 
'X-RAY DIFFRACTION' ? ?      ?      ?    ? r_nbtor_other                ? ? 
'X-RAY DIFFRACTION' ? ?      ?      ?    ? r_xyhbond_nbd_refined        ? ? 
'X-RAY DIFFRACTION' ? ?      ?      ?    ? r_xyhbond_nbd_other          ? ? 
'X-RAY DIFFRACTION' ? ?      ?      ?    ? r_metal_ion_refined          ? ? 
'X-RAY DIFFRACTION' ? ?      ?      ?    ? r_metal_ion_other            ? ? 
'X-RAY DIFFRACTION' ? ?      ?      ?    ? r_symmetry_vdw_refined       ? ? 
'X-RAY DIFFRACTION' ? ?      ?      ?    ? r_symmetry_vdw_other         ? ? 
'X-RAY DIFFRACTION' ? ?      ?      ?    ? r_symmetry_hbond_refined     ? ? 
'X-RAY DIFFRACTION' ? ?      ?      ?    ? r_symmetry_hbond_other       ? ? 
'X-RAY DIFFRACTION' ? ?      ?      ?    ? r_symmetry_metal_ion_refined ? ? 
'X-RAY DIFFRACTION' ? ?      ?      ?    ? r_symmetry_metal_ion_other   ? ? 
'X-RAY DIFFRACTION' ? 1.434  1.386  605  ? r_mcbond_it                  ? ? 
'X-RAY DIFFRACTION' ? 1.432  1.385  604  ? r_mcbond_other               ? ? 
'X-RAY DIFFRACTION' ? 2.272  3.099  751  ? r_mcangle_it                 ? ? 
'X-RAY DIFFRACTION' ? 2.271  3.101  752  ? r_mcangle_other              ? ? 
'X-RAY DIFFRACTION' ? 2.102  1.660  600  ? r_scbond_it                  ? ? 
'X-RAY DIFFRACTION' ? 2.101  1.660  600  ? r_scbond_other               ? ? 
'X-RAY DIFFRACTION' ? ?      ?      ?    ? r_scangle_it                 ? ? 
'X-RAY DIFFRACTION' ? 3.452  3.593  870  ? r_scangle_other              ? ? 
'X-RAY DIFFRACTION' ? 5.197  25.414 1259 ? r_long_range_B_refined       ? ? 
'X-RAY DIFFRACTION' ? 5.197  25.409 1259 ? r_long_range_B_other         ? ? 
'X-RAY DIFFRACTION' ? ?      ?      ?    ? r_rigid_bond_restr           ? ? 
'X-RAY DIFFRACTION' ? ?      ?      ?    ? r_sphericity_free            ? ? 
'X-RAY DIFFRACTION' ? ?      ?      ?    ? r_sphericity_bonded          ? ? 
# 
loop_
_refine_ls_restr_ncs.pdbx_refine_id 
_refine_ls_restr_ncs.dom_id 
_refine_ls_restr_ncs.pdbx_ens_id 
_refine_ls_restr_ncs.pdbx_ordinal 
_refine_ls_restr_ncs.ncs_model_details 
_refine_ls_restr_ncs.rms_dev_position 
_refine_ls_restr_ncs.weight_position 
_refine_ls_restr_ncs.rms_dev_B_iso 
_refine_ls_restr_ncs.weight_B_iso 
_refine_ls_restr_ncs.pdbx_auth_asym_id 
_refine_ls_restr_ncs.pdbx_number 
_refine_ls_restr_ncs.pdbx_type 
_refine_ls_restr_ncs.pdbx_asym_id 
_refine_ls_restr_ncs.pdbx_rms 
_refine_ls_restr_ncs.pdbx_weight 
'X-RAY DIFFRACTION' 1 1 1  ? 0.11 0.05 ? ? A 2154 'interatomic distance' ? ? ? 
'X-RAY DIFFRACTION' 2 1 2  ? 0.11 0.05 ? ? B 2154 'interatomic distance' ? ? ? 
'X-RAY DIFFRACTION' 1 2 3  ? 0.13 0.05 ? ? A 2100 'interatomic distance' ? ? ? 
'X-RAY DIFFRACTION' 2 2 4  ? 0.13 0.05 ? ? C 2100 'interatomic distance' ? ? ? 
'X-RAY DIFFRACTION' 1 3 5  ? 0.09 0.05 ? ? A 2154 'interatomic distance' ? ? ? 
'X-RAY DIFFRACTION' 2 3 6  ? 0.09 0.05 ? ? D 2154 'interatomic distance' ? ? ? 
'X-RAY DIFFRACTION' 1 4 7  ? 0.11 0.05 ? ? B 2170 'interatomic distance' ? ? ? 
'X-RAY DIFFRACTION' 2 4 8  ? 0.11 0.05 ? ? C 2170 'interatomic distance' ? ? ? 
'X-RAY DIFFRACTION' 1 5 9  ? 0.09 0.05 ? ? B 2188 'interatomic distance' ? ? ? 
'X-RAY DIFFRACTION' 2 5 10 ? 0.09 0.05 ? ? D 2188 'interatomic distance' ? ? ? 
'X-RAY DIFFRACTION' 1 6 11 ? 0.11 0.05 ? ? C 2136 'interatomic distance' ? ? ? 
'X-RAY DIFFRACTION' 2 6 12 ? 0.11 0.05 ? ? D 2136 'interatomic distance' ? ? ? 
# 
_refine_ls_shell.pdbx_refine_id                   'X-RAY DIFFRACTION' 
_refine_ls_shell.d_res_high                       1.904 
_refine_ls_shell.d_res_low                        1.954 
_refine_ls_shell.number_reflns_all                ? 
_refine_ls_shell.number_reflns_obs                ? 
_refine_ls_shell.number_reflns_R_free             6 
_refine_ls_shell.number_reflns_R_work             121 
_refine_ls_shell.percent_reflns_obs               18.54 
_refine_ls_shell.percent_reflns_R_free            ? 
_refine_ls_shell.R_factor_all                     ? 
_refine_ls_shell.R_factor_obs                     ? 
_refine_ls_shell.R_factor_R_free                  0.360 
_refine_ls_shell.R_factor_R_free_error            ? 
_refine_ls_shell.R_factor_R_work                  0.235 
_refine_ls_shell.redundancy_reflns_all            ? 
_refine_ls_shell.redundancy_reflns_obs            ? 
_refine_ls_shell.wR_factor_all                    ? 
_refine_ls_shell.wR_factor_obs                    ? 
_refine_ls_shell.wR_factor_R_free                 ? 
_refine_ls_shell.wR_factor_R_work                 ? 
_refine_ls_shell.pdbx_total_number_of_bins_used   20 
_refine_ls_shell.pdbx_phase_error                 ? 
_refine_ls_shell.pdbx_fsc_work                    ? 
_refine_ls_shell.pdbx_fsc_free                    ? 
# 
loop_
_struct_ncs_dom.id 
_struct_ncs_dom.details 
_struct_ncs_dom.pdbx_ens_id 
1 A 1 
2 B 1 
1 A 2 
2 C 2 
1 A 3 
2 D 3 
1 B 4 
2 C 4 
1 B 5 
2 D 5 
1 C 6 
2 D 6 
# 
loop_
_struct_ncs_dom_lim.pdbx_ens_id 
_struct_ncs_dom_lim.dom_id 
_struct_ncs_dom_lim.pdbx_component_id 
_struct_ncs_dom_lim.beg_label_asym_id 
_struct_ncs_dom_lim.beg_label_comp_id 
_struct_ncs_dom_lim.beg_label_seq_id 
_struct_ncs_dom_lim.beg_label_alt_id 
_struct_ncs_dom_lim.end_label_asym_id 
_struct_ncs_dom_lim.end_label_comp_id 
_struct_ncs_dom_lim.end_label_seq_id 
_struct_ncs_dom_lim.end_label_alt_id 
_struct_ncs_dom_lim.beg_auth_asym_id 
_struct_ncs_dom_lim.beg_auth_comp_id 
_struct_ncs_dom_lim.beg_auth_seq_id 
_struct_ncs_dom_lim.end_auth_asym_id 
_struct_ncs_dom_lim.end_auth_comp_id 
_struct_ncs_dom_lim.end_auth_seq_id 
_struct_ncs_dom_lim.pdbx_refine_code 
_struct_ncs_dom_lim.selection_details 
1 1 0 A GLY 1 . A PHE 38 . A GLY -1 A PHE 36 0 ? 
1 2 0 B GLY 1 . B PHE 38 . B GLY -1 B PHE 36 0 ? 
2 1 0 A GLY 1 . A PHE 38 . A GLY -1 A PHE 36 0 ? 
2 2 0 C GLY 1 . C PHE 38 . C GLY -1 C PHE 36 0 ? 
3 1 0 A GLY 1 . A PHE 38 . A GLY -1 A PHE 36 0 ? 
3 2 0 D GLY 1 . D PHE 38 . D GLY -1 D PHE 36 0 ? 
4 1 0 B GLY 1 . B PHE 38 . B GLY -1 B PHE 36 0 ? 
4 2 0 C GLY 1 . C PHE 38 . C GLY -1 C PHE 36 0 ? 
5 1 0 B GLY 1 . B PHE 38 . B GLY -1 B PHE 36 0 ? 
5 2 0 D GLY 1 . D PHE 38 . D GLY -1 D PHE 36 0 ? 
6 1 0 C GLY 1 . C PHE 38 . C GLY -1 C PHE 36 0 ? 
6 2 0 D GLY 1 . D PHE 38 . D GLY -1 D PHE 36 0 ? 
# 
loop_
_struct_ncs_ens.id 
_struct_ncs_ens.details 
1 ? 
2 ? 
3 ? 
4 ? 
5 ? 
6 ? 
# 
_struct.entry_id                     6AU7 
_struct.title                        'Exploring Cystine Dense Peptide Space to Open a Unique Molecular Toolbox' 
_struct.pdbx_model_details           ? 
_struct.pdbx_formula_weight          ? 
_struct.pdbx_formula_weight_method   ? 
_struct.pdbx_model_type_details      ? 
_struct.pdbx_CASP_flag               N 
# 
_struct_keywords.entry_id        6AU7 
_struct_keywords.text            'Knottins, Cystine knot, Toxins, TOXIN' 
_struct_keywords.pdbx_keywords   TOXIN 
# 
loop_
_struct_asym.id 
_struct_asym.pdbx_blank_PDB_chainid_flag 
_struct_asym.pdbx_modified 
_struct_asym.entity_id 
_struct_asym.details 
A N N 1 ? 
B N N 1 ? 
C N N 1 ? 
D N N 1 ? 
E N N 2 ? 
F N N 3 ? 
G N N 3 ? 
H N N 2 ? 
I N N 2 ? 
J N N 2 ? 
K N N 4 ? 
L N N 4 ? 
M N N 4 ? 
N N N 4 ? 
# 
_struct_ref.id                         1 
_struct_ref.db_name                    UNP 
_struct_ref.db_code                    KGX22_MESMA 
_struct_ref.pdbx_db_accession          P59938 
_struct_ref.pdbx_db_isoform            ? 
_struct_ref.entity_id                  1 
_struct_ref.pdbx_seq_one_letter_code   RPTDIKCSASYQCFPVCKSRFGKTNGRCVNGLCDCF 
_struct_ref.pdbx_align_begin           22 
# 
loop_
_struct_ref_seq.align_id 
_struct_ref_seq.ref_id 
_struct_ref_seq.pdbx_PDB_id_code 
_struct_ref_seq.pdbx_strand_id 
_struct_ref_seq.seq_align_beg 
_struct_ref_seq.pdbx_seq_align_beg_ins_code 
_struct_ref_seq.seq_align_end 
_struct_ref_seq.pdbx_seq_align_end_ins_code 
_struct_ref_seq.pdbx_db_accession 
_struct_ref_seq.db_align_beg 
_struct_ref_seq.pdbx_db_align_beg_ins_code 
_struct_ref_seq.db_align_end 
_struct_ref_seq.pdbx_db_align_end_ins_code 
_struct_ref_seq.pdbx_auth_seq_align_beg 
_struct_ref_seq.pdbx_auth_seq_align_end 
1 1 6AU7 A 3 ? 38 ? P59938 22 ? 57 ? 1 36 
2 1 6AU7 B 3 ? 38 ? P59938 22 ? 57 ? 1 36 
3 1 6AU7 C 3 ? 38 ? P59938 22 ? 57 ? 1 36 
4 1 6AU7 D 3 ? 38 ? P59938 22 ? 57 ? 1 36 
# 
loop_
_struct_ref_seq_dif.align_id 
_struct_ref_seq_dif.pdbx_pdb_id_code 
_struct_ref_seq_dif.mon_id 
_struct_ref_seq_dif.pdbx_pdb_strand_id 
_struct_ref_seq_dif.seq_num 
_struct_ref_seq_dif.pdbx_pdb_ins_code 
_struct_ref_seq_dif.pdbx_seq_db_name 
_struct_ref_seq_dif.pdbx_seq_db_accession_code 
_struct_ref_seq_dif.db_mon_id 
_struct_ref_seq_dif.pdbx_seq_db_seq_num 
_struct_ref_seq_dif.details 
_struct_ref_seq_dif.pdbx_auth_seq_num 
_struct_ref_seq_dif.pdbx_ordinal 
1 6AU7 GLY A 1 ? UNP P59938 ? ? 'expression tag' -1 1 
1 6AU7 SER A 2 ? UNP P59938 ? ? 'expression tag' 0  2 
2 6AU7 GLY B 1 ? UNP P59938 ? ? 'expression tag' -1 3 
2 6AU7 SER B 2 ? UNP P59938 ? ? 'expression tag' 0  4 
3 6AU7 GLY C 1 ? UNP P59938 ? ? 'expression tag' -1 5 
3 6AU7 SER C 2 ? UNP P59938 ? ? 'expression tag' 0  6 
4 6AU7 GLY D 1 ? UNP P59938 ? ? 'expression tag' -1 7 
4 6AU7 SER D 2 ? UNP P59938 ? ? 'expression tag' 0  8 
# 
loop_
_pdbx_struct_assembly.id 
_pdbx_struct_assembly.details 
_pdbx_struct_assembly.method_details 
_pdbx_struct_assembly.oligomeric_details 
_pdbx_struct_assembly.oligomeric_count 
1 author_and_software_defined_assembly PISA tetrameric 4 
2 software_defined_assembly            PISA octameric  8 
# 
loop_
_pdbx_struct_assembly_prop.biol_id 
_pdbx_struct_assembly_prop.type 
_pdbx_struct_assembly_prop.value 
_pdbx_struct_assembly_prop.details 
1 'ABSA (A^2)' 4060  ? 
1 MORE         -61   ? 
1 'SSA (A^2)'  7530  ? 
2 'ABSA (A^2)' 10320 ? 
2 MORE         -169  ? 
2 'SSA (A^2)'  13230 ? 
# 
loop_
_pdbx_struct_assembly_gen.assembly_id 
_pdbx_struct_assembly_gen.oper_expression 
_pdbx_struct_assembly_gen.asym_id_list 
1 1   A,B,C,D,E,F,G,H,I,J,K,L,M,N 
2 1,2 A,B,C,D,E,F,G,H,I,J,K,L,M,N 
# 
_pdbx_struct_assembly_auth_evidence.id                     1 
_pdbx_struct_assembly_auth_evidence.assembly_id            1 
_pdbx_struct_assembly_auth_evidence.experimental_support   none 
_pdbx_struct_assembly_auth_evidence.details                ? 
# 
loop_
_pdbx_struct_oper_list.id 
_pdbx_struct_oper_list.type 
_pdbx_struct_oper_list.name 
_pdbx_struct_oper_list.symmetry_operation 
_pdbx_struct_oper_list.matrix[1][1] 
_pdbx_struct_oper_list.matrix[1][2] 
_pdbx_struct_oper_list.matrix[1][3] 
_pdbx_struct_oper_list.vector[1] 
_pdbx_struct_oper_list.matrix[2][1] 
_pdbx_struct_oper_list.matrix[2][2] 
_pdbx_struct_oper_list.matrix[2][3] 
_pdbx_struct_oper_list.vector[2] 
_pdbx_struct_oper_list.matrix[3][1] 
_pdbx_struct_oper_list.matrix[3][2] 
_pdbx_struct_oper_list.matrix[3][3] 
_pdbx_struct_oper_list.vector[3] 
1 'identity operation'         1_555 x,y,z   1.0000000000 0.0000000000 0.0000000000 0.0000000000  0.0000000000 1.0000000000  0.0000000000 0.0000000000  0.0000000000 0.0000000000 1.0000000000  0.0000000000  
2 'crystal symmetry operation' 2_555 -x,y,-z 0.5714818320 0.0739223195 0.8172784143 -8.5779866448 0.0739223195 -0.9965227028 0.0384446800 17.6067702343 0.8172784143 0.0384446800 -0.5749591291 14.9014297444 
# 
loop_
_struct_conf.conf_type_id 
_struct_conf.id 
_struct_conf.pdbx_PDB_helix_id 
_struct_conf.beg_label_comp_id 
_struct_conf.beg_label_asym_id 
_struct_conf.beg_label_seq_id 
_struct_conf.pdbx_beg_PDB_ins_code 
_struct_conf.end_label_comp_id 
_struct_conf.end_label_asym_id 
_struct_conf.end_label_seq_id 
_struct_conf.pdbx_end_PDB_ins_code 
_struct_conf.beg_auth_comp_id 
_struct_conf.beg_auth_asym_id 
_struct_conf.beg_auth_seq_id 
_struct_conf.end_auth_comp_id 
_struct_conf.end_auth_asym_id 
_struct_conf.end_auth_seq_id 
_struct_conf.pdbx_PDB_helix_class 
_struct_conf.details 
_struct_conf.pdbx_PDB_helix_length 
HELX_P HELX_P1 AA1 ALA A 11 ? TYR A 13 ? ALA A 9  TYR A 11 5 ? 3  
HELX_P HELX_P2 AA2 GLN A 14 ? GLY A 24 ? GLN A 12 GLY A 22 1 ? 11 
HELX_P HELX_P3 AA3 ALA B 11 ? TYR B 13 ? ALA B 9  TYR B 11 5 ? 3  
HELX_P HELX_P4 AA4 GLN B 14 ? GLY B 24 ? GLN B 12 GLY B 22 1 ? 11 
HELX_P HELX_P5 AA5 ALA C 11 ? TYR C 13 ? ALA C 9  TYR C 11 5 ? 3  
HELX_P HELX_P6 AA6 GLN C 14 ? GLY C 24 ? GLN C 12 GLY C 22 1 ? 11 
HELX_P HELX_P7 AA7 ALA D 11 ? TYR D 13 ? ALA D 9  TYR D 11 5 ? 3  
HELX_P HELX_P8 AA8 GLN D 14 ? GLY D 24 ? GLN D 12 GLY D 22 1 ? 11 
# 
_struct_conf_type.id          HELX_P 
_struct_conf_type.criteria    ? 
_struct_conf_type.reference   ? 
# 
loop_
_struct_conn.id 
_struct_conn.conn_type_id 
_struct_conn.pdbx_leaving_atom_flag 
_struct_conn.pdbx_PDB_id 
_struct_conn.ptnr1_label_asym_id 
_struct_conn.ptnr1_label_comp_id 
_struct_conn.ptnr1_label_seq_id 
_struct_conn.ptnr1_label_atom_id 
_struct_conn.pdbx_ptnr1_label_alt_id 
_struct_conn.pdbx_ptnr1_PDB_ins_code 
_struct_conn.pdbx_ptnr1_standard_comp_id 
_struct_conn.ptnr1_symmetry 
_struct_conn.ptnr2_label_asym_id 
_struct_conn.ptnr2_label_comp_id 
_struct_conn.ptnr2_label_seq_id 
_struct_conn.ptnr2_label_atom_id 
_struct_conn.pdbx_ptnr2_label_alt_id 
_struct_conn.pdbx_ptnr2_PDB_ins_code 
_struct_conn.ptnr1_auth_asym_id 
_struct_conn.ptnr1_auth_comp_id 
_struct_conn.ptnr1_auth_seq_id 
_struct_conn.ptnr2_auth_asym_id 
_struct_conn.ptnr2_auth_comp_id 
_struct_conn.ptnr2_auth_seq_id 
_struct_conn.ptnr2_symmetry 
_struct_conn.pdbx_ptnr3_label_atom_id 
_struct_conn.pdbx_ptnr3_label_seq_id 
_struct_conn.pdbx_ptnr3_label_comp_id 
_struct_conn.pdbx_ptnr3_label_asym_id 
_struct_conn.pdbx_ptnr3_label_alt_id 
_struct_conn.pdbx_ptnr3_PDB_ins_code 
_struct_conn.details 
_struct_conn.pdbx_dist_value 
_struct_conn.pdbx_value_order 
_struct_conn.pdbx_role 
disulf1  disulf ? ? A CYS 9  SG ? ? ? 1_555 A CYS 30 SG ? ? A CYS 7  A CYS 28 1_555 ? ? ? ? ? ? ? 2.013 ? ? 
disulf2  disulf ? ? A CYS 15 SG ? ? ? 1_555 A CYS 35 SG ? ? A CYS 13 A CYS 33 1_555 ? ? ? ? ? ? ? 2.051 ? ? 
disulf3  disulf ? ? A CYS 19 SG ? ? ? 1_555 A CYS 37 SG ? ? A CYS 17 A CYS 35 1_555 ? ? ? ? ? ? ? 2.002 ? ? 
disulf4  disulf ? ? B CYS 9  SG ? ? ? 1_555 B CYS 30 SG ? ? B CYS 7  B CYS 28 1_555 ? ? ? ? ? ? ? 2.007 ? ? 
disulf5  disulf ? ? B CYS 15 SG ? ? ? 1_555 B CYS 35 SG ? ? B CYS 13 B CYS 33 1_555 ? ? ? ? ? ? ? 2.056 ? ? 
disulf6  disulf ? ? B CYS 19 SG ? ? ? 1_555 B CYS 37 SG ? ? B CYS 17 B CYS 35 1_555 ? ? ? ? ? ? ? 2.003 ? ? 
disulf7  disulf ? ? C CYS 9  SG ? ? ? 1_555 C CYS 30 SG ? ? C CYS 7  C CYS 28 1_555 ? ? ? ? ? ? ? 2.054 ? ? 
disulf8  disulf ? ? C CYS 15 SG ? ? ? 1_555 C CYS 35 SG ? ? C CYS 13 C CYS 33 1_555 ? ? ? ? ? ? ? 2.043 ? ? 
disulf9  disulf ? ? C CYS 19 SG ? ? ? 1_555 C CYS 37 SG ? ? C CYS 17 C CYS 35 1_555 ? ? ? ? ? ? ? 2.031 ? ? 
disulf10 disulf ? ? D CYS 9  SG ? ? ? 1_555 D CYS 30 SG ? ? D CYS 7  D CYS 28 1_555 ? ? ? ? ? ? ? 1.997 ? ? 
disulf11 disulf ? ? D CYS 15 SG ? ? ? 1_555 D CYS 35 SG ? ? D CYS 13 D CYS 33 1_555 ? ? ? ? ? ? ? 2.038 ? ? 
disulf12 disulf ? ? D CYS 19 SG ? ? ? 1_555 D CYS 37 SG ? ? D CYS 17 D CYS 35 1_555 ? ? ? ? ? ? ? 2.050 ? ? 
# 
_struct_conn_type.id          disulf 
_struct_conn_type.criteria    ? 
_struct_conn_type.reference   ? 
# 
loop_
_pdbx_modification_feature.ordinal 
_pdbx_modification_feature.label_comp_id 
_pdbx_modification_feature.label_asym_id 
_pdbx_modification_feature.label_seq_id 
_pdbx_modification_feature.label_alt_id 
_pdbx_modification_feature.modified_residue_label_comp_id 
_pdbx_modification_feature.modified_residue_label_asym_id 
_pdbx_modification_feature.modified_residue_label_seq_id 
_pdbx_modification_feature.modified_residue_label_alt_id 
_pdbx_modification_feature.auth_comp_id 
_pdbx_modification_feature.auth_asym_id 
_pdbx_modification_feature.auth_seq_id 
_pdbx_modification_feature.PDB_ins_code 
_pdbx_modification_feature.symmetry 
_pdbx_modification_feature.modified_residue_auth_comp_id 
_pdbx_modification_feature.modified_residue_auth_asym_id 
_pdbx_modification_feature.modified_residue_auth_seq_id 
_pdbx_modification_feature.modified_residue_PDB_ins_code 
_pdbx_modification_feature.modified_residue_symmetry 
_pdbx_modification_feature.comp_id_linking_atom 
_pdbx_modification_feature.modified_residue_id_linking_atom 
_pdbx_modification_feature.modified_residue_id 
_pdbx_modification_feature.ref_pcm_id 
_pdbx_modification_feature.ref_comp_id 
_pdbx_modification_feature.type 
_pdbx_modification_feature.category 
1  CYS A 9  ? CYS A 30 ? CYS A 7  ? 1_555 CYS A 28 ? 1_555 SG SG . . . None 'Disulfide bridge' 
2  CYS A 15 ? CYS A 35 ? CYS A 13 ? 1_555 CYS A 33 ? 1_555 SG SG . . . None 'Disulfide bridge' 
3  CYS A 19 ? CYS A 37 ? CYS A 17 ? 1_555 CYS A 35 ? 1_555 SG SG . . . None 'Disulfide bridge' 
4  CYS B 9  ? CYS B 30 ? CYS B 7  ? 1_555 CYS B 28 ? 1_555 SG SG . . . None 'Disulfide bridge' 
5  CYS B 15 ? CYS B 35 ? CYS B 13 ? 1_555 CYS B 33 ? 1_555 SG SG . . . None 'Disulfide bridge' 
6  CYS B 19 ? CYS B 37 ? CYS B 17 ? 1_555 CYS B 35 ? 1_555 SG SG . . . None 'Disulfide bridge' 
7  CYS C 9  ? CYS C 30 ? CYS C 7  ? 1_555 CYS C 28 ? 1_555 SG SG . . . None 'Disulfide bridge' 
8  CYS C 15 ? CYS C 35 ? CYS C 13 ? 1_555 CYS C 33 ? 1_555 SG SG . . . None 'Disulfide bridge' 
9  CYS C 19 ? CYS C 37 ? CYS C 17 ? 1_555 CYS C 35 ? 1_555 SG SG . . . None 'Disulfide bridge' 
10 CYS D 9  ? CYS D 30 ? CYS D 7  ? 1_555 CYS D 28 ? 1_555 SG SG . . . None 'Disulfide bridge' 
11 CYS D 15 ? CYS D 35 ? CYS D 13 ? 1_555 CYS D 33 ? 1_555 SG SG . . . None 'Disulfide bridge' 
12 CYS D 19 ? CYS D 37 ? CYS D 17 ? 1_555 CYS D 35 ? 1_555 SG SG . . . None 'Disulfide bridge' 
# 
loop_
_struct_sheet.id 
_struct_sheet.type 
_struct_sheet.number_strands 
_struct_sheet.details 
AA1 ? 3 ? 
AA2 ? 3 ? 
AA3 ? 3 ? 
AA4 ? 3 ? 
# 
loop_
_struct_sheet_order.sheet_id 
_struct_sheet_order.range_id_1 
_struct_sheet_order.range_id_2 
_struct_sheet_order.offset 
_struct_sheet_order.sense 
AA1 1 2 ? anti-parallel 
AA1 2 3 ? anti-parallel 
AA2 1 2 ? anti-parallel 
AA2 2 3 ? anti-parallel 
AA3 1 2 ? anti-parallel 
AA3 2 3 ? anti-parallel 
AA4 1 2 ? anti-parallel 
AA4 2 3 ? anti-parallel 
# 
loop_
_struct_sheet_range.sheet_id 
_struct_sheet_range.id 
_struct_sheet_range.beg_label_comp_id 
_struct_sheet_range.beg_label_asym_id 
_struct_sheet_range.beg_label_seq_id 
_struct_sheet_range.pdbx_beg_PDB_ins_code 
_struct_sheet_range.end_label_comp_id 
_struct_sheet_range.end_label_asym_id 
_struct_sheet_range.end_label_seq_id 
_struct_sheet_range.pdbx_end_PDB_ins_code 
_struct_sheet_range.beg_auth_comp_id 
_struct_sheet_range.beg_auth_asym_id 
_struct_sheet_range.beg_auth_seq_id 
_struct_sheet_range.end_auth_comp_id 
_struct_sheet_range.end_auth_asym_id 
_struct_sheet_range.end_auth_seq_id 
AA1 1 ARG A 3  ? LYS A 8  ? ARG A 1  LYS A 6  
AA1 2 LEU A 34 ? PHE A 38 ? LEU A 32 PHE A 36 
AA1 3 ASN A 27 ? VAL A 31 ? ASN A 25 VAL A 29 
AA2 1 ARG B 3  ? LYS B 8  ? ARG B 1  LYS B 6  
AA2 2 LEU B 34 ? PHE B 38 ? LEU B 32 PHE B 36 
AA2 3 ASN B 27 ? VAL B 31 ? ASN B 25 VAL B 29 
AA3 1 ARG C 3  ? LYS C 8  ? ARG C 1  LYS C 6  
AA3 2 LEU C 34 ? PHE C 38 ? LEU C 32 PHE C 36 
AA3 3 ASN C 27 ? VAL C 31 ? ASN C 25 VAL C 29 
AA4 1 ARG D 3  ? LYS D 8  ? ARG D 1  LYS D 6  
AA4 2 LEU D 34 ? PHE D 38 ? LEU D 32 PHE D 36 
AA4 3 ASN D 27 ? VAL D 31 ? ASN D 25 VAL D 29 
# 
loop_
_pdbx_struct_sheet_hbond.sheet_id 
_pdbx_struct_sheet_hbond.range_id_1 
_pdbx_struct_sheet_hbond.range_id_2 
_pdbx_struct_sheet_hbond.range_1_label_atom_id 
_pdbx_struct_sheet_hbond.range_1_label_comp_id 
_pdbx_struct_sheet_hbond.range_1_label_asym_id 
_pdbx_struct_sheet_hbond.range_1_label_seq_id 
_pdbx_struct_sheet_hbond.range_1_PDB_ins_code 
_pdbx_struct_sheet_hbond.range_1_auth_atom_id 
_pdbx_struct_sheet_hbond.range_1_auth_comp_id 
_pdbx_struct_sheet_hbond.range_1_auth_asym_id 
_pdbx_struct_sheet_hbond.range_1_auth_seq_id 
_pdbx_struct_sheet_hbond.range_2_label_atom_id 
_pdbx_struct_sheet_hbond.range_2_label_comp_id 
_pdbx_struct_sheet_hbond.range_2_label_asym_id 
_pdbx_struct_sheet_hbond.range_2_label_seq_id 
_pdbx_struct_sheet_hbond.range_2_PDB_ins_code 
_pdbx_struct_sheet_hbond.range_2_auth_atom_id 
_pdbx_struct_sheet_hbond.range_2_auth_comp_id 
_pdbx_struct_sheet_hbond.range_2_auth_asym_id 
_pdbx_struct_sheet_hbond.range_2_auth_seq_id 
AA1 1 2 N ARG A 3  ? N ARG A 1  O CYS A 37 ? O CYS A 35 
AA1 2 3 O LEU A 34 ? O LEU A 32 N VAL A 31 ? N VAL A 29 
AA2 1 2 N ARG B 3  ? N ARG B 1  O CYS B 37 ? O CYS B 35 
AA2 2 3 O LEU B 34 ? O LEU B 32 N VAL B 31 ? N VAL B 29 
AA3 1 2 N ARG C 3  ? N ARG C 1  O CYS C 37 ? O CYS C 35 
AA3 2 3 O LEU C 34 ? O LEU C 32 N VAL C 31 ? N VAL C 29 
AA4 1 2 N ARG D 3  ? N ARG D 1  O CYS D 37 ? O CYS D 35 
AA4 2 3 O LEU D 34 ? O LEU D 32 N VAL D 31 ? N VAL D 29 
# 
loop_
_struct_site.id 
_struct_site.pdbx_evidence_code 
_struct_site.pdbx_auth_asym_id 
_struct_site.pdbx_auth_comp_id 
_struct_site.pdbx_auth_seq_id 
_struct_site.pdbx_auth_ins_code 
_struct_site.pdbx_num_residues 
_struct_site.details 
AC1 Software A SO4 101 ? 5 'binding site for residue SO4 A 101' 
AC2 Software B GOL 101 ? 7 'binding site for residue GOL B 101' 
AC3 Software B GOL 102 ? 5 'binding site for residue GOL B 102' 
AC4 Software C SO4 101 ? 7 'binding site for residue SO4 C 101' 
AC5 Software D SO4 101 ? 8 'binding site for residue SO4 D 101' 
AC6 Software D SO4 102 ? 6 'binding site for residue SO4 D 102' 
# 
loop_
_struct_site_gen.id 
_struct_site_gen.site_id 
_struct_site_gen.pdbx_num_res 
_struct_site_gen.label_comp_id 
_struct_site_gen.label_asym_id 
_struct_site_gen.label_seq_id 
_struct_site_gen.pdbx_auth_ins_code 
_struct_site_gen.auth_comp_id 
_struct_site_gen.auth_asym_id 
_struct_site_gen.auth_seq_id 
_struct_site_gen.label_atom_id 
_struct_site_gen.label_alt_id 
_struct_site_gen.symmetry 
_struct_site_gen.details 
1  AC1 5 ALA A 11 ? ALA A 9   . ? 1_555 ? 
2  AC1 5 SER A 12 ? SER A 10  . ? 1_555 ? 
3  AC1 5 ARG A 29 ? ARG A 27  . ? 1_555 ? 
4  AC1 5 ASP B 6  ? ASP B 4   . ? 3_545 ? 
5  AC1 5 LYS D 8  ? LYS D 6   . ? 1_555 ? 
6  AC2 7 LYS A 8  ? LYS A 6   . ? 4_455 ? 
7  AC2 7 LYS B 8  ? LYS B 6   . ? 1_555 ? 
8  AC2 7 HOH L .  ? HOH B 201 . ? 1_555 ? 
9  AC2 7 HOH L .  ? HOH B 209 . ? 1_555 ? 
10 AC2 7 LYS C 8  ? LYS C 6   . ? 2_555 ? 
11 AC2 7 ALA C 11 ? ALA C 9   . ? 1_555 ? 
12 AC2 7 SER C 12 ? SER C 10  . ? 1_555 ? 
13 AC3 5 ASP A 6  ? ASP A 4   . ? 1_555 ? 
14 AC3 5 ILE A 7  ? ILE A 5   . ? 1_555 ? 
15 AC3 5 LYS A 8  ? LYS A 6   . ? 1_555 ? 
16 AC3 5 SER B 12 ? SER B 10  . ? 1_555 ? 
17 AC3 5 ARG B 29 ? ARG B 27  . ? 1_555 ? 
18 AC4 7 GLN C 14 ? GLN C 12  . ? 2_555 ? 
19 AC4 7 GLN C 14 ? GLN C 12  . ? 1_555 ? 
20 AC4 7 HOH M .  ? HOH C 201 . ? 1_555 ? 
21 AC4 7 SER D 10 ? SER D 8   . ? 2_555 ? 
22 AC4 7 TYR D 13 ? TYR D 11  . ? 1_555 ? 
23 AC4 7 TYR D 13 ? TYR D 11  . ? 2_555 ? 
24 AC4 7 GLN D 14 ? GLN D 12  . ? 2_555 ? 
25 AC5 8 ASP A 6  ? ASP A 4   . ? 3_555 ? 
26 AC5 8 LYS C 8  ? LYS C 6   . ? 1_555 ? 
27 AC5 8 HOH M .  ? HOH C 204 . ? 1_555 ? 
28 AC5 8 HOH M .  ? HOH C 210 . ? 2_555 ? 
29 AC5 8 ALA D 11 ? ALA D 9   . ? 1_555 ? 
30 AC5 8 SER D 12 ? SER D 10  . ? 1_555 ? 
31 AC5 8 ARG D 29 ? ARG D 27  . ? 1_555 ? 
32 AC5 8 HOH N .  ? HOH D 203 . ? 1_555 ? 
33 AC6 6 HOH K .  ? HOH A 206 . ? 1_555 ? 
34 AC6 6 ARG B 3  ? ARG B 1   . ? 3_545 ? 
35 AC6 6 ARG B 22 ? ARG B 20  . ? 3_545 ? 
36 AC6 6 PHE B 23 ? PHE B 21  . ? 3_545 ? 
37 AC6 6 ASP D 6  ? ASP D 4   . ? 1_555 ? 
38 AC6 6 ARG D 22 ? ARG D 20  . ? 1_555 ? 
# 
_pdbx_entry_details.entry_id                   6AU7 
_pdbx_entry_details.compound_details           ? 
_pdbx_entry_details.source_details             ? 
_pdbx_entry_details.nonpolymer_details         ? 
_pdbx_entry_details.sequence_details           ? 
_pdbx_entry_details.has_ligand_of_interest     ? 
_pdbx_entry_details.has_protein_modification   Y 
# 
_pdbx_validate_symm_contact.id                1 
_pdbx_validate_symm_contact.PDB_model_num     1 
_pdbx_validate_symm_contact.auth_atom_id_1    CE1 
_pdbx_validate_symm_contact.auth_asym_id_1    A 
_pdbx_validate_symm_contact.auth_comp_id_1    PHE 
_pdbx_validate_symm_contact.auth_seq_id_1     36 
_pdbx_validate_symm_contact.PDB_ins_code_1    ? 
_pdbx_validate_symm_contact.label_alt_id_1    ? 
_pdbx_validate_symm_contact.site_symmetry_1   1_555 
_pdbx_validate_symm_contact.auth_atom_id_2    NH2 
_pdbx_validate_symm_contact.auth_asym_id_2    B 
_pdbx_validate_symm_contact.auth_comp_id_2    ARG 
_pdbx_validate_symm_contact.auth_seq_id_2     1 
_pdbx_validate_symm_contact.PDB_ins_code_2    ? 
_pdbx_validate_symm_contact.label_alt_id_2    ? 
_pdbx_validate_symm_contact.site_symmetry_2   3_545 
_pdbx_validate_symm_contact.dist              2.18 
# 
_pdbx_struct_special_symmetry.id              1 
_pdbx_struct_special_symmetry.PDB_model_num   1 
_pdbx_struct_special_symmetry.auth_asym_id    A 
_pdbx_struct_special_symmetry.auth_comp_id    HOH 
_pdbx_struct_special_symmetry.auth_seq_id     204 
_pdbx_struct_special_symmetry.PDB_ins_code    ? 
_pdbx_struct_special_symmetry.label_asym_id   K 
_pdbx_struct_special_symmetry.label_comp_id   HOH 
_pdbx_struct_special_symmetry.label_seq_id    . 
# 
loop_
_chem_comp_atom.comp_id 
_chem_comp_atom.atom_id 
_chem_comp_atom.type_symbol 
_chem_comp_atom.pdbx_aromatic_flag 
_chem_comp_atom.pdbx_stereo_config 
_chem_comp_atom.pdbx_ordinal 
ALA N    N N N 1   
ALA CA   C N S 2   
ALA C    C N N 3   
ALA O    O N N 4   
ALA CB   C N N 5   
ALA OXT  O N N 6   
ALA H    H N N 7   
ALA H2   H N N 8   
ALA HA   H N N 9   
ALA HB1  H N N 10  
ALA HB2  H N N 11  
ALA HB3  H N N 12  
ALA HXT  H N N 13  
ARG N    N N N 14  
ARG CA   C N S 15  
ARG C    C N N 16  
ARG O    O N N 17  
ARG CB   C N N 18  
ARG CG   C N N 19  
ARG CD   C N N 20  
ARG NE   N N N 21  
ARG CZ   C N N 22  
ARG NH1  N N N 23  
ARG NH2  N N N 24  
ARG OXT  O N N 25  
ARG H    H N N 26  
ARG H2   H N N 27  
ARG HA   H N N 28  
ARG HB2  H N N 29  
ARG HB3  H N N 30  
ARG HG2  H N N 31  
ARG HG3  H N N 32  
ARG HD2  H N N 33  
ARG HD3  H N N 34  
ARG HE   H N N 35  
ARG HH11 H N N 36  
ARG HH12 H N N 37  
ARG HH21 H N N 38  
ARG HH22 H N N 39  
ARG HXT  H N N 40  
ASN N    N N N 41  
ASN CA   C N S 42  
ASN C    C N N 43  
ASN O    O N N 44  
ASN CB   C N N 45  
ASN CG   C N N 46  
ASN OD1  O N N 47  
ASN ND2  N N N 48  
ASN OXT  O N N 49  
ASN H    H N N 50  
ASN H2   H N N 51  
ASN HA   H N N 52  
ASN HB2  H N N 53  
ASN HB3  H N N 54  
ASN HD21 H N N 55  
ASN HD22 H N N 56  
ASN HXT  H N N 57  
ASP N    N N N 58  
ASP CA   C N S 59  
ASP C    C N N 60  
ASP O    O N N 61  
ASP CB   C N N 62  
ASP CG   C N N 63  
ASP OD1  O N N 64  
ASP OD2  O N N 65  
ASP OXT  O N N 66  
ASP H    H N N 67  
ASP H2   H N N 68  
ASP HA   H N N 69  
ASP HB2  H N N 70  
ASP HB3  H N N 71  
ASP HD2  H N N 72  
ASP HXT  H N N 73  
CYS N    N N N 74  
CYS CA   C N R 75  
CYS C    C N N 76  
CYS O    O N N 77  
CYS CB   C N N 78  
CYS SG   S N N 79  
CYS OXT  O N N 80  
CYS H    H N N 81  
CYS H2   H N N 82  
CYS HA   H N N 83  
CYS HB2  H N N 84  
CYS HB3  H N N 85  
CYS HG   H N N 86  
CYS HXT  H N N 87  
GLN N    N N N 88  
GLN CA   C N S 89  
GLN C    C N N 90  
GLN O    O N N 91  
GLN CB   C N N 92  
GLN CG   C N N 93  
GLN CD   C N N 94  
GLN OE1  O N N 95  
GLN NE2  N N N 96  
GLN OXT  O N N 97  
GLN H    H N N 98  
GLN H2   H N N 99  
GLN HA   H N N 100 
GLN HB2  H N N 101 
GLN HB3  H N N 102 
GLN HG2  H N N 103 
GLN HG3  H N N 104 
GLN HE21 H N N 105 
GLN HE22 H N N 106 
GLN HXT  H N N 107 
GLY N    N N N 108 
GLY CA   C N N 109 
GLY C    C N N 110 
GLY O    O N N 111 
GLY OXT  O N N 112 
GLY H    H N N 113 
GLY H2   H N N 114 
GLY HA2  H N N 115 
GLY HA3  H N N 116 
GLY HXT  H N N 117 
GOL C1   C N N 118 
GOL O1   O N N 119 
GOL C2   C N N 120 
GOL O2   O N N 121 
GOL C3   C N N 122 
GOL O3   O N N 123 
GOL H11  H N N 124 
GOL H12  H N N 125 
GOL HO1  H N N 126 
GOL H2   H N N 127 
GOL HO2  H N N 128 
GOL H31  H N N 129 
GOL H32  H N N 130 
GOL HO3  H N N 131 
HOH O    O N N 132 
HOH H1   H N N 133 
HOH H2   H N N 134 
ILE N    N N N 135 
ILE CA   C N S 136 
ILE C    C N N 137 
ILE O    O N N 138 
ILE CB   C N S 139 
ILE CG1  C N N 140 
ILE CG2  C N N 141 
ILE CD1  C N N 142 
ILE OXT  O N N 143 
ILE H    H N N 144 
ILE H2   H N N 145 
ILE HA   H N N 146 
ILE HB   H N N 147 
ILE HG12 H N N 148 
ILE HG13 H N N 149 
ILE HG21 H N N 150 
ILE HG22 H N N 151 
ILE HG23 H N N 152 
ILE HD11 H N N 153 
ILE HD12 H N N 154 
ILE HD13 H N N 155 
ILE HXT  H N N 156 
LEU N    N N N 157 
LEU CA   C N S 158 
LEU C    C N N 159 
LEU O    O N N 160 
LEU CB   C N N 161 
LEU CG   C N N 162 
LEU CD1  C N N 163 
LEU CD2  C N N 164 
LEU OXT  O N N 165 
LEU H    H N N 166 
LEU H2   H N N 167 
LEU HA   H N N 168 
LEU HB2  H N N 169 
LEU HB3  H N N 170 
LEU HG   H N N 171 
LEU HD11 H N N 172 
LEU HD12 H N N 173 
LEU HD13 H N N 174 
LEU HD21 H N N 175 
LEU HD22 H N N 176 
LEU HD23 H N N 177 
LEU HXT  H N N 178 
LYS N    N N N 179 
LYS CA   C N S 180 
LYS C    C N N 181 
LYS O    O N N 182 
LYS CB   C N N 183 
LYS CG   C N N 184 
LYS CD   C N N 185 
LYS CE   C N N 186 
LYS NZ   N N N 187 
LYS OXT  O N N 188 
LYS H    H N N 189 
LYS H2   H N N 190 
LYS HA   H N N 191 
LYS HB2  H N N 192 
LYS HB3  H N N 193 
LYS HG2  H N N 194 
LYS HG3  H N N 195 
LYS HD2  H N N 196 
LYS HD3  H N N 197 
LYS HE2  H N N 198 
LYS HE3  H N N 199 
LYS HZ1  H N N 200 
LYS HZ2  H N N 201 
LYS HZ3  H N N 202 
LYS HXT  H N N 203 
PHE N    N N N 204 
PHE CA   C N S 205 
PHE C    C N N 206 
PHE O    O N N 207 
PHE CB   C N N 208 
PHE CG   C Y N 209 
PHE CD1  C Y N 210 
PHE CD2  C Y N 211 
PHE CE1  C Y N 212 
PHE CE2  C Y N 213 
PHE CZ   C Y N 214 
PHE OXT  O N N 215 
PHE H    H N N 216 
PHE H2   H N N 217 
PHE HA   H N N 218 
PHE HB2  H N N 219 
PHE HB3  H N N 220 
PHE HD1  H N N 221 
PHE HD2  H N N 222 
PHE HE1  H N N 223 
PHE HE2  H N N 224 
PHE HZ   H N N 225 
PHE HXT  H N N 226 
PRO N    N N N 227 
PRO CA   C N S 228 
PRO C    C N N 229 
PRO O    O N N 230 
PRO CB   C N N 231 
PRO CG   C N N 232 
PRO CD   C N N 233 
PRO OXT  O N N 234 
PRO H    H N N 235 
PRO HA   H N N 236 
PRO HB2  H N N 237 
PRO HB3  H N N 238 
PRO HG2  H N N 239 
PRO HG3  H N N 240 
PRO HD2  H N N 241 
PRO HD3  H N N 242 
PRO HXT  H N N 243 
SER N    N N N 244 
SER CA   C N S 245 
SER C    C N N 246 
SER O    O N N 247 
SER CB   C N N 248 
SER OG   O N N 249 
SER OXT  O N N 250 
SER H    H N N 251 
SER H2   H N N 252 
SER HA   H N N 253 
SER HB2  H N N 254 
SER HB3  H N N 255 
SER HG   H N N 256 
SER HXT  H N N 257 
SO4 S    S N N 258 
SO4 O1   O N N 259 
SO4 O2   O N N 260 
SO4 O3   O N N 261 
SO4 O4   O N N 262 
THR N    N N N 263 
THR CA   C N S 264 
THR C    C N N 265 
THR O    O N N 266 
THR CB   C N R 267 
THR OG1  O N N 268 
THR CG2  C N N 269 
THR OXT  O N N 270 
THR H    H N N 271 
THR H2   H N N 272 
THR HA   H N N 273 
THR HB   H N N 274 
THR HG1  H N N 275 
THR HG21 H N N 276 
THR HG22 H N N 277 
THR HG23 H N N 278 
THR HXT  H N N 279 
TYR N    N N N 280 
TYR CA   C N S 281 
TYR C    C N N 282 
TYR O    O N N 283 
TYR CB   C N N 284 
TYR CG   C Y N 285 
TYR CD1  C Y N 286 
TYR CD2  C Y N 287 
TYR CE1  C Y N 288 
TYR CE2  C Y N 289 
TYR CZ   C Y N 290 
TYR OH   O N N 291 
TYR OXT  O N N 292 
TYR H    H N N 293 
TYR H2   H N N 294 
TYR HA   H N N 295 
TYR HB2  H N N 296 
TYR HB3  H N N 297 
TYR HD1  H N N 298 
TYR HD2  H N N 299 
TYR HE1  H N N 300 
TYR HE2  H N N 301 
TYR HH   H N N 302 
TYR HXT  H N N 303 
VAL N    N N N 304 
VAL CA   C N S 305 
VAL C    C N N 306 
VAL O    O N N 307 
VAL CB   C N N 308 
VAL CG1  C N N 309 
VAL CG2  C N N 310 
VAL OXT  O N N 311 
VAL H    H N N 312 
VAL H2   H N N 313 
VAL HA   H N N 314 
VAL HB   H N N 315 
VAL HG11 H N N 316 
VAL HG12 H N N 317 
VAL HG13 H N N 318 
VAL HG21 H N N 319 
VAL HG22 H N N 320 
VAL HG23 H N N 321 
VAL HXT  H N N 322 
# 
loop_
_chem_comp_bond.comp_id 
_chem_comp_bond.atom_id_1 
_chem_comp_bond.atom_id_2 
_chem_comp_bond.value_order 
_chem_comp_bond.pdbx_aromatic_flag 
_chem_comp_bond.pdbx_stereo_config 
_chem_comp_bond.pdbx_ordinal 
ALA N   CA   sing N N 1   
ALA N   H    sing N N 2   
ALA N   H2   sing N N 3   
ALA CA  C    sing N N 4   
ALA CA  CB   sing N N 5   
ALA CA  HA   sing N N 6   
ALA C   O    doub N N 7   
ALA C   OXT  sing N N 8   
ALA CB  HB1  sing N N 9   
ALA CB  HB2  sing N N 10  
ALA CB  HB3  sing N N 11  
ALA OXT HXT  sing N N 12  
ARG N   CA   sing N N 13  
ARG N   H    sing N N 14  
ARG N   H2   sing N N 15  
ARG CA  C    sing N N 16  
ARG CA  CB   sing N N 17  
ARG CA  HA   sing N N 18  
ARG C   O    doub N N 19  
ARG C   OXT  sing N N 20  
ARG CB  CG   sing N N 21  
ARG CB  HB2  sing N N 22  
ARG CB  HB3  sing N N 23  
ARG CG  CD   sing N N 24  
ARG CG  HG2  sing N N 25  
ARG CG  HG3  sing N N 26  
ARG CD  NE   sing N N 27  
ARG CD  HD2  sing N N 28  
ARG CD  HD3  sing N N 29  
ARG NE  CZ   sing N N 30  
ARG NE  HE   sing N N 31  
ARG CZ  NH1  sing N N 32  
ARG CZ  NH2  doub N N 33  
ARG NH1 HH11 sing N N 34  
ARG NH1 HH12 sing N N 35  
ARG NH2 HH21 sing N N 36  
ARG NH2 HH22 sing N N 37  
ARG OXT HXT  sing N N 38  
ASN N   CA   sing N N 39  
ASN N   H    sing N N 40  
ASN N   H2   sing N N 41  
ASN CA  C    sing N N 42  
ASN CA  CB   sing N N 43  
ASN CA  HA   sing N N 44  
ASN C   O    doub N N 45  
ASN C   OXT  sing N N 46  
ASN CB  CG   sing N N 47  
ASN CB  HB2  sing N N 48  
ASN CB  HB3  sing N N 49  
ASN CG  OD1  doub N N 50  
ASN CG  ND2  sing N N 51  
ASN ND2 HD21 sing N N 52  
ASN ND2 HD22 sing N N 53  
ASN OXT HXT  sing N N 54  
ASP N   CA   sing N N 55  
ASP N   H    sing N N 56  
ASP N   H2   sing N N 57  
ASP CA  C    sing N N 58  
ASP CA  CB   sing N N 59  
ASP CA  HA   sing N N 60  
ASP C   O    doub N N 61  
ASP C   OXT  sing N N 62  
ASP CB  CG   sing N N 63  
ASP CB  HB2  sing N N 64  
ASP CB  HB3  sing N N 65  
ASP CG  OD1  doub N N 66  
ASP CG  OD2  sing N N 67  
ASP OD2 HD2  sing N N 68  
ASP OXT HXT  sing N N 69  
CYS N   CA   sing N N 70  
CYS N   H    sing N N 71  
CYS N   H2   sing N N 72  
CYS CA  C    sing N N 73  
CYS CA  CB   sing N N 74  
CYS CA  HA   sing N N 75  
CYS C   O    doub N N 76  
CYS C   OXT  sing N N 77  
CYS CB  SG   sing N N 78  
CYS CB  HB2  sing N N 79  
CYS CB  HB3  sing N N 80  
CYS SG  HG   sing N N 81  
CYS OXT HXT  sing N N 82  
GLN N   CA   sing N N 83  
GLN N   H    sing N N 84  
GLN N   H2   sing N N 85  
GLN CA  C    sing N N 86  
GLN CA  CB   sing N N 87  
GLN CA  HA   sing N N 88  
GLN C   O    doub N N 89  
GLN C   OXT  sing N N 90  
GLN CB  CG   sing N N 91  
GLN CB  HB2  sing N N 92  
GLN CB  HB3  sing N N 93  
GLN CG  CD   sing N N 94  
GLN CG  HG2  sing N N 95  
GLN CG  HG3  sing N N 96  
GLN CD  OE1  doub N N 97  
GLN CD  NE2  sing N N 98  
GLN NE2 HE21 sing N N 99  
GLN NE2 HE22 sing N N 100 
GLN OXT HXT  sing N N 101 
GLY N   CA   sing N N 102 
GLY N   H    sing N N 103 
GLY N   H2   sing N N 104 
GLY CA  C    sing N N 105 
GLY CA  HA2  sing N N 106 
GLY CA  HA3  sing N N 107 
GLY C   O    doub N N 108 
GLY C   OXT  sing N N 109 
GLY OXT HXT  sing N N 110 
GOL C1  O1   sing N N 111 
GOL C1  C2   sing N N 112 
GOL C1  H11  sing N N 113 
GOL C1  H12  sing N N 114 
GOL O1  HO1  sing N N 115 
GOL C2  O2   sing N N 116 
GOL C2  C3   sing N N 117 
GOL C2  H2   sing N N 118 
GOL O2  HO2  sing N N 119 
GOL C3  O3   sing N N 120 
GOL C3  H31  sing N N 121 
GOL C3  H32  sing N N 122 
GOL O3  HO3  sing N N 123 
HOH O   H1   sing N N 124 
HOH O   H2   sing N N 125 
ILE N   CA   sing N N 126 
ILE N   H    sing N N 127 
ILE N   H2   sing N N 128 
ILE CA  C    sing N N 129 
ILE CA  CB   sing N N 130 
ILE CA  HA   sing N N 131 
ILE C   O    doub N N 132 
ILE C   OXT  sing N N 133 
ILE CB  CG1  sing N N 134 
ILE CB  CG2  sing N N 135 
ILE CB  HB   sing N N 136 
ILE CG1 CD1  sing N N 137 
ILE CG1 HG12 sing N N 138 
ILE CG1 HG13 sing N N 139 
ILE CG2 HG21 sing N N 140 
ILE CG2 HG22 sing N N 141 
ILE CG2 HG23 sing N N 142 
ILE CD1 HD11 sing N N 143 
ILE CD1 HD12 sing N N 144 
ILE CD1 HD13 sing N N 145 
ILE OXT HXT  sing N N 146 
LEU N   CA   sing N N 147 
LEU N   H    sing N N 148 
LEU N   H2   sing N N 149 
LEU CA  C    sing N N 150 
LEU CA  CB   sing N N 151 
LEU CA  HA   sing N N 152 
LEU C   O    doub N N 153 
LEU C   OXT  sing N N 154 
LEU CB  CG   sing N N 155 
LEU CB  HB2  sing N N 156 
LEU CB  HB3  sing N N 157 
LEU CG  CD1  sing N N 158 
LEU CG  CD2  sing N N 159 
LEU CG  HG   sing N N 160 
LEU CD1 HD11 sing N N 161 
LEU CD1 HD12 sing N N 162 
LEU CD1 HD13 sing N N 163 
LEU CD2 HD21 sing N N 164 
LEU CD2 HD22 sing N N 165 
LEU CD2 HD23 sing N N 166 
LEU OXT HXT  sing N N 167 
LYS N   CA   sing N N 168 
LYS N   H    sing N N 169 
LYS N   H2   sing N N 170 
LYS CA  C    sing N N 171 
LYS CA  CB   sing N N 172 
LYS CA  HA   sing N N 173 
LYS C   O    doub N N 174 
LYS C   OXT  sing N N 175 
LYS CB  CG   sing N N 176 
LYS CB  HB2  sing N N 177 
LYS CB  HB3  sing N N 178 
LYS CG  CD   sing N N 179 
LYS CG  HG2  sing N N 180 
LYS CG  HG3  sing N N 181 
LYS CD  CE   sing N N 182 
LYS CD  HD2  sing N N 183 
LYS CD  HD3  sing N N 184 
LYS CE  NZ   sing N N 185 
LYS CE  HE2  sing N N 186 
LYS CE  HE3  sing N N 187 
LYS NZ  HZ1  sing N N 188 
LYS NZ  HZ2  sing N N 189 
LYS NZ  HZ3  sing N N 190 
LYS OXT HXT  sing N N 191 
PHE N   CA   sing N N 192 
PHE N   H    sing N N 193 
PHE N   H2   sing N N 194 
PHE CA  C    sing N N 195 
PHE CA  CB   sing N N 196 
PHE CA  HA   sing N N 197 
PHE C   O    doub N N 198 
PHE C   OXT  sing N N 199 
PHE CB  CG   sing N N 200 
PHE CB  HB2  sing N N 201 
PHE CB  HB3  sing N N 202 
PHE CG  CD1  doub Y N 203 
PHE CG  CD2  sing Y N 204 
PHE CD1 CE1  sing Y N 205 
PHE CD1 HD1  sing N N 206 
PHE CD2 CE2  doub Y N 207 
PHE CD2 HD2  sing N N 208 
PHE CE1 CZ   doub Y N 209 
PHE CE1 HE1  sing N N 210 
PHE CE2 CZ   sing Y N 211 
PHE CE2 HE2  sing N N 212 
PHE CZ  HZ   sing N N 213 
PHE OXT HXT  sing N N 214 
PRO N   CA   sing N N 215 
PRO N   CD   sing N N 216 
PRO N   H    sing N N 217 
PRO CA  C    sing N N 218 
PRO CA  CB   sing N N 219 
PRO CA  HA   sing N N 220 
PRO C   O    doub N N 221 
PRO C   OXT  sing N N 222 
PRO CB  CG   sing N N 223 
PRO CB  HB2  sing N N 224 
PRO CB  HB3  sing N N 225 
PRO CG  CD   sing N N 226 
PRO CG  HG2  sing N N 227 
PRO CG  HG3  sing N N 228 
PRO CD  HD2  sing N N 229 
PRO CD  HD3  sing N N 230 
PRO OXT HXT  sing N N 231 
SER N   CA   sing N N 232 
SER N   H    sing N N 233 
SER N   H2   sing N N 234 
SER CA  C    sing N N 235 
SER CA  CB   sing N N 236 
SER CA  HA   sing N N 237 
SER C   O    doub N N 238 
SER C   OXT  sing N N 239 
SER CB  OG   sing N N 240 
SER CB  HB2  sing N N 241 
SER CB  HB3  sing N N 242 
SER OG  HG   sing N N 243 
SER OXT HXT  sing N N 244 
SO4 S   O1   doub N N 245 
SO4 S   O2   doub N N 246 
SO4 S   O3   sing N N 247 
SO4 S   O4   sing N N 248 
THR N   CA   sing N N 249 
THR N   H    sing N N 250 
THR N   H2   sing N N 251 
THR CA  C    sing N N 252 
THR CA  CB   sing N N 253 
THR CA  HA   sing N N 254 
THR C   O    doub N N 255 
THR C   OXT  sing N N 256 
THR CB  OG1  sing N N 257 
THR CB  CG2  sing N N 258 
THR CB  HB   sing N N 259 
THR OG1 HG1  sing N N 260 
THR CG2 HG21 sing N N 261 
THR CG2 HG22 sing N N 262 
THR CG2 HG23 sing N N 263 
THR OXT HXT  sing N N 264 
TYR N   CA   sing N N 265 
TYR N   H    sing N N 266 
TYR N   H2   sing N N 267 
TYR CA  C    sing N N 268 
TYR CA  CB   sing N N 269 
TYR CA  HA   sing N N 270 
TYR C   O    doub N N 271 
TYR C   OXT  sing N N 272 
TYR CB  CG   sing N N 273 
TYR CB  HB2  sing N N 274 
TYR CB  HB3  sing N N 275 
TYR CG  CD1  doub Y N 276 
TYR CG  CD2  sing Y N 277 
TYR CD1 CE1  sing Y N 278 
TYR CD1 HD1  sing N N 279 
TYR CD2 CE2  doub Y N 280 
TYR CD2 HD2  sing N N 281 
TYR CE1 CZ   doub Y N 282 
TYR CE1 HE1  sing N N 283 
TYR CE2 CZ   sing Y N 284 
TYR CE2 HE2  sing N N 285 
TYR CZ  OH   sing N N 286 
TYR OH  HH   sing N N 287 
TYR OXT HXT  sing N N 288 
VAL N   CA   sing N N 289 
VAL N   H    sing N N 290 
VAL N   H2   sing N N 291 
VAL CA  C    sing N N 292 
VAL CA  CB   sing N N 293 
VAL CA  HA   sing N N 294 
VAL C   O    doub N N 295 
VAL C   OXT  sing N N 296 
VAL CB  CG1  sing N N 297 
VAL CB  CG2  sing N N 298 
VAL CB  HB   sing N N 299 
VAL CG1 HG11 sing N N 300 
VAL CG1 HG12 sing N N 301 
VAL CG1 HG13 sing N N 302 
VAL CG2 HG21 sing N N 303 
VAL CG2 HG22 sing N N 304 
VAL CG2 HG23 sing N N 305 
VAL OXT HXT  sing N N 306 
# 
_pdbx_initial_refinement_model.id               1 
_pdbx_initial_refinement_model.entity_id_list   ? 
_pdbx_initial_refinement_model.type             'experimental model' 
_pdbx_initial_refinement_model.source_name      PDB 
_pdbx_initial_refinement_model.accession_code   1J5J 
_pdbx_initial_refinement_model.details          ? 
# 
_atom_sites.entry_id                    6AU7 
_atom_sites.fract_transf_matrix[1][1]   0.00596984 
_atom_sites.fract_transf_matrix[1][2]   0.01527904 
_atom_sites.fract_transf_matrix[1][3]   -0.01286093 
_atom_sites.fract_transf_matrix[2][1]   0.01841095 
_atom_sites.fract_transf_matrix[2][2]   0.00086605 
_atom_sites.fract_transf_matrix[2][3]   0.00957496 
_atom_sites.fract_transf_matrix[3][1]   0.00897816 
_atom_sites.fract_transf_matrix[3][2]   -0.00904099 
_atom_sites.fract_transf_matrix[3][3]   -0.01644565 
_atom_sites.fract_transf_vector[1]      -0.013080 
_atom_sites.fract_transf_vector[2]      0.097340 
_atom_sites.fract_transf_vector[3]      0.240630 
# 
loop_
_atom_type.symbol 
C 
N 
O 
S 
# 
loop_
_atom_site.group_PDB 
_atom_site.id 
_atom_site.type_symbol 
_atom_site.label_atom_id 
_atom_site.label_alt_id 
_atom_site.label_comp_id 
_atom_site.label_asym_id 
_atom_site.label_entity_id 
_atom_site.label_seq_id 
_atom_site.pdbx_PDB_ins_code 
_atom_site.Cartn_x 
_atom_site.Cartn_y 
_atom_site.Cartn_z 
_atom_site.occupancy 
_atom_site.B_iso_or_equiv 
_atom_site.pdbx_formal_charge 
_atom_site.auth_seq_id 
_atom_site.auth_comp_id 
_atom_site.auth_asym_id 
_atom_site.auth_atom_id 
_atom_site.pdbx_PDB_model_num 
ATOM   1    N N   . GLY A 1 1  ? -13.421 -5.346  -17.253 1.00 46.06 ? -1  GLY A N   1 
ATOM   2    C CA  . GLY A 1 1  ? -14.443 -4.553  -16.508 1.00 44.82 ? -1  GLY A CA  1 
ATOM   3    C C   . GLY A 1 1  ? -14.210 -4.633  -15.008 1.00 41.08 ? -1  GLY A C   1 
ATOM   4    O O   . GLY A 1 1  ? -13.147 -5.085  -14.574 1.00 43.77 ? -1  GLY A O   1 
ATOM   5    N N   . SER A 1 2  ? -15.160 -4.128  -14.237 1.00 37.44 ? 0   SER A N   1 
ATOM   6    C CA  . SER A 1 2  ? -14.920 -3.899  -12.835 1.00 34.87 ? 0   SER A CA  1 
ATOM   7    C C   . SER A 1 2  ? -15.167 -5.158  -11.992 1.00 32.04 ? 0   SER A C   1 
ATOM   8    O O   . SER A 1 2  ? -15.917 -6.046  -12.383 1.00 28.88 ? 0   SER A O   1 
ATOM   9    C CB  . SER A 1 2  ? -15.714 -2.711  -12.313 1.00 35.85 ? 0   SER A CB  1 
ATOM   10   O OG  . SER A 1 2  ? -17.081 -2.957  -12.506 1.00 38.84 ? 0   SER A OG  1 
ATOM   11   N N   . ARG A 1 3  ? -14.426 -5.251  -10.886 1.00 29.25 ? 1   ARG A N   1 
ATOM   12   C CA  . ARG A 1 3  ? -14.552 -6.304  -9.936  1.00 28.16 ? 1   ARG A CA  1 
ATOM   13   C C   . ARG A 1 3  ? -14.705 -5.683  -8.526  1.00 27.14 ? 1   ARG A C   1 
ATOM   14   O O   . ARG A 1 3  ? -13.760 -5.056  -8.003  1.00 26.58 ? 1   ARG A O   1 
ATOM   15   C CB  . ARG A 1 3  ? -13.313 -7.200  -9.982  1.00 30.38 ? 1   ARG A CB  1 
ATOM   16   C CG  . ARG A 1 3  ? -13.127 -7.996  -11.253 1.00 33.10 ? 1   ARG A CG  1 
ATOM   17   C CD  . ARG A 1 3  ? -14.188 -9.060  -11.409 1.00 34.74 ? 1   ARG A CD  1 
ATOM   18   N NE  . ARG A 1 3  ? -13.932 -9.902  -12.568 1.00 39.33 ? 1   ARG A NE  1 
ATOM   19   C CZ  . ARG A 1 3  ? -13.153 -10.988 -12.606 1.00 41.96 ? 1   ARG A CZ  1 
ATOM   20   N NH1 . ARG A 1 3  ? -13.030 -11.628 -13.761 1.00 44.99 ? 1   ARG A NH1 1 
ATOM   21   N NH2 . ARG A 1 3  ? -12.514 -11.462 -11.531 1.00 41.15 ? 1   ARG A NH2 1 
ATOM   22   N N   . PRO A 1 4  ? -15.876 -5.854  -7.905  1.00 22.99 ? 2   PRO A N   1 
ATOM   23   C CA  . PRO A 1 4  ? -16.119 -5.336  -6.574  1.00 22.17 ? 2   PRO A CA  1 
ATOM   24   C C   . PRO A 1 4  ? -15.413 -6.188  -5.521  1.00 21.52 ? 2   PRO A C   1 
ATOM   25   O O   . PRO A 1 4  ? -15.158 -7.390  -5.727  1.00 20.35 ? 2   PRO A O   1 
ATOM   26   C CB  . PRO A 1 4  ? -17.642 -5.519  -6.436  1.00 23.20 ? 2   PRO A CB  1 
ATOM   27   C CG  . PRO A 1 4  ? -17.850 -6.836  -7.143  1.00 24.06 ? 2   PRO A CG  1 
ATOM   28   C CD  . PRO A 1 4  ? -16.803 -6.959  -8.219  1.00 23.66 ? 2   PRO A CD  1 
ATOM   29   N N   . THR A 1 5  ? -15.099 -5.569  -4.388  1.00 21.12 ? 3   THR A N   1 
ATOM   30   C CA  . THR A 1 5  ? -14.587 -6.285  -3.220  1.00 20.50 ? 3   THR A CA  1 
ATOM   31   C C   . THR A 1 5  ? -15.445 -5.922  -2.018  1.00 20.99 ? 3   THR A C   1 
ATOM   32   O O   . THR A 1 5  ? -16.209 -4.935  -2.028  1.00 18.90 ? 3   THR A O   1 
ATOM   33   C CB  . THR A 1 5  ? -13.135 -5.881  -2.890  1.00 20.07 ? 3   THR A CB  1 
ATOM   34   O OG1 . THR A 1 5  ? -13.128 -4.577  -2.317  1.00 18.64 ? 3   THR A OG1 1 
ATOM   35   C CG2 . THR A 1 5  ? -12.257 -5.848  -4.146  1.00 19.95 ? 3   THR A CG2 1 
ATOM   36   N N   . ASP A 1 6  ? -15.305 -6.677  -0.936  1.00 21.40 ? 4   ASP A N   1 
ATOM   37   C CA  . ASP A 1 6  ? -15.856 -6.221  0.366   1.00 22.33 ? 4   ASP A CA  1 
ATOM   38   C C   . ASP A 1 6  ? -14.763 -5.732  1.314   1.00 20.57 ? 4   ASP A C   1 
ATOM   39   O O   . ASP A 1 6  ? -14.957 -5.653  2.528   1.00 18.82 ? 4   ASP A O   1 
ATOM   40   C CB  . ASP A 1 6  ? -16.768 -7.284  0.958   1.00 27.70 ? 4   ASP A CB  1 
ATOM   41   C CG  . ASP A 1 6  ? -18.132 -7.305  0.216   1.00 32.38 ? 4   ASP A CG  1 
ATOM   42   O OD1 . ASP A 1 6  ? -18.811 -6.248  0.244   1.00 35.69 ? 4   ASP A OD1 1 
ATOM   43   O OD2 . ASP A 1 6  ? -18.536 -8.328  -0.398  1.00 34.85 ? 4   ASP A OD2 1 
ATOM   44   N N   . ILE A 1 7  ? -13.655 -5.256  0.747   1.00 18.77 ? 5   ILE A N   1 
ATOM   45   C CA  . ILE A 1 7  ? -12.615 -4.589  1.530   1.00 18.28 ? 5   ILE A CA  1 
ATOM   46   C C   . ILE A 1 7  ? -13.002 -3.127  1.761   1.00 17.02 ? 5   ILE A C   1 
ATOM   47   O O   . ILE A 1 7  ? -13.129 -2.365  0.810   1.00 17.45 ? 5   ILE A O   1 
ATOM   48   C CB  . ILE A 1 7  ? -11.242 -4.665  0.842   1.00 18.77 ? 5   ILE A CB  1 
ATOM   49   C CG1 . ILE A 1 7  ? -10.829 -6.125  0.633   1.00 20.01 ? 5   ILE A CG1 1 
ATOM   50   C CG2 . ILE A 1 7  ? -10.204 -3.914  1.670   1.00 18.28 ? 5   ILE A CG2 1 
ATOM   51   C CD1 . ILE A 1 7  ? -10.766 -6.942  1.939   1.00 20.95 ? 5   ILE A CD1 1 
ATOM   52   N N   . LYS A 1 8  ? -13.132 -2.751  3.022   1.00 16.21 ? 6   LYS A N   1 
ATOM   53   C CA  . LYS A 1 8  ? -13.496 -1.398  3.403   1.00 17.39 ? 6   LYS A CA  1 
ATOM   54   C C   . LYS A 1 8  ? -12.377 -0.380  3.166   1.00 17.81 ? 6   LYS A C   1 
ATOM   55   O O   . LYS A 1 8  ? -11.199 -0.672  3.276   1.00 17.89 ? 6   LYS A O   1 
ATOM   56   C CB  . LYS A 1 8  ? -13.957 -1.376  4.876   1.00 18.05 ? 6   LYS A CB  1 
ATOM   57   C CG  . LYS A 1 8  ? -15.330 -1.993  5.102   1.00 20.16 ? 6   LYS A CG  1 
ATOM   58   C CD  . LYS A 1 8  ? -15.609 -2.061  6.602   1.00 20.67 ? 6   LYS A CD  1 
ATOM   59   C CE  . LYS A 1 8  ? -17.001 -2.488  6.959   1.00 22.15 ? 6   LYS A CE  1 
ATOM   60   N NZ  . LYS A 1 8  ? -17.454 -3.694  6.277   1.00 23.81 ? 6   LYS A NZ  1 
ATOM   61   N N   . CYS A 1 9  ? -12.790 0.831   2.835   1.00 19.20 ? 7   CYS A N   1 
ATOM   62   C CA  . CYS A 1 9  ? -11.874 1.917   2.503   1.00 18.08 ? 7   CYS A CA  1 
ATOM   63   C C   . CYS A 1 9  ? -12.493 3.255   2.819   1.00 16.17 ? 7   CYS A C   1 
ATOM   64   O O   . CYS A 1 9  ? -13.691 3.357   2.939   1.00 16.06 ? 7   CYS A O   1 
ATOM   65   C CB  . CYS A 1 9  ? -11.482 1.864   1.023   1.00 17.64 ? 7   CYS A CB  1 
ATOM   66   S SG  . CYS A 1 9  ? -12.837 1.873   -0.175  1.00 15.77 ? 7   CYS A SG  1 
ATOM   67   N N   . SER A 1 10 ? -11.653 4.273   2.982   1.00 15.66 ? 8   SER A N   1 
ATOM   68   C CA  . SER A 1 10 ? -12.092 5.646   3.063   1.00 14.73 ? 8   SER A CA  1 
ATOM   69   C C   . SER A 1 10 ? -11.484 6.532   1.954   1.00 15.22 ? 8   SER A C   1 
ATOM   70   O O   . SER A 1 10 ? -11.968 7.643   1.745   1.00 14.83 ? 8   SER A O   1 
ATOM   71   C CB  . SER A 1 10 ? -11.734 6.213   4.435   1.00 15.22 ? 8   SER A CB  1 
ATOM   72   O OG  . SER A 1 10 ? -10.324 6.267   4.598   1.00 15.12 ? 8   SER A OG  1 
ATOM   73   N N   . ALA A 1 11 ? -10.487 6.035   1.230   1.00 14.13 ? 9   ALA A N   1 
ATOM   74   C CA  . ALA A 1 11 ? -9.867  6.778   0.130   1.00 14.05 ? 9   ALA A CA  1 
ATOM   75   C C   . ALA A 1 11 ? -9.361  5.796   -0.917  1.00 14.61 ? 9   ALA A C   1 
ATOM   76   O O   . ALA A 1 11 ? -8.909  4.706   -0.580  1.00 14.82 ? 9   ALA A O   1 
ATOM   77   C CB  . ALA A 1 11 ? -8.707  7.650   0.639   1.00 13.82 ? 9   ALA A CB  1 
ATOM   78   N N   . SER A 1 12 ? -9.374  6.215   -2.178  1.00 13.50 ? 10  SER A N   1 
ATOM   79   C CA  . SER A 1 12 ? -8.997  5.348   -3.269  1.00 14.18 ? 10  SER A CA  1 
ATOM   80   C C   . SER A 1 12 ? -7.550  4.832   -3.244  1.00 14.47 ? 10  SER A C   1 
ATOM   81   O O   . SER A 1 12 ? -7.314  3.705   -3.703  1.00 14.25 ? 10  SER A O   1 
ATOM   82   C CB  . SER A 1 12 ? -9.295  5.995   -4.628  1.00 14.38 ? 10  SER A CB  1 
ATOM   83   O OG  . SER A 1 12 ? -10.699 6.088   -4.791  1.00 15.48 ? 10  SER A OG  1 
ATOM   84   N N   . TYR A 1 13 ? -6.596  5.597   -2.685  1.00 13.87 ? 11  TYR A N   1 
ATOM   85   C CA  . TYR A 1 13 ? -5.181  5.123   -2.615  1.00 13.64 ? 11  TYR A CA  1 
ATOM   86   C C   . TYR A 1 13 ? -5.087  3.746   -1.905  1.00 14.22 ? 11  TYR A C   1 
ATOM   87   O O   . TYR A 1 13 ? -4.224  2.937   -2.219  1.00 13.95 ? 11  TYR A O   1 
ATOM   88   C CB  . TYR A 1 13 ? -4.231  6.144   -1.935  1.00 13.39 ? 11  TYR A CB  1 
ATOM   89   C CG  . TYR A 1 13 ? -4.358  6.186   -0.413  1.00 13.58 ? 11  TYR A CG  1 
ATOM   90   C CD1 . TYR A 1 13 ? -3.696  5.253   0.371   1.00 13.77 ? 11  TYR A CD1 1 
ATOM   91   C CD2 . TYR A 1 13 ? -5.182  7.146   0.234   1.00 13.63 ? 11  TYR A CD2 1 
ATOM   92   C CE1 . TYR A 1 13 ? -3.814  5.243   1.739   1.00 13.29 ? 11  TYR A CE1 1 
ATOM   93   C CE2 . TYR A 1 13 ? -5.306  7.155   1.613   1.00 13.41 ? 11  TYR A CE2 1 
ATOM   94   C CZ  . TYR A 1 13 ? -4.601  6.197   2.366   1.00 13.69 ? 11  TYR A CZ  1 
ATOM   95   O OH  . TYR A 1 13 ? -4.707  6.134   3.729   1.00 12.86 ? 11  TYR A OH  1 
ATOM   96   N N   . GLN A 1 14 ? -6.008  3.503   -0.976  1.00 14.19 ? 12  GLN A N   1 
ATOM   97   C CA  . GLN A 1 14 ? -6.050  2.282   -0.186  1.00 15.16 ? 12  GLN A CA  1 
ATOM   98   C C   . GLN A 1 14 ? -6.382  1.037   -1.005  1.00 15.74 ? 12  GLN A C   1 
ATOM   99   O O   . GLN A 1 14 ? -6.061  -0.075  -0.613  1.00 15.90 ? 12  GLN A O   1 
ATOM   100  C CB  . GLN A 1 14 ? -7.108  2.431   0.904   1.00 14.96 ? 12  GLN A CB  1 
ATOM   101  C CG  . GLN A 1 14 ? -6.776  3.519   1.891   1.00 14.47 ? 12  GLN A CG  1 
ATOM   102  C CD  . GLN A 1 14 ? -7.932  3.879   2.795   1.00 15.05 ? 12  GLN A CD  1 
ATOM   103  O OE1 . GLN A 1 14 ? -9.070  3.514   2.562   1.00 14.10 ? 12  GLN A OE1 1 
ATOM   104  N NE2 . GLN A 1 14 ? -7.638  4.680   3.798   1.00 16.04 ? 12  GLN A NE2 1 
ATOM   105  N N   . CYS A 1 15 ? -7.009  1.238   -2.153  1.00 16.75 ? 13  CYS A N   1 
ATOM   106  C CA  . CYS A 1 15 ? -7.529  0.151   -2.950  1.00 16.23 ? 13  CYS A CA  1 
ATOM   107  C C   . CYS A 1 15 ? -6.535  -0.386  -3.976  1.00 15.70 ? 13  CYS A C   1 
ATOM   108  O O   . CYS A 1 15 ? -6.790  -1.427  -4.591  1.00 15.64 ? 13  CYS A O   1 
ATOM   109  C CB  . CYS A 1 15 ? -8.798  0.617   -3.645  1.00 16.29 ? 13  CYS A CB  1 
ATOM   110  S SG  . CYS A 1 15 ? -10.099 0.968   -2.469  1.00 15.04 ? 13  CYS A SG  1 
ATOM   111  N N   . PHE A 1 16 ? -5.411  0.283   -4.188  1.00 16.10 ? 14  PHE A N   1 
ATOM   112  C CA  . PHE A 1 16 ? -4.480  -0.171  -5.209  1.00 15.63 ? 14  PHE A CA  1 
ATOM   113  C C   . PHE A 1 16 ? -3.807  -1.536  -4.885  1.00 15.05 ? 14  PHE A C   1 
ATOM   114  O O   . PHE A 1 16 ? -3.764  -2.418  -5.738  1.00 13.55 ? 14  PHE A O   1 
ATOM   115  C CB  . PHE A 1 16 ? -3.484  0.941   -5.570  1.00 17.06 ? 14  PHE A CB  1 
ATOM   116  C CG  . PHE A 1 16 ? -4.086  1.994   -6.480  1.00 17.30 ? 14  PHE A CG  1 
ATOM   117  C CD1 . PHE A 1 16 ? -4.877  2.993   -5.969  1.00 18.63 ? 14  PHE A CD1 1 
ATOM   118  C CD2 . PHE A 1 16 ? -3.952  1.910   -7.867  1.00 17.84 ? 14  PHE A CD2 1 
ATOM   119  C CE1 . PHE A 1 16 ? -5.485  3.945   -6.808  1.00 19.30 ? 14  PHE A CE1 1 
ATOM   120  C CE2 . PHE A 1 16 ? -4.534  2.843   -8.699  1.00 18.66 ? 14  PHE A CE2 1 
ATOM   121  C CZ  . PHE A 1 16 ? -5.335  3.835   -8.170  1.00 19.03 ? 14  PHE A CZ  1 
ATOM   122  N N   . PRO A 1 17 ? -3.381  -1.741  -3.632  1.00 14.78 ? 15  PRO A N   1 
ATOM   123  C CA  . PRO A 1 17 ? -2.816  -3.074  -3.290  1.00 15.40 ? 15  PRO A CA  1 
ATOM   124  C C   . PRO A 1 17 ? -3.859  -4.197  -3.325  1.00 15.20 ? 15  PRO A C   1 
ATOM   125  O O   . PRO A 1 17 ? -3.567  -5.301  -3.807  1.00 14.91 ? 15  PRO A O   1 
ATOM   126  C CB  . PRO A 1 17 ? -2.266  -2.879  -1.871  1.00 15.04 ? 15  PRO A CB  1 
ATOM   127  C CG  . PRO A 1 17 ? -1.996  -1.415  -1.777  1.00 15.36 ? 15  PRO A CG  1 
ATOM   128  C CD  . PRO A 1 17 ? -3.084  -0.748  -2.587  1.00 15.64 ? 15  PRO A CD  1 
ATOM   129  N N   . VAL A 1 18 ? -5.055  -3.911  -2.821  1.00 15.65 ? 16  VAL A N   1 
ATOM   130  C CA  . VAL A 1 18 ? -6.175  -4.837  -2.873  1.00 17.22 ? 16  VAL A CA  1 
ATOM   131  C C   . VAL A 1 18 ? -6.446  -5.281  -4.323  1.00 16.37 ? 16  VAL A C   1 
ATOM   132  O O   . VAL A 1 18 ? -6.547  -6.461  -4.621  1.00 16.39 ? 16  VAL A O   1 
ATOM   133  C CB  . VAL A 1 18 ? -7.472  -4.156  -2.300  1.00 19.00 ? 16  VAL A CB  1 
ATOM   134  C CG1 . VAL A 1 18 ? -8.661  -5.107  -2.308  1.00 18.85 ? 16  VAL A CG1 1 
ATOM   135  C CG2 . VAL A 1 18 ? -7.199  -3.622  -0.881  1.00 20.31 ? 16  VAL A CG2 1 
ATOM   136  N N   . CYS A 1 19 ? -6.598  -4.314  -5.213  1.00 16.60 ? 17  CYS A N   1 
ATOM   137  C CA  . CYS A 1 19 ? -6.999  -4.600  -6.589  1.00 16.83 ? 17  CYS A CA  1 
ATOM   138  C C   . CYS A 1 19 ? -5.925  -5.348  -7.336  1.00 18.06 ? 17  CYS A C   1 
ATOM   139  O O   . CYS A 1 19 ? -6.243  -6.225  -8.122  1.00 17.84 ? 17  CYS A O   1 
ATOM   140  C CB  . CYS A 1 19 ? -7.408  -3.300  -7.281  1.00 16.92 ? 17  CYS A CB  1 
ATOM   141  S SG  . CYS A 1 19 ? -8.950  -2.694  -6.558  1.00 17.47 ? 17  CYS A SG  1 
ATOM   142  N N   . LYS A 1 20 ? -4.656  -5.021  -7.046  1.00 18.56 ? 18  LYS A N   1 
ATOM   143  C CA  . LYS A 1 20 ? -3.503  -5.719  -7.611  1.00 20.23 ? 18  LYS A CA  1 
ATOM   144  C C   . LYS A 1 20 ? -3.424  -7.163  -7.126  1.00 19.37 ? 18  LYS A C   1 
ATOM   145  O O   . LYS A 1 20 ? -3.359  -8.099  -7.920  1.00 17.79 ? 18  LYS A O   1 
ATOM   146  C CB  . LYS A 1 20 ? -2.200  -4.975  -7.275  1.00 21.77 ? 18  LYS A CB  1 
ATOM   147  C CG  . LYS A 1 20 ? -1.041  -5.336  -8.215  1.00 24.76 ? 18  LYS A CG  1 
ATOM   148  C CD  . LYS A 1 20 ? -1.263  -4.741  -9.616  1.00 28.49 ? 18  LYS A CD  1 
ATOM   149  C CE  . LYS A 1 20 ? -0.899  -5.672  -10.779 1.00 33.69 ? 18  LYS A CE  1 
ATOM   150  N NZ  . LYS A 1 20 ? 0.545   -6.052  -10.688 1.00 35.64 ? 18  LYS A NZ  1 
ATOM   151  N N   . SER A 1 21 ? -3.465  -7.345  -5.815  1.00 20.75 ? 19  SER A N   1 
ATOM   152  C CA  . SER A 1 21 ? -3.399  -8.680  -5.196  1.00 20.21 ? 19  SER A CA  1 
ATOM   153  C C   . SER A 1 21 ? -4.538  -9.606  -5.652  1.00 21.95 ? 19  SER A C   1 
ATOM   154  O O   . SER A 1 21 ? -4.288  -10.744 -6.040  1.00 22.36 ? 19  SER A O   1 
ATOM   155  C CB  . SER A 1 21 ? -3.389  -8.576  -3.652  1.00 19.23 ? 19  SER A CB  1 
ATOM   156  O OG  . SER A 1 21 ? -2.103  -8.147  -3.177  1.00 18.24 ? 19  SER A OG  1 
ATOM   157  N N   . ARG A 1 22 ? -5.769  -9.144  -5.543  1.00 22.96 ? 20  ARG A N   1 
ATOM   158  C CA  . ARG A 1 22 ? -6.926  -9.996  -5.777  1.00 25.79 ? 20  ARG A CA  1 
ATOM   159  C C   . ARG A 1 22 ? -7.169  -10.301 -7.243  1.00 24.36 ? 20  ARG A C   1 
ATOM   160  O O   . ARG A 1 22 ? -7.601  -11.398 -7.573  1.00 25.38 ? 20  ARG A O   1 
ATOM   161  C CB  . ARG A 1 22 ? -8.219  -9.381  -5.233  1.00 26.94 ? 20  ARG A CB  1 
ATOM   162  C CG  . ARG A 1 22 ? -8.254  -9.043  -3.766  1.00 29.40 ? 20  ARG A CG  1 
ATOM   163  C CD  . ARG A 1 22 ? -8.130  -10.185 -2.819  1.00 29.95 ? 20  ARG A CD  1 
ATOM   164  N NE  . ARG A 1 22 ? -8.956  -11.313 -3.213  1.00 29.38 ? 20  ARG A NE  1 
ATOM   165  C CZ  . ARG A 1 22 ? -8.496  -12.525 -3.542  1.00 29.15 ? 20  ARG A CZ  1 
ATOM   166  N NH1 . ARG A 1 22 ? -9.354  -13.486 -3.848  1.00 28.35 ? 20  ARG A NH1 1 
ATOM   167  N NH2 . ARG A 1 22 ? -7.190  -12.791 -3.559  1.00 28.21 ? 20  ARG A NH2 1 
ATOM   168  N N   . PHE A 1 23 ? -6.975  -9.318  -8.113  1.00 23.56 ? 21  PHE A N   1 
ATOM   169  C CA  . PHE A 1 23 ? -7.409  -9.419  -9.518  1.00 21.79 ? 21  PHE A CA  1 
ATOM   170  C C   . PHE A 1 23 ? -6.347  -9.068  -10.550 1.00 21.13 ? 21  PHE A C   1 
ATOM   171  O O   . PHE A 1 23 ? -6.635  -9.102  -11.778 1.00 18.62 ? 21  PHE A O   1 
ATOM   172  C CB  . PHE A 1 23 ? -8.614  -8.512  -9.743  1.00 22.62 ? 21  PHE A CB  1 
ATOM   173  C CG  . PHE A 1 23 ? -9.766  -8.797  -8.822  1.00 24.68 ? 21  PHE A CG  1 
ATOM   174  C CD1 . PHE A 1 23 ? -10.486 -9.991  -8.932  1.00 26.61 ? 21  PHE A CD1 1 
ATOM   175  C CD2 . PHE A 1 23 ? -10.148 -7.876  -7.878  1.00 25.31 ? 21  PHE A CD2 1 
ATOM   176  C CE1 . PHE A 1 23 ? -11.554 -10.256 -8.094  1.00 27.92 ? 21  PHE A CE1 1 
ATOM   177  C CE2 . PHE A 1 23 ? -11.197 -8.129  -7.022  1.00 26.31 ? 21  PHE A CE2 1 
ATOM   178  C CZ  . PHE A 1 23 ? -11.899 -9.327  -7.120  1.00 27.65 ? 21  PHE A CZ  1 
ATOM   179  N N   . GLY A 1 24 ? -5.139  -8.722  -10.097 1.00 19.16 ? 22  GLY A N   1 
ATOM   180  C CA  . GLY A 1 24 ? -4.099  -8.283  -11.012 1.00 19.77 ? 22  GLY A CA  1 
ATOM   181  C C   . GLY A 1 24 ? -4.421  -6.971  -11.696 1.00 20.98 ? 22  GLY A C   1 
ATOM   182  O O   . GLY A 1 24 ? -3.802  -6.659  -12.685 1.00 19.19 ? 22  GLY A O   1 
ATOM   183  N N   . LYS A 1 25 ? -5.314  -6.166  -11.110 1.00 21.11 ? 23  LYS A N   1 
ATOM   184  C CA  . LYS A 1 25 ? -5.779  -4.937  -11.740 1.00 21.49 ? 23  LYS A CA  1 
ATOM   185  C C   . LYS A 1 25 ? -5.034  -3.708  -11.221 1.00 21.72 ? 23  LYS A C   1 
ATOM   186  O O   . LYS A 1 25 ? -4.675  -3.638  -10.050 1.00 20.07 ? 23  LYS A O   1 
ATOM   187  C CB  . LYS A 1 25 ? -7.267  -4.767  -11.507 1.00 22.54 ? 23  LYS A CB  1 
ATOM   188  C CG  . LYS A 1 25 ? -8.095  -5.811  -12.234 1.00 24.06 ? 23  LYS A CG  1 
ATOM   189  C CD  . LYS A 1 25 ? -9.508  -5.312  -12.361 1.00 27.15 ? 23  LYS A CD  1 
ATOM   190  C CE  . LYS A 1 25 ? -10.482 -6.338  -12.853 1.00 28.30 ? 23  LYS A CE  1 
ATOM   191  N NZ  . LYS A 1 25 ? -10.308 -6.507  -14.304 1.00 30.99 ? 23  LYS A NZ  1 
ATOM   192  N N   . THR A 1 26 ? -4.814  -2.744  -12.116 1.00 22.00 ? 24  THR A N   1 
ATOM   193  C CA  . THR A 1 26 ? -3.912  -1.632  -11.828 1.00 24.19 ? 24  THR A CA  1 
ATOM   194  C C   . THR A 1 26 ? -4.679  -0.350  -11.521 1.00 24.65 ? 24  THR A C   1 
ATOM   195  O O   . THR A 1 26 ? -4.074  0.703   -11.377 1.00 28.17 ? 24  THR A O   1 
ATOM   196  C CB  . THR A 1 26 ? -2.916  -1.387  -12.988 1.00 23.87 ? 24  THR A CB  1 
ATOM   197  O OG1 . THR A 1 26 ? -3.654  -1.237  -14.185 1.00 25.49 ? 24  THR A OG1 1 
ATOM   198  C CG2 . THR A 1 26 ? -1.920  -2.550  -13.102 1.00 23.03 ? 24  THR A CG2 1 
ATOM   199  N N   . ASN A 1 27 ? -6.001  -0.442  -11.417 1.00 25.74 ? 25  ASN A N   1 
ATOM   200  C CA  . ASN A 1 27 ? -6.794  0.664   -10.949 1.00 25.60 ? 25  ASN A CA  1 
ATOM   201  C C   . ASN A 1 27 ? -7.790  0.239   -9.861  1.00 25.58 ? 25  ASN A C   1 
ATOM   202  O O   . ASN A 1 27 ? -8.451  -0.808  -9.955  1.00 23.40 ? 25  ASN A O   1 
ATOM   203  C CB  . ASN A 1 27 ? -7.519  1.285   -12.127 1.00 28.67 ? 25  ASN A CB  1 
ATOM   204  C CG  . ASN A 1 27 ? -7.331  2.751   -12.198 1.00 33.46 ? 25  ASN A CG  1 
ATOM   205  O OD1 . ASN A 1 27 ? -7.419  3.460   -11.181 1.00 38.71 ? 25  ASN A OD1 1 
ATOM   206  N ND2 . ASN A 1 27 ? -7.023  3.234   -13.383 1.00 34.69 ? 25  ASN A ND2 1 
ATOM   207  N N   . GLY A 1 28 ? -7.799  1.033   -8.797  1.00 27.04 ? 26  GLY A N   1 
ATOM   208  C CA  . GLY A 1 28 ? -8.761  0.849   -7.696  1.00 26.49 ? 26  GLY A CA  1 
ATOM   209  C C   . GLY A 1 28 ? -9.429  2.160   -7.382  1.00 24.08 ? 26  GLY A C   1 
ATOM   210  O O   . GLY A 1 28 ? -8.836  3.225   -7.569  1.00 19.22 ? 26  GLY A O   1 
ATOM   211  N N   . ARG A 1 29 ? -10.670 2.065   -6.917  1.00 24.06 ? 27  ARG A N   1 
ATOM   212  C CA  . ARG A 1 29 ? -11.424 3.220   -6.482  1.00 24.75 ? 27  ARG A CA  1 
ATOM   213  C C   . ARG A 1 29 ? -12.196 2.835   -5.230  1.00 20.57 ? 27  ARG A C   1 
ATOM   214  O O   . ARG A 1 29 ? -12.792 1.752   -5.173  1.00 19.67 ? 27  ARG A O   1 
ATOM   215  C CB  . ARG A 1 29 ? -12.398 3.644   -7.579  1.00 31.43 ? 27  ARG A CB  1 
ATOM   216  C CG  . ARG A 1 29 ? -11.802 4.464   -8.722  1.00 40.31 ? 27  ARG A CG  1 
ATOM   217  C CD  . ARG A 1 29 ? -11.247 5.833   -8.360  1.00 46.13 ? 27  ARG A CD  1 
ATOM   218  N NE  . ARG A 1 29 ? -12.261 6.776   -7.901  1.00 51.36 ? 27  ARG A NE  1 
ATOM   219  C CZ  . ARG A 1 29 ? -11.982 7.975   -7.385  1.00 53.43 ? 27  ARG A CZ  1 
ATOM   220  N NH1 . ARG A 1 29 ? -10.719 8.388   -7.249  1.00 57.47 ? 27  ARG A NH1 1 
ATOM   221  N NH2 . ARG A 1 29 ? -12.969 8.756   -6.962  1.00 53.73 ? 27  ARG A NH2 1 
ATOM   222  N N   . CYS A 1 30 ? -12.205 3.738   -4.245  1.00 18.15 ? 28  CYS A N   1 
ATOM   223  C CA  . CYS A 1 30 ? -13.052 3.560   -3.069  1.00 17.74 ? 28  CYS A CA  1 
ATOM   224  C C   . CYS A 1 30 ? -14.439 4.099   -3.391  1.00 19.28 ? 28  CYS A C   1 
ATOM   225  O O   . CYS A 1 30 ? -14.588 5.284   -3.609  1.00 18.34 ? 28  CYS A O   1 
ATOM   226  C CB  . CYS A 1 30 ? -12.467 4.283   -1.880  1.00 17.51 ? 28  CYS A CB  1 
ATOM   227  S SG  . CYS A 1 30 ? -13.312 3.820   -0.364  1.00 16.69 ? 28  CYS A SG  1 
ATOM   228  N N   . VAL A 1 31 ? -15.428 3.201   -3.480  1.00 19.60 ? 29  VAL A N   1 
ATOM   229  C CA  . VAL A 1 31 ? -16.785 3.562   -3.937  1.00 18.99 ? 29  VAL A CA  1 
ATOM   230  C C   . VAL A 1 31 ? -17.757 3.167   -2.838  1.00 18.62 ? 29  VAL A C   1 
ATOM   231  O O   . VAL A 1 31 ? -17.877 1.986   -2.509  1.00 18.57 ? 29  VAL A O   1 
ATOM   232  C CB  . VAL A 1 31 ? -17.144 2.823   -5.245  1.00 19.46 ? 29  VAL A CB  1 
ATOM   233  C CG1 . VAL A 1 31 ? -18.615 3.079   -5.657  1.00 20.14 ? 29  VAL A CG1 1 
ATOM   234  C CG2 . VAL A 1 31 ? -16.184 3.223   -6.346  1.00 19.11 ? 29  VAL A CG2 1 
ATOM   235  N N   . ASN A 1 32 ? -18.398 4.159   -2.240  1.00 19.23 ? 30  ASN A N   1 
ATOM   236  C CA  . ASN A 1 32 ? -19.288 3.957   -1.096  1.00 20.19 ? 30  ASN A CA  1 
ATOM   237  C C   . ASN A 1 32 ? -18.660 3.107   0.013   1.00 18.32 ? 30  ASN A C   1 
ATOM   238  O O   . ASN A 1 32 ? -19.293 2.130   0.498   1.00 16.83 ? 30  ASN A O   1 
ATOM   239  C CB  . ASN A 1 32 ? -20.601 3.304   -1.562  1.00 22.22 ? 30  ASN A CB  1 
ATOM   240  C CG  . ASN A 1 32 ? -21.355 4.146   -2.604  1.00 25.32 ? 30  ASN A CG  1 
ATOM   241  O OD1 . ASN A 1 32 ? -21.804 3.638   -3.639  1.00 26.50 ? 30  ASN A OD1 1 
ATOM   242  N ND2 . ASN A 1 32 ? -21.449 5.432   -2.354  1.00 24.86 ? 30  ASN A ND2 1 
ATOM   243  N N   . GLY A 1 33 ? -17.394 3.409   0.362   1.00 16.45 ? 31  GLY A N   1 
ATOM   244  C CA  . GLY A 1 33 ? -16.751 2.719   1.474   1.00 14.88 ? 31  GLY A CA  1 
ATOM   245  C C   . GLY A 1 33 ? -16.205 1.331   1.189   1.00 14.80 ? 31  GLY A C   1 
ATOM   246  O O   . GLY A 1 33 ? -15.726 0.673   2.112   1.00 14.79 ? 31  GLY A O   1 
ATOM   247  N N   . LEU A 1 34 ? -16.210 0.896   -0.075  1.00 14.37 ? 32  LEU A N   1 
ATOM   248  C CA  . LEU A 1 34 ? -15.641 -0.402  -0.456  1.00 15.16 ? 32  LEU A CA  1 
ATOM   249  C C   . LEU A 1 34 ? -14.733 -0.293  -1.684  1.00 16.15 ? 32  LEU A C   1 
ATOM   250  O O   . LEU A 1 34 ? -15.011 0.486   -2.585  1.00 16.16 ? 32  LEU A O   1 
ATOM   251  C CB  . LEU A 1 34 ? -16.761 -1.414  -0.756  1.00 15.51 ? 32  LEU A CB  1 
ATOM   252  C CG  . LEU A 1 34 ? -17.717 -1.751  0.418   1.00 15.29 ? 32  LEU A CG  1 
ATOM   253  C CD1 . LEU A 1 34 ? -18.792 -2.657  -0.136  1.00 15.10 ? 32  LEU A CD1 1 
ATOM   254  C CD2 . LEU A 1 34 ? -16.976 -2.455  1.563   1.00 16.08 ? 32  LEU A CD2 1 
ATOM   255  N N   . CYS A 1 35 ? -13.646 -1.083  -1.723  1.00 15.82 ? 33  CYS A N   1 
ATOM   256  C CA  . CYS A 1 35 ? -12.770 -1.101  -2.899  1.00 17.20 ? 33  CYS A CA  1 
ATOM   257  C C   . CYS A 1 35 ? -13.432 -1.767  -4.128  1.00 18.19 ? 33  CYS A C   1 
ATOM   258  O O   . CYS A 1 35 ? -13.993 -2.858  -4.049  1.00 16.58 ? 33  CYS A O   1 
ATOM   259  C CB  . CYS A 1 35 ? -11.425 -1.769  -2.601  1.00 18.22 ? 33  CYS A CB  1 
ATOM   260  S SG  . CYS A 1 35 ? -10.409 -0.802  -1.481  1.00 16.89 ? 33  CYS A SG  1 
ATOM   261  N N   . ASP A 1 36 ? -13.370 -1.048  -5.241  1.00 20.60 ? 34  ASP A N   1 
ATOM   262  C CA  . ASP A 1 36 ? -13.832 -1.516  -6.521  1.00 22.71 ? 34  ASP A CA  1 
ATOM   263  C C   . ASP A 1 36 ? -12.649 -1.423  -7.471  1.00 20.76 ? 34  ASP A C   1 
ATOM   264  O O   . ASP A 1 36 ? -11.902 -0.462  -7.431  1.00 17.87 ? 34  ASP A O   1 
ATOM   265  C CB  . ASP A 1 36 ? -14.966 -0.629  -7.002  1.00 28.76 ? 34  ASP A CB  1 
ATOM   266  C CG  . ASP A 1 36 ? -15.630 -1.153  -8.226  1.00 36.59 ? 34  ASP A CG  1 
ATOM   267  O OD1 . ASP A 1 36 ? -15.559 -2.374  -8.519  1.00 39.89 ? 34  ASP A OD1 1 
ATOM   268  O OD2 . ASP A 1 36 ? -16.299 -0.322  -8.872  1.00 46.17 ? 34  ASP A OD2 1 
ATOM   269  N N   . CYS A 1 37 ? -12.476 -2.447  -8.301  1.00 19.71 ? 35  CYS A N   1 
ATOM   270  C CA  . CYS A 1 37 ? -11.250 -2.633  -9.039  1.00 20.71 ? 35  CYS A CA  1 
ATOM   271  C C   . CYS A 1 37 ? -11.566 -2.648  -10.510 1.00 22.79 ? 35  CYS A C   1 
ATOM   272  O O   . CYS A 1 37 ? -12.580 -3.224  -10.918 1.00 20.70 ? 35  CYS A O   1 
ATOM   273  C CB  . CYS A 1 37 ? -10.606 -3.974  -8.650  1.00 20.44 ? 35  CYS A CB  1 
ATOM   274  S SG  . CYS A 1 37 ? -10.249 -4.175  -6.912  1.00 17.52 ? 35  CYS A SG  1 
ATOM   275  N N   . PHE A 1 38 ? -10.704 -2.029  -11.306 1.00 24.19 ? 36  PHE A N   1 
ATOM   276  C CA  . PHE A 1 38 ? -10.875 -2.092  -12.753 1.00 28.75 ? 36  PHE A CA  1 
ATOM   277  C C   . PHE A 1 38 ? -9.588  -1.865  -13.508 1.00 28.91 ? 36  PHE A C   1 
ATOM   278  O O   . PHE A 1 38 ? -8.496  -1.650  -12.939 1.00 27.04 ? 36  PHE A O   1 
ATOM   279  C CB  . PHE A 1 38 ? -11.955 -1.113  -13.239 1.00 32.91 ? 36  PHE A CB  1 
ATOM   280  C CG  . PHE A 1 38 ? -11.856 0.258   -12.650 1.00 35.22 ? 36  PHE A CG  1 
ATOM   281  C CD1 . PHE A 1 38 ? -10.983 1.208   -13.136 1.00 40.45 ? 36  PHE A CD1 1 
ATOM   282  C CD2 . PHE A 1 38 ? -12.691 0.597   -11.586 1.00 36.95 ? 36  PHE A CD2 1 
ATOM   283  C CE1 . PHE A 1 38 ? -10.904 2.460   -12.533 1.00 43.70 ? 36  PHE A CE1 1 
ATOM   284  C CE2 . PHE A 1 38 ? -12.619 1.841   -10.979 1.00 39.17 ? 36  PHE A CE2 1 
ATOM   285  C CZ  . PHE A 1 38 ? -11.728 2.778   -11.462 1.00 42.59 ? 36  PHE A CZ  1 
ATOM   286  O OXT . PHE A 1 38 ? -9.657  -1.954  -14.730 1.00 30.90 ? 36  PHE A OXT 1 
ATOM   287  N N   . GLY B 1 1  ? -3.872  -22.723 7.019   1.00 35.63 ? -1  GLY B N   1 
ATOM   288  C CA  . GLY B 1 1  ? -3.639  -22.031 5.693   1.00 37.08 ? -1  GLY B CA  1 
ATOM   289  C C   . GLY B 1 1  ? -3.186  -20.576 5.761   1.00 34.07 ? -1  GLY B C   1 
ATOM   290  O O   . GLY B 1 1  ? -2.618  -20.020 4.783   1.00 38.09 ? -1  GLY B O   1 
ATOM   291  N N   . SER B 1 2  ? -3.398  -19.948 6.915   1.00 29.41 ? 0   SER B N   1 
ATOM   292  C CA  . SER B 1 2  ? -2.995  -18.581 7.089   1.00 27.72 ? 0   SER B CA  1 
ATOM   293  C C   . SER B 1 2  ? -1.500  -18.474 7.435   1.00 25.50 ? 0   SER B C   1 
ATOM   294  O O   . SER B 1 2  ? -0.899  -19.405 7.935   1.00 24.61 ? 0   SER B O   1 
ATOM   295  C CB  . SER B 1 2  ? -3.921  -17.869 8.092   1.00 29.01 ? 0   SER B CB  1 
ATOM   296  O OG  . SER B 1 2  ? -3.499  -17.877 9.446   1.00 30.68 ? 0   SER B OG  1 
ATOM   297  N N   . ARG B 1 3  ? -0.946  -17.300 7.210   1.00 23.54 ? 1   ARG B N   1 
ATOM   298  C CA  . ARG B 1 3  ? 0.335   -16.893 7.785   1.00 24.54 ? 1   ARG B CA  1 
ATOM   299  C C   . ARG B 1 3  ? 0.116   -15.610 8.633   1.00 22.88 ? 1   ARG B C   1 
ATOM   300  O O   . ARG B 1 3  ? -0.170  -14.557 8.106   1.00 23.56 ? 1   ARG B O   1 
ATOM   301  C CB  . ARG B 1 3  ? 1.338   -16.659 6.686   1.00 28.00 ? 1   ARG B CB  1 
ATOM   302  C CG  . ARG B 1 3  ? 1.622   -17.882 5.790   1.00 31.74 ? 1   ARG B CG  1 
ATOM   303  C CD  . ARG B 1 3  ? 2.374   -19.020 6.507   1.00 34.12 ? 1   ARG B CD  1 
ATOM   304  N NE  . ARG B 1 3  ? 3.672   -18.567 6.969   1.00 37.34 ? 1   ARG B NE  1 
ATOM   305  C CZ  . ARG B 1 3  ? 4.788   -18.566 6.241   1.00 41.46 ? 1   ARG B CZ  1 
ATOM   306  N NH1 . ARG B 1 3  ? 4.808   -19.076 5.017   1.00 41.82 ? 1   ARG B NH1 1 
ATOM   307  N NH2 . ARG B 1 3  ? 5.917   -18.115 6.771   1.00 44.49 ? 1   ARG B NH2 1 
ATOM   308  N N   . PRO B 1 4  ? 0.146   -15.751 9.969   1.00 22.99 ? 2   PRO B N   1 
ATOM   309  C CA  . PRO B 1 4  ? -0.003  -14.595 10.851  1.00 21.64 ? 2   PRO B CA  1 
ATOM   310  C C   . PRO B 1 4  ? 1.233   -13.706 10.842  1.00 20.58 ? 2   PRO B C   1 
ATOM   311  O O   . PRO B 1 4  ? 2.325   -14.178 10.581  1.00 20.51 ? 2   PRO B O   1 
ATOM   312  C CB  . PRO B 1 4  ? -0.209  -15.225 12.229  1.00 23.72 ? 2   PRO B CB  1 
ATOM   313  C CG  . PRO B 1 4  ? -0.749  -16.592 11.962  1.00 26.02 ? 2   PRO B CG  1 
ATOM   314  C CD  . PRO B 1 4  ? -0.045  -17.017 10.695  1.00 24.47 ? 2   PRO B CD  1 
ATOM   315  N N   . THR B 1 5  ? 1.042   -12.424 11.135  1.00 19.95 ? 3   THR B N   1 
ATOM   316  C CA  . THR B 1 5  ? 2.139   -11.469 11.280  1.00 18.81 ? 3   THR B CA  1 
ATOM   317  C C   . THR B 1 5  ? 2.039   -10.753 12.615  1.00 17.92 ? 3   THR B C   1 
ATOM   318  O O   . THR B 1 5  ? 0.975   -10.780 13.275  1.00 15.80 ? 3   THR B O   1 
ATOM   319  C CB  . THR B 1 5  ? 2.097   -10.387 10.175  1.00 17.74 ? 3   THR B CB  1 
ATOM   320  O OG1 . THR B 1 5  ? 1.053   -9.471  10.456  1.00 16.46 ? 3   THR B OG1 1 
ATOM   321  C CG2 . THR B 1 5  ? 1.860   -11.012 8.788   1.00 18.06 ? 3   THR B CG2 1 
ATOM   322  N N   . ASP B 1 6  ? 3.122   -10.056 12.969  1.00 18.77 ? 4   ASP B N   1 
ATOM   323  C CA  . ASP B 1 6  ? 3.150   -9.119  14.093  1.00 20.27 ? 4   ASP B CA  1 
ATOM   324  C C   . ASP B 1 6  ? 2.908   -7.640  13.669  1.00 19.34 ? 4   ASP B C   1 
ATOM   325  O O   . ASP B 1 6  ? 3.126   -6.719  14.450  1.00 19.43 ? 4   ASP B O   1 
ATOM   326  C CB  . ASP B 1 6  ? 4.505   -9.247  14.830  1.00 23.06 ? 4   ASP B CB  1 
ATOM   327  C CG  . ASP B 1 6  ? 5.733   -8.728  13.990  1.00 27.03 ? 4   ASP B CG  1 
ATOM   328  O OD1 . ASP B 1 6  ? 5.662   -8.558  12.735  1.00 28.23 ? 4   ASP B OD1 1 
ATOM   329  O OD2 . ASP B 1 6  ? 6.818   -8.521  14.616  1.00 30.86 ? 4   ASP B OD2 1 
ATOM   330  N N   . ILE B 1 7  ? 2.460   -7.423  12.437  1.00 18.57 ? 5   ILE B N   1 
ATOM   331  C CA  . ILE B 1 7  ? 2.242   -6.080  11.925  1.00 18.35 ? 5   ILE B CA  1 
ATOM   332  C C   . ILE B 1 7  ? 0.870   -5.572  12.354  1.00 17.10 ? 5   ILE B C   1 
ATOM   333  O O   . ILE B 1 7  ? -0.157  -6.145  11.997  1.00 15.23 ? 5   ILE B O   1 
ATOM   334  C CB  . ILE B 1 7  ? 2.356   -6.033  10.381  1.00 18.53 ? 5   ILE B CB  1 
ATOM   335  C CG1 . ILE B 1 7  ? 3.748   -6.484  9.945   1.00 20.28 ? 5   ILE B CG1 1 
ATOM   336  C CG2 . ILE B 1 7  ? 2.045   -4.630  9.867   1.00 18.99 ? 5   ILE B CG2 1 
ATOM   337  C CD1 . ILE B 1 7  ? 4.884   -5.645  10.544  1.00 21.07 ? 5   ILE B CD1 1 
ATOM   338  N N   . LYS B 1 8  ? 0.879   -4.474  13.104  1.00 16.95 ? 6   LYS B N   1 
ATOM   339  C CA  . LYS B 1 8  ? -0.314  -3.847  13.614  1.00 18.06 ? 6   LYS B CA  1 
ATOM   340  C C   . LYS B 1 8  ? -1.137  -3.157  12.502  1.00 17.17 ? 6   LYS B C   1 
ATOM   341  O O   . LYS B 1 8  ? -0.598  -2.592  11.564  1.00 16.28 ? 6   LYS B O   1 
ATOM   342  C CB  . LYS B 1 8  ? 0.069   -2.868  14.723  1.00 20.85 ? 6   LYS B CB  1 
ATOM   343  C CG  . LYS B 1 8  ? -0.969  -1.871  15.230  1.00 24.36 ? 6   LYS B CG  1 
ATOM   344  C CD  . LYS B 1 8  ? -0.506  -1.334  16.596  1.00 29.16 ? 6   LYS B CD  1 
ATOM   345  C CE  . LYS B 1 8  ? -1.609  -0.657  17.384  1.00 30.90 ? 6   LYS B CE  1 
ATOM   346  N NZ  . LYS B 1 8  ? -2.188  0.465   16.615  1.00 32.27 ? 6   LYS B NZ  1 
ATOM   347  N N   . CYS B 1 9  ? -2.449  -3.218  12.653  1.00 16.27 ? 7   CYS B N   1 
ATOM   348  C CA  . CYS B 1 9  ? -3.384  -2.720  11.664  1.00 15.49 ? 7   CYS B CA  1 
ATOM   349  C C   . CYS B 1 9  ? -4.681  -2.302  12.318  1.00 15.08 ? 7   CYS B C   1 
ATOM   350  O O   . CYS B 1 9  ? -4.984  -2.740  13.400  1.00 14.19 ? 7   CYS B O   1 
ATOM   351  C CB  . CYS B 1 9  ? -3.678  -3.806  10.598  1.00 16.09 ? 7   CYS B CB  1 
ATOM   352  S SG  . CYS B 1 9  ? -4.271  -5.390  11.186  1.00 15.99 ? 7   CYS B SG  1 
ATOM   353  N N   . SER B 1 10 ? -5.433  -1.450  11.635  1.00 15.99 ? 8   SER B N   1 
ATOM   354  C CA  . SER B 1 10 ? -6.799  -1.130  12.032  1.00 17.12 ? 8   SER B CA  1 
ATOM   355  C C   . SER B 1 10 ? -7.850  -1.502  10.967  1.00 17.65 ? 8   SER B C   1 
ATOM   356  O O   . SER B 1 10 ? -9.015  -1.550  11.284  1.00 17.97 ? 8   SER B O   1 
ATOM   357  C CB  . SER B 1 10 ? -6.908  0.348   12.358  1.00 17.93 ? 8   SER B CB  1 
ATOM   358  O OG  . SER B 1 10 ? -6.640  1.133   11.220  1.00 18.48 ? 8   SER B OG  1 
ATOM   359  N N   . ALA B 1 11 ? -7.414  -1.782  9.735   1.00 18.05 ? 9   ALA B N   1 
ATOM   360  C CA  . ALA B 1 11 ? -8.318  -2.151  8.650   1.00 16.82 ? 9   ALA B CA  1 
ATOM   361  C C   . ALA B 1 11 ? -7.607  -3.135  7.731   1.00 16.57 ? 9   ALA B C   1 
ATOM   362  O O   . ALA B 1 11 ? -6.367  -3.043  7.527   1.00 16.96 ? 9   ALA B O   1 
ATOM   363  C CB  . ALA B 1 11 ? -8.702  -0.887  7.875   1.00 17.67 ? 9   ALA B CB  1 
ATOM   364  N N   . SER B 1 12 ? -8.370  -4.046  7.148   1.00 15.37 ? 10  SER B N   1 
ATOM   365  C CA  . SER B 1 12 ? -7.804  -5.078  6.281   1.00 16.51 ? 10  SER B CA  1 
ATOM   366  C C   . SER B 1 12 ? -7.056  -4.578  5.048   1.00 16.46 ? 10  SER B C   1 
ATOM   367  O O   . SER B 1 12 ? -6.088  -5.225  4.639   1.00 17.56 ? 10  SER B O   1 
ATOM   368  C CB  . SER B 1 12 ? -8.857  -6.109  5.874   1.00 15.36 ? 10  SER B CB  1 
ATOM   369  O OG  . SER B 1 12 ? -9.235  -6.853  6.998   1.00 15.24 ? 10  SER B OG  1 
ATOM   370  N N   . TYR B 1 13 ? -7.446  -3.426  4.480   1.00 15.80 ? 11  TYR B N   1 
ATOM   371  C CA  . TYR B 1 13 ? -6.738  -2.889  3.273   1.00 15.59 ? 11  TYR B CA  1 
ATOM   372  C C   . TYR B 1 13 ? -5.231  -2.723  3.545   1.00 15.32 ? 11  TYR B C   1 
ATOM   373  O O   . TYR B 1 13 ? -4.415  -2.863  2.651   1.00 13.97 ? 11  TYR B O   1 
ATOM   374  C CB  . TYR B 1 13 ? -7.364  -1.566  2.759   1.00 15.98 ? 11  TYR B CB  1 
ATOM   375  C CG  . TYR B 1 13 ? -6.975  -0.352  3.586   1.00 16.85 ? 11  TYR B CG  1 
ATOM   376  C CD1 . TYR B 1 13 ? -5.745  0.286   3.377   1.00 18.01 ? 11  TYR B CD1 1 
ATOM   377  C CD2 . TYR B 1 13 ? -7.821  0.167   4.566   1.00 18.14 ? 11  TYR B CD2 1 
ATOM   378  C CE1 . TYR B 1 13 ? -5.358  1.368   4.137   1.00 17.66 ? 11  TYR B CE1 1 
ATOM   379  C CE2 . TYR B 1 13 ? -7.426  1.277   5.335   1.00 18.62 ? 11  TYR B CE2 1 
ATOM   380  C CZ  . TYR B 1 13 ? -6.194  1.845   5.115   1.00 18.28 ? 11  TYR B CZ  1 
ATOM   381  O OH  . TYR B 1 13 ? -5.762  2.911   5.845   1.00 21.51 ? 11  TYR B OH  1 
ATOM   382  N N   . GLN B 1 14 ? -4.888  -2.448  4.795   1.00 15.23 ? 12  GLN B N   1 
ATOM   383  C CA  . GLN B 1 14 ? -3.505  -2.215  5.232   1.00 14.86 ? 12  GLN B CA  1 
ATOM   384  C C   . GLN B 1 14 ? -2.644  -3.450  5.161   1.00 16.06 ? 12  GLN B C   1 
ATOM   385  O O   . GLN B 1 14 ? -1.414  -3.352  5.083   1.00 17.62 ? 12  GLN B O   1 
ATOM   386  C CB  . GLN B 1 14 ? -3.502  -1.716  6.677   1.00 13.85 ? 12  GLN B CB  1 
ATOM   387  C CG  . GLN B 1 14 ? -4.196  -0.407  6.847   1.00 13.63 ? 12  GLN B CG  1 
ATOM   388  C CD  . GLN B 1 14 ? -4.482  -0.063  8.296   1.00 14.49 ? 12  GLN B CD  1 
ATOM   389  O OE1 . GLN B 1 14 ? -4.391  -0.909  9.194   1.00 14.70 ? 12  GLN B OE1 1 
ATOM   390  N NE2 . GLN B 1 14 ? -4.887  1.183   8.524   1.00 14.26 ? 12  GLN B NE2 1 
ATOM   391  N N   . CYS B 1 15 ? -3.267  -4.614  5.155   1.00 15.93 ? 13  CYS B N   1 
ATOM   392  C CA  . CYS B 1 15 ? -2.555  -5.873  5.232   1.00 16.13 ? 13  CYS B CA  1 
ATOM   393  C C   . CYS B 1 15 ? -2.160  -6.426  3.859   1.00 16.25 ? 13  CYS B C   1 
ATOM   394  O O   . CYS B 1 15 ? -1.389  -7.363  3.784   1.00 15.25 ? 13  CYS B O   1 
ATOM   395  C CB  . CYS B 1 15 ? -3.419  -6.874  5.975   1.00 15.69 ? 13  CYS B CB  1 
ATOM   396  S SG  . CYS B 1 15 ? -3.677  -6.391  7.684   1.00 15.52 ? 13  CYS B SG  1 
ATOM   397  N N   . PHE B 1 16 ? -2.666  -5.872  2.774   1.00 16.44 ? 14  PHE B N   1 
ATOM   398  C CA  . PHE B 1 16 ? -2.371  -6.413  1.454   1.00 16.14 ? 14  PHE B CA  1 
ATOM   399  C C   . PHE B 1 16 ? -0.893  -6.259  1.044   1.00 14.53 ? 14  PHE B C   1 
ATOM   400  O O   . PHE B 1 16 ? -0.292  -7.224  0.580   1.00 14.11 ? 14  PHE B O   1 
ATOM   401  C CB  . PHE B 1 16 ? -3.370  -5.901  0.403   1.00 15.59 ? 14  PHE B CB  1 
ATOM   402  C CG  . PHE B 1 16 ? -4.722  -6.601  0.474   1.00 15.23 ? 14  PHE B CG  1 
ATOM   403  C CD1 . PHE B 1 16 ? -5.645  -6.278  1.459   1.00 15.52 ? 14  PHE B CD1 1 
ATOM   404  C CD2 . PHE B 1 16 ? -5.031  -7.634  -0.388  1.00 15.84 ? 14  PHE B CD2 1 
ATOM   405  C CE1 . PHE B 1 16 ? -6.873  -6.913  1.554   1.00 15.79 ? 14  PHE B CE1 1 
ATOM   406  C CE2 . PHE B 1 16 ? -6.280  -8.287  -0.313  1.00 15.22 ? 14  PHE B CE2 1 
ATOM   407  C CZ  . PHE B 1 16 ? -7.193  -7.920  0.689   1.00 15.45 ? 14  PHE B CZ  1 
ATOM   408  N N   . PRO B 1 17 ? -0.269  -5.106  1.293   1.00 14.85 ? 15  PRO B N   1 
ATOM   409  C CA  . PRO B 1 17 ? 1.176   -4.989  1.006   1.00 14.76 ? 15  PRO B CA  1 
ATOM   410  C C   . PRO B 1 17 ? 2.055   -5.877  1.876   1.00 16.10 ? 15  PRO B C   1 
ATOM   411  O O   . PRO B 1 17 ? 3.003   -6.495  1.397   1.00 15.85 ? 15  PRO B O   1 
ATOM   412  C CB  . PRO B 1 17 ? 1.473   -3.503  1.270   1.00 14.51 ? 15  PRO B CB  1 
ATOM   413  C CG  . PRO B 1 17 ? 0.178   -2.815  1.059   1.00 15.22 ? 15  PRO B CG  1 
ATOM   414  C CD  . PRO B 1 17 ? -0.869  -3.788  1.535   1.00 15.68 ? 15  PRO B CD  1 
ATOM   415  N N   . VAL B 1 18 ? 1.734   -5.936  3.169   1.00 17.53 ? 16  VAL B N   1 
ATOM   416  C CA  . VAL B 1 18 ? 2.427   -6.825  4.114   1.00 19.00 ? 16  VAL B CA  1 
ATOM   417  C C   . VAL B 1 18 ? 2.378   -8.272  3.623   1.00 17.86 ? 16  VAL B C   1 
ATOM   418  O O   . VAL B 1 18 ? 3.391   -8.947  3.556   1.00 19.49 ? 16  VAL B O   1 
ATOM   419  C CB  . VAL B 1 18 ? 1.740   -6.732  5.527   1.00 20.59 ? 16  VAL B CB  1 
ATOM   420  C CG1 . VAL B 1 18 ? 2.435   -7.611  6.562   1.00 20.15 ? 16  VAL B CG1 1 
ATOM   421  C CG2 . VAL B 1 18 ? 1.650   -5.273  5.994   1.00 21.24 ? 16  VAL B CG2 1 
ATOM   422  N N   . CYS B 1 19 ? 1.190   -8.745  3.300   1.00 16.66 ? 17  CYS B N   1 
ATOM   423  C CA  . CYS B 1 19 ? 0.979   -10.154 2.955   1.00 17.20 ? 17  CYS B CA  1 
ATOM   424  C C   . CYS B 1 19 ? 1.647   -10.503 1.649   1.00 18.99 ? 17  CYS B C   1 
ATOM   425  O O   . CYS B 1 19 ? 2.200   -11.575 1.529   1.00 19.76 ? 17  CYS B O   1 
ATOM   426  C CB  . CYS B 1 19 ? -0.525  -10.467 2.946   1.00 16.77 ? 17  CYS B CB  1 
ATOM   427  S SG  . CYS B 1 19 ? -1.161  -10.338 4.657   1.00 17.36 ? 17  CYS B SG  1 
ATOM   428  N N   . LYS B 1 20 ? 1.649   -9.562  0.703   1.00 20.07 ? 18  LYS B N   1 
ATOM   429  C CA  . LYS B 1 20 ? 2.335   -9.716  -0.585  1.00 21.80 ? 18  LYS B CA  1 
ATOM   430  C C   . LYS B 1 20 ? 3.846   -9.760  -0.397  1.00 22.70 ? 18  LYS B C   1 
ATOM   431  O O   . LYS B 1 20 ? 4.509   -10.686 -0.854  1.00 24.84 ? 18  LYS B O   1 
ATOM   432  C CB  . LYS B 1 20 ? 1.950   -8.579  -1.540  1.00 23.75 ? 18  LYS B CB  1 
ATOM   433  C CG  . LYS B 1 20 ? 2.232   -8.894  -3.016  1.00 26.49 ? 18  LYS B CG  1 
ATOM   434  C CD  . LYS B 1 20 ? 1.245   -9.910  -3.544  1.00 30.27 ? 18  LYS B CD  1 
ATOM   435  C CE  . LYS B 1 20 ? 1.693   -10.414 -4.885  1.00 33.42 ? 18  LYS B CE  1 
ATOM   436  N NZ  . LYS B 1 20 ? 2.767   -11.403 -4.666  1.00 34.57 ? 18  LYS B NZ  1 
ATOM   437  N N   . SER B 1 21 ? 4.387   -8.760  0.291   1.00 23.76 ? 19  SER B N   1 
ATOM   438  C CA  . SER B 1 21 ? 5.831   -8.643  0.525   1.00 23.44 ? 19  SER B CA  1 
ATOM   439  C C   . SER B 1 21 ? 6.404   -9.844  1.281   1.00 24.25 ? 19  SER B C   1 
ATOM   440  O O   . SER B 1 21 ? 7.407   -10.407 0.871   1.00 23.86 ? 19  SER B O   1 
ATOM   441  C CB  . SER B 1 21 ? 6.162   -7.333  1.283   1.00 21.94 ? 19  SER B CB  1 
ATOM   442  O OG  . SER B 1 21 ? 6.058   -6.183  0.401   1.00 19.61 ? 19  SER B OG  1 
ATOM   443  N N   . ARG B 1 22 ? 5.796   -10.199 2.403   1.00 24.55 ? 20  ARG B N   1 
ATOM   444  C CA  . ARG B 1 22 ? 6.348   -11.216 3.279   1.00 26.83 ? 20  ARG B CA  1 
ATOM   445  C C   . ARG B 1 22 ? 6.165   -12.628 2.745   1.00 27.24 ? 20  ARG B C   1 
ATOM   446  O O   . ARG B 1 22 ? 7.017   -13.465 2.958   1.00 25.57 ? 20  ARG B O   1 
ATOM   447  C CB  . ARG B 1 22 ? 5.704   -11.155 4.658   1.00 28.29 ? 20  ARG B CB  1 
ATOM   448  C CG  . ARG B 1 22 ? 5.935   -9.885  5.427   1.00 30.95 ? 20  ARG B CG  1 
ATOM   449  C CD  . ARG B 1 22 ? 7.023   -10.102 6.478   1.00 32.37 ? 20  ARG B CD  1 
ATOM   450  N NE  . ARG B 1 22 ? 6.995   -9.149  7.596   1.00 34.21 ? 20  ARG B NE  1 
ATOM   451  C CZ  . ARG B 1 22 ? 6.578   -9.404  8.836   1.00 37.22 ? 20  ARG B CZ  1 
ATOM   452  N NH1 . ARG B 1 22 ? 6.687   -8.460  9.748   1.00 42.15 ? 20  ARG B NH1 1 
ATOM   453  N NH2 . ARG B 1 22 ? 6.067   -10.583 9.177   1.00 39.91 ? 20  ARG B NH2 1 
ATOM   454  N N   . PHE B 1 23 ? 5.012   -12.915 2.147   1.00 25.15 ? 21  PHE B N   1 
ATOM   455  C CA  . PHE B 1 23 ? 4.630   -14.301 1.831   1.00 25.48 ? 21  PHE B CA  1 
ATOM   456  C C   . PHE B 1 23 ? 4.173   -14.552 0.398   1.00 23.82 ? 21  PHE B C   1 
ATOM   457  O O   . PHE B 1 23 ? 3.834   -15.672 0.045   1.00 23.76 ? 21  PHE B O   1 
ATOM   458  C CB  . PHE B 1 23 ? 3.511   -14.764 2.772   1.00 26.19 ? 21  PHE B CB  1 
ATOM   459  C CG  . PHE B 1 23 ? 3.822   -14.594 4.219   1.00 27.29 ? 21  PHE B CG  1 
ATOM   460  C CD1 . PHE B 1 23 ? 4.755   -15.393 4.817   1.00 28.16 ? 21  PHE B CD1 1 
ATOM   461  C CD2 . PHE B 1 23 ? 3.139   -13.670 4.988   1.00 30.18 ? 21  PHE B CD2 1 
ATOM   462  C CE1 . PHE B 1 23 ? 5.060   -15.262 6.163   1.00 31.79 ? 21  PHE B CE1 1 
ATOM   463  C CE2 . PHE B 1 23 ? 3.423   -13.522 6.340   1.00 30.42 ? 21  PHE B CE2 1 
ATOM   464  C CZ  . PHE B 1 23 ? 4.395   -14.318 6.924   1.00 33.42 ? 21  PHE B CZ  1 
ATOM   465  N N   . GLY B 1 24 ? 4.163   -13.513 -0.428  1.00 25.62 ? 22  GLY B N   1 
ATOM   466  C CA  . GLY B 1 24 ? 3.647   -13.618 -1.784  1.00 26.72 ? 22  GLY B CA  1 
ATOM   467  C C   . GLY B 1 24 ? 2.155   -13.914 -1.824  1.00 27.39 ? 22  GLY B C   1 
ATOM   468  O O   . GLY B 1 24 ? 1.657   -14.411 -2.829  1.00 28.45 ? 22  GLY B O   1 
ATOM   469  N N   . LYS B 1 25 ? 1.430   -13.586 -0.751  1.00 27.10 ? 23  LYS B N   1 
ATOM   470  C CA  . LYS B 1 25 ? 0.015   -13.911 -0.636  1.00 25.80 ? 23  LYS B CA  1 
ATOM   471  C C   . LYS B 1 25 ? -0.872  -12.729 -1.045  1.00 23.56 ? 23  LYS B C   1 
ATOM   472  O O   . LYS B 1 25 ? -0.533  -11.563 -0.818  1.00 23.94 ? 23  LYS B O   1 
ATOM   473  C CB  . LYS B 1 25 ? -0.307  -14.333 0.775   1.00 28.13 ? 23  LYS B CB  1 
ATOM   474  C CG  . LYS B 1 25 ? 0.329   -15.654 1.134   1.00 31.03 ? 23  LYS B CG  1 
ATOM   475  C CD  . LYS B 1 25 ? -0.441  -16.301 2.283   1.00 32.14 ? 23  LYS B CD  1 
ATOM   476  C CE  . LYS B 1 25 ? 0.125   -17.678 2.601   1.00 32.05 ? 23  LYS B CE  1 
ATOM   477  N NZ  . LYS B 1 25 ? 0.105   -18.615 1.430   1.00 31.27 ? 23  LYS B NZ  1 
ATOM   478  N N   . THR B 1 26 ? -2.006  -13.049 -1.649  1.00 22.01 ? 24  THR B N   1 
ATOM   479  C CA  . THR B 1 26 ? -2.835  -12.066 -2.329  1.00 21.70 ? 24  THR B CA  1 
ATOM   480  C C   . THR B 1 26 ? -4.074  -11.725 -1.519  1.00 21.18 ? 24  THR B C   1 
ATOM   481  O O   . THR B 1 26 ? -4.940  -11.004 -2.000  1.00 22.44 ? 24  THR B O   1 
ATOM   482  C CB  . THR B 1 26 ? -3.262  -12.578 -3.735  1.00 21.96 ? 24  THR B CB  1 
ATOM   483  O OG1 . THR B 1 26 ? -3.872  -13.861 -3.602  1.00 21.27 ? 24  THR B OG1 1 
ATOM   484  C CG2 . THR B 1 26 ? -2.070  -12.656 -4.677  1.00 22.19 ? 24  THR B CG2 1 
ATOM   485  N N   . ASN B 1 27 ? -4.167  -12.236 -0.287  1.00 21.35 ? 25  ASN B N   1 
ATOM   486  C CA  . ASN B 1 27 ? -5.239  -11.870 0.601   1.00 22.48 ? 25  ASN B CA  1 
ATOM   487  C C   . ASN B 1 27 ? -4.706  -11.564 2.001   1.00 23.52 ? 25  ASN B C   1 
ATOM   488  O O   . ASN B 1 27 ? -3.853  -12.285 2.540   1.00 21.73 ? 25  ASN B O   1 
ATOM   489  C CB  . ASN B 1 27 ? -6.276  -12.986 0.647   1.00 25.61 ? 25  ASN B CB  1 
ATOM   490  C CG  . ASN B 1 27 ? -7.648  -12.491 0.414   1.00 27.74 ? 25  ASN B CG  1 
ATOM   491  O OD1 . ASN B 1 27 ? -8.058  -11.472 0.962   1.00 36.02 ? 25  ASN B OD1 1 
ATOM   492  N ND2 . ASN B 1 27 ? -8.398  -13.224 -0.335  1.00 26.16 ? 25  ASN B ND2 1 
ATOM   493  N N   . GLY B 1 28 ? -5.174  -10.441 2.544   1.00 22.76 ? 26  GLY B N   1 
ATOM   494  C CA  . GLY B 1 28 ? -4.853  -10.035 3.918   1.00 22.77 ? 26  GLY B CA  1 
ATOM   495  C C   . GLY B 1 28 ? -6.130  -9.708  4.674   1.00 21.32 ? 26  GLY B C   1 
ATOM   496  O O   . GLY B 1 28 ? -7.150  -9.337  4.056   1.00 19.53 ? 26  GLY B O   1 
ATOM   497  N N   . ARG B 1 29 ? -6.100  -9.925  5.993   1.00 19.99 ? 27  ARG B N   1 
ATOM   498  C CA  . ARG B 1 29 ? -7.185  -9.560  6.871   1.00 20.39 ? 27  ARG B CA  1 
ATOM   499  C C   . ARG B 1 29 ? -6.602  -8.992  8.158   1.00 18.85 ? 27  ARG B C   1 
ATOM   500  O O   . ARG B 1 29 ? -5.678  -9.582  8.722   1.00 19.66 ? 27  ARG B O   1 
ATOM   501  C CB  . ARG B 1 29 ? -8.014  -10.786 7.174   1.00 23.98 ? 27  ARG B CB  1 
ATOM   502  C CG  . ARG B 1 29 ? -9.396  -10.529 7.710   1.00 28.46 ? 27  ARG B CG  1 
ATOM   503  C CD  . ARG B 1 29 ? -10.313 -10.254 6.559   1.00 32.00 ? 27  ARG B CD  1 
ATOM   504  N NE  . ARG B 1 29 ? -11.645 -9.782  6.941   1.00 34.90 ? 27  ARG B NE  1 
ATOM   505  C CZ  . ARG B 1 29 ? -12.486 -9.192  6.081   1.00 40.21 ? 27  ARG B CZ  1 
ATOM   506  N NH1 . ARG B 1 29 ? -12.130 -8.983  4.801   1.00 41.26 ? 27  ARG B NH1 1 
ATOM   507  N NH2 . ARG B 1 29 ? -13.702 -8.849  6.484   1.00 41.92 ? 27  ARG B NH2 1 
ATOM   508  N N   . CYS B 1 30 ? -7.161  -7.886  8.640   1.00 17.57 ? 28  CYS B N   1 
ATOM   509  C CA  . CYS B 1 30 ? -6.783  -7.334  9.941   1.00 16.89 ? 28  CYS B CA  1 
ATOM   510  C C   . CYS B 1 30 ? -7.647  -7.998  10.981  1.00 17.67 ? 28  CYS B C   1 
ATOM   511  O O   . CYS B 1 30 ? -8.848  -7.769  11.015  1.00 16.98 ? 28  CYS B O   1 
ATOM   512  C CB  . CYS B 1 30 ? -6.977  -5.835  9.988   1.00 16.68 ? 28  CYS B CB  1 
ATOM   513  S SG  . CYS B 1 30 ? -6.241  -5.115  11.451  1.00 16.85 ? 28  CYS B SG  1 
ATOM   514  N N   . VAL B 1 31 ? -7.037  -8.844  11.823  1.00 18.02 ? 29  VAL B N   1 
ATOM   515  C CA  . VAL B 1 31 ? -7.788  -9.664  12.792  1.00 18.09 ? 29  VAL B CA  1 
ATOM   516  C C   . VAL B 1 31 ? -7.240  -9.348  14.180  1.00 18.99 ? 29  VAL B C   1 
ATOM   517  O O   . VAL B 1 31 ? -6.052  -9.556  14.442  1.00 16.68 ? 29  VAL B O   1 
ATOM   518  C CB  . VAL B 1 31 ? -7.621  -11.168 12.496  1.00 19.53 ? 29  VAL B CB  1 
ATOM   519  C CG1 . VAL B 1 31 ? -8.288  -12.041 13.578  1.00 19.50 ? 29  VAL B CG1 1 
ATOM   520  C CG2 . VAL B 1 31 ? -8.180  -11.480 11.109  1.00 19.50 ? 29  VAL B CG2 1 
ATOM   521  N N   . ASN B 1 32 ? -8.097  -8.794  15.029  1.00 18.93 ? 30  ASN B N   1 
ATOM   522  C CA  . ASN B 1 32 ? -7.685  -8.316  16.340  1.00 19.84 ? 30  ASN B CA  1 
ATOM   523  C C   . ASN B 1 32 ? -6.480  -7.386  16.312  1.00 18.86 ? 30  ASN B C   1 
ATOM   524  O O   . ASN B 1 32 ? -5.599  -7.530  17.143  1.00 18.57 ? 30  ASN B O   1 
ATOM   525  C CB  . ASN B 1 32 ? -7.417  -9.523  17.264  1.00 20.73 ? 30  ASN B CB  1 
ATOM   526  C CG  . ASN B 1 32 ? -8.663  -10.322 17.520  1.00 21.64 ? 30  ASN B CG  1 
ATOM   527  O OD1 . ASN B 1 32 ? -9.734  -9.745  17.652  1.00 22.62 ? 30  ASN B OD1 1 
ATOM   528  N ND2 . ASN B 1 32 ? -8.542  -11.620 17.556  1.00 21.91 ? 30  ASN B ND2 1 
ATOM   529  N N   . GLY B 1 33 ? -6.424  -6.456  15.361  1.00 17.26 ? 31  GLY B N   1 
ATOM   530  C CA  . GLY B 1 33 ? -5.325  -5.487  15.349  1.00 15.93 ? 31  GLY B CA  1 
ATOM   531  C C   . GLY B 1 33 ? -4.000  -5.991  14.780  1.00 15.65 ? 31  GLY B C   1 
ATOM   532  O O   . GLY B 1 33 ? -3.028  -5.253  14.812  1.00 15.13 ? 31  GLY B O   1 
ATOM   533  N N   . LEU B 1 34 ? -3.983  -7.201  14.201  1.00 14.82 ? 32  LEU B N   1 
ATOM   534  C CA  . LEU B 1 34 ? -2.792  -7.721  13.532  1.00 15.29 ? 32  LEU B CA  1 
ATOM   535  C C   . LEU B 1 34 ? -3.094  -8.271  12.141  1.00 15.07 ? 32  LEU B C   1 
ATOM   536  O O   . LEU B 1 34 ? -4.147  -8.888  11.937  1.00 13.28 ? 32  LEU B O   1 
ATOM   537  C CB  . LEU B 1 34 ? -2.133  -8.826  14.382  1.00 15.77 ? 32  LEU B CB  1 
ATOM   538  C CG  . LEU B 1 34 ? -1.642  -8.376  15.787  1.00 16.26 ? 32  LEU B CG  1 
ATOM   539  C CD1 . LEU B 1 34 ? -1.287  -9.561  16.630  1.00 17.39 ? 32  LEU B CD1 1 
ATOM   540  C CD2 . LEU B 1 34 ? -0.488  -7.391  15.670  1.00 16.91 ? 32  LEU B CD2 1 
ATOM   541  N N   . CYS B 1 35 ? -2.159  -8.076  11.193  1.00 15.27 ? 33  CYS B N   1 
ATOM   542  C CA  . CYS B 1 35 ? -2.331  -8.648  9.847   1.00 15.49 ? 33  CYS B CA  1 
ATOM   543  C C   . CYS B 1 35 ? -2.179  -10.175 9.819   1.00 15.78 ? 33  CYS B C   1 
ATOM   544  O O   . CYS B 1 35 ? -1.218  -10.733 10.353  1.00 15.15 ? 33  CYS B O   1 
ATOM   545  C CB  . CYS B 1 35 ? -1.381  -8.001  8.836   1.00 15.09 ? 33  CYS B CB  1 
ATOM   546  S SG  . CYS B 1 35 ? -1.786  -6.298  8.486   1.00 15.02 ? 33  CYS B SG  1 
ATOM   547  N N   . ASP B 1 36 ? -3.158  -10.830 9.206   1.00 16.57 ? 34  ASP B N   1 
ATOM   548  C CA  . ASP B 1 36 ? -3.126  -12.239 8.916   1.00 17.53 ? 34  ASP B CA  1 
ATOM   549  C C   . ASP B 1 36 ? -3.242  -12.387 7.410   1.00 16.59 ? 34  ASP B C   1 
ATOM   550  O O   . ASP B 1 36 ? -4.013  -11.679 6.777   1.00 17.84 ? 34  ASP B O   1 
ATOM   551  C CB  . ASP B 1 36 ? -4.316  -12.899 9.609   1.00 19.12 ? 34  ASP B CB  1 
ATOM   552  C CG  . ASP B 1 36 ? -4.339  -14.421 9.425   1.00 20.81 ? 34  ASP B CG  1 
ATOM   553  O OD1 . ASP B 1 36 ? -3.214  -15.000 9.354   1.00 22.36 ? 34  ASP B OD1 1 
ATOM   554  O OD2 . ASP B 1 36 ? -5.432  -14.969 9.234   1.00 22.12 ? 34  ASP B OD2 1 
ATOM   555  N N   . CYS B 1 37 ? -2.499  -13.320 6.840   1.00 16.71 ? 35  CYS B N   1 
ATOM   556  C CA  . CYS B 1 37 ? -2.334  -13.424 5.412   1.00 17.90 ? 35  CYS B CA  1 
ATOM   557  C C   . CYS B 1 37 ? -2.805  -14.781 4.956   1.00 19.08 ? 35  CYS B C   1 
ATOM   558  O O   . CYS B 1 37 ? -2.579  -15.777 5.648   1.00 18.54 ? 35  CYS B O   1 
ATOM   559  C CB  . CYS B 1 37 ? -0.843  -13.271 5.057   1.00 18.76 ? 35  CYS B CB  1 
ATOM   560  S SG  . CYS B 1 37 ? -0.100  -11.740 5.618   1.00 18.17 ? 35  CYS B SG  1 
ATOM   561  N N   . PHE B 1 38 ? -3.417  -14.846 3.782   1.00 19.42 ? 36  PHE B N   1 
ATOM   562  C CA  . PHE B 1 38 ? -3.830  -16.135 3.239   1.00 20.88 ? 36  PHE B CA  1 
ATOM   563  C C   . PHE B 1 38 ? -4.023  -16.094 1.740   1.00 22.05 ? 36  PHE B C   1 
ATOM   564  O O   . PHE B 1 38 ? -3.879  -15.047 1.078   1.00 20.45 ? 36  PHE B O   1 
ATOM   565  C CB  . PHE B 1 38 ? -5.106  -16.657 3.948   1.00 21.17 ? 36  PHE B CB  1 
ATOM   566  C CG  . PHE B 1 38 ? -6.237  -15.674 3.990   1.00 21.99 ? 36  PHE B CG  1 
ATOM   567  C CD1 . PHE B 1 38 ? -7.152  -15.660 2.953   1.00 23.03 ? 36  PHE B CD1 1 
ATOM   568  C CD2 . PHE B 1 38 ? -6.429  -14.822 5.058   1.00 23.15 ? 36  PHE B CD2 1 
ATOM   569  C CE1 . PHE B 1 38 ? -8.279  -14.823 2.995   1.00 24.40 ? 36  PHE B CE1 1 
ATOM   570  C CE2 . PHE B 1 38 ? -7.512  -13.960 5.088   1.00 24.56 ? 36  PHE B CE2 1 
ATOM   571  C CZ  . PHE B 1 38 ? -8.421  -13.933 4.041   1.00 24.37 ? 36  PHE B CZ  1 
ATOM   572  O OXT . PHE B 1 38 ? -4.308  -17.168 1.201   1.00 23.85 ? 36  PHE B OXT 1 
ATOM   573  N N   . GLY C 1 1  ? 21.643  -5.079  3.820   1.00 37.13 ? -1  GLY C N   1 
ATOM   574  C CA  . GLY C 1 1  ? 21.318  -4.444  5.138   1.00 35.02 ? -1  GLY C CA  1 
ATOM   575  C C   . GLY C 1 1  ? 20.092  -3.569  5.032   1.00 31.40 ? -1  GLY C C   1 
ATOM   576  O O   . GLY C 1 1  ? 19.336  -3.678  4.068   1.00 33.28 ? -1  GLY C O   1 
ATOM   577  N N   . SER C 1 2  ? 19.882  -2.719  6.027   1.00 29.10 ? 0   SER C N   1 
ATOM   578  C CA  . SER C 1 2  ? 18.710  -1.866  6.051   1.00 28.66 ? 0   SER C CA  1 
ATOM   579  C C   . SER C 1 2  ? 18.891  -0.615  5.183   1.00 29.04 ? 0   SER C C   1 
ATOM   580  O O   . SER C 1 2  ? 20.022  -0.197  4.898   1.00 29.95 ? 0   SER C O   1 
ATOM   581  C CB  . SER C 1 2  ? 18.346  -1.503  7.478   1.00 30.73 ? 0   SER C CB  1 
ATOM   582  O OG  . SER C 1 2  ? 19.421  -0.863  8.100   1.00 36.32 ? 0   SER C OG  1 
ATOM   583  N N   . ARG C 1 3  ? 17.782  -0.093  4.678   1.00 25.55 ? 1   ARG C N   1 
ATOM   584  C CA  . ARG C 1 3  ? 17.775  1.128   3.890   1.00 25.71 ? 1   ARG C CA  1 
ATOM   585  C C   . ARG C 1 3  ? 16.794  2.134   4.538   1.00 22.63 ? 1   ARG C C   1 
ATOM   586  O O   . ARG C 1 3  ? 15.598  1.933   4.511   1.00 20.93 ? 1   ARG C O   1 
ATOM   587  C CB  . ARG C 1 3  ? 17.370  0.862   2.429   1.00 28.98 ? 1   ARG C CB  1 
ATOM   588  C CG  . ARG C 1 3  ? 18.331  -0.089  1.699   1.00 32.24 ? 1   ARG C CG  1 
ATOM   589  C CD  . ARG C 1 3  ? 19.699  0.521   1.412   1.00 34.23 ? 1   ARG C CD  1 
ATOM   590  N NE  . ARG C 1 3  ? 19.633  1.741   0.615   1.00 35.47 ? 1   ARG C NE  1 
ATOM   591  C CZ  . ARG C 1 3  ? 19.602  1.767   -0.717  1.00 38.34 ? 1   ARG C CZ  1 
ATOM   592  N NH1 . ARG C 1 3  ? 19.543  0.647   -1.447  1.00 37.71 ? 1   ARG C NH1 1 
ATOM   593  N NH2 . ARG C 1 3  ? 19.532  2.930   -1.338  1.00 40.06 ? 1   ARG C NH2 1 
ATOM   594  N N   . PRO C 1 4  ? 17.323  3.184   5.178   1.00 19.14 ? 2   PRO C N   1 
ATOM   595  C CA  . PRO C 1 4  ? 16.477  4.248   5.717   1.00 17.88 ? 2   PRO C CA  1 
ATOM   596  C C   . PRO C 1 4  ? 15.856  5.113   4.620   1.00 17.87 ? 2   PRO C C   1 
ATOM   597  O O   . PRO C 1 4  ? 16.402  5.216   3.546   1.00 16.65 ? 2   PRO C O   1 
ATOM   598  C CB  . PRO C 1 4  ? 17.439  5.067   6.575   1.00 18.46 ? 2   PRO C CB  1 
ATOM   599  C CG  . PRO C 1 4  ? 18.553  4.114   6.926   1.00 18.24 ? 2   PRO C CG  1 
ATOM   600  C CD  . PRO C 1 4  ? 18.688  3.231   5.727   1.00 18.21 ? 2   PRO C CD  1 
ATOM   601  N N   . THR C 1 5  ? 14.701  5.696   4.908   1.00 17.38 ? 3   THR C N   1 
ATOM   602  C CA  . THR C 1 5  ? 14.026  6.616   3.984   1.00 17.06 ? 3   THR C CA  1 
ATOM   603  C C   . THR C 1 5  ? 13.708  7.927   4.709   1.00 17.42 ? 3   THR C C   1 
ATOM   604  O O   . THR C 1 5  ? 13.738  8.005   5.948   1.00 17.26 ? 3   THR C O   1 
ATOM   605  C CB  . THR C 1 5  ? 12.682  6.031   3.492   1.00 16.48 ? 3   THR C CB  1 
ATOM   606  O OG1 . THR C 1 5  ? 11.738  6.077   4.557   1.00 15.35 ? 3   THR C OG1 1 
ATOM   607  C CG2 . THR C 1 5  ? 12.833  4.607   3.030   1.00 17.06 ? 3   THR C CG2 1 
ATOM   608  N N   . ASP C 1 6  ? 13.306  8.910   3.910   1.00 18.60 ? 4   ASP C N   1 
ATOM   609  C CA  . ASP C 1 6  ? 12.734  10.173  4.361   1.00 19.89 ? 4   ASP C CA  1 
ATOM   610  C C   . ASP C 1 6  ? 11.187  10.180  4.363   1.00 19.74 ? 4   ASP C C   1 
ATOM   611  O O   . ASP C 1 6  ? 10.573  11.218  4.502   1.00 20.64 ? 4   ASP C O   1 
ATOM   612  C CB  . ASP C 1 6  ? 13.284  11.313  3.463   1.00 22.07 ? 4   ASP C CB  1 
ATOM   613  C CG  . ASP C 1 6  ? 12.779  11.236  1.969   1.00 23.92 ? 4   ASP C CG  1 
ATOM   614  O OD1 . ASP C 1 6  ? 12.223  10.220  1.483   1.00 23.18 ? 4   ASP C OD1 1 
ATOM   615  O OD2 . ASP C 1 6  ? 12.991  12.202  1.248   1.00 29.92 ? 4   ASP C OD2 1 
ATOM   616  N N   . ILE C 1 7  ? 10.565  9.010   4.208   1.00 17.93 ? 5   ILE C N   1 
ATOM   617  C CA  . ILE C 1 7  ? 9.125   8.897   4.152   1.00 16.69 ? 5   ILE C CA  1 
ATOM   618  C C   . ILE C 1 7  ? 8.555   8.839   5.561   1.00 16.32 ? 5   ILE C C   1 
ATOM   619  O O   . ILE C 1 7  ? 8.832   7.911   6.309   1.00 15.08 ? 5   ILE C O   1 
ATOM   620  C CB  . ILE C 1 7  ? 8.678   7.653   3.351   1.00 15.37 ? 5   ILE C CB  1 
ATOM   621  C CG1 . ILE C 1 7  ? 9.191   7.736   1.914   1.00 16.06 ? 5   ILE C CG1 1 
ATOM   622  C CG2 . ILE C 1 7  ? 7.170   7.491   3.397   1.00 15.88 ? 5   ILE C CG2 1 
ATOM   623  C CD1 . ILE C 1 7  ? 8.724   8.966   1.169   1.00 16.68 ? 5   ILE C CD1 1 
ATOM   624  N N   . LYS C 1 8  ? 7.724   9.820   5.885   1.00 15.47 ? 6   LYS C N   1 
ATOM   625  C CA  . LYS C 1 8  ? 7.109   9.925   7.207   1.00 16.43 ? 6   LYS C CA  1 
ATOM   626  C C   . LYS C 1 8  ? 6.005   8.865   7.394   1.00 14.52 ? 6   LYS C C   1 
ATOM   627  O O   . LYS C 1 8  ? 5.294   8.503   6.457   1.00 14.12 ? 6   LYS C O   1 
ATOM   628  C CB  . LYS C 1 8  ? 6.578   11.344  7.450   1.00 17.82 ? 6   LYS C CB  1 
ATOM   629  C CG  . LYS C 1 8  ? 7.686   12.355  7.704   1.00 20.59 ? 6   LYS C CG  1 
ATOM   630  C CD  . LYS C 1 8  ? 7.181   13.714  8.119   1.00 23.18 ? 6   LYS C CD  1 
ATOM   631  C CE  . LYS C 1 8  ? 8.347   14.650  8.374   1.00 24.74 ? 6   LYS C CE  1 
ATOM   632  N NZ  . LYS C 1 8  ? 7.998   15.858  9.197   1.00 25.17 ? 6   LYS C NZ  1 
ATOM   633  N N   . CYS C 1 9  ? 5.888   8.387   8.624   1.00 14.84 ? 7   CYS C N   1 
ATOM   634  C CA  . CYS C 1 9  ? 4.968   7.327   8.957   1.00 13.83 ? 7   CYS C CA  1 
ATOM   635  C C   . CYS C 1 9  ? 4.515   7.448   10.388  1.00 14.25 ? 7   CYS C C   1 
ATOM   636  O O   . CYS C 1 9  ? 5.203   8.079   11.227  1.00 14.95 ? 7   CYS C O   1 
ATOM   637  C CB  . CYS C 1 9  ? 5.612   5.956   8.732   1.00 13.41 ? 7   CYS C CB  1 
ATOM   638  S SG  . CYS C 1 9  ? 7.184   5.652   9.555   1.00 12.58 ? 7   CYS C SG  1 
ATOM   639  N N   . SER C 1 10 ? 3.359   6.839   10.667  1.00 12.70 ? 8   SER C N   1 
ATOM   640  C CA  . SER C 1 10 ? 2.865   6.684   12.002  1.00 12.81 ? 8   SER C CA  1 
ATOM   641  C C   . SER C 1 10 ? 2.606   5.229   12.390  1.00 13.64 ? 8   SER C C   1 
ATOM   642  O O   . SER C 1 10 ? 2.126   4.937   13.516  1.00 12.64 ? 8   SER C O   1 
ATOM   643  C CB  . SER C 1 10 ? 1.566   7.492   12.130  1.00 13.36 ? 8   SER C CB  1 
ATOM   644  O OG  . SER C 1 10 ? 0.534   7.022   11.304  1.00 12.31 ? 8   SER C OG  1 
ATOM   645  N N   . ALA C 1 11 ? 2.775   4.309   11.440  1.00 14.89 ? 9   ALA C N   1 
ATOM   646  C CA  . ALA C 1 11 ? 2.639   2.867   11.685  1.00 15.41 ? 9   ALA C CA  1 
ATOM   647  C C   . ALA C 1 11 ? 3.502   2.131   10.664  1.00 15.26 ? 9   ALA C C   1 
ATOM   648  O O   . ALA C 1 11 ? 3.589   2.535   9.495   1.00 15.00 ? 9   ALA C O   1 
ATOM   649  C CB  . ALA C 1 11 ? 1.181   2.452   11.543  1.00 14.85 ? 9   ALA C CB  1 
ATOM   650  N N   . SER C 1 12 ? 4.033   0.982   11.070  1.00 15.35 ? 10  SER C N   1 
ATOM   651  C CA  . SER C 1 12 ? 4.863   0.177   10.186  1.00 15.05 ? 10  SER C CA  1 
ATOM   652  C C   . SER C 1 12 ? 4.160   -0.344  8.927   1.00 14.53 ? 10  SER C C   1 
ATOM   653  O O   . SER C 1 12 ? 4.837   -0.472  7.892   1.00 13.14 ? 10  SER C O   1 
ATOM   654  C CB  . SER C 1 12 ? 5.500   -0.972  10.951  1.00 14.55 ? 10  SER C CB  1 
ATOM   655  O OG  . SER C 1 12 ? 6.479   -0.493  11.810  1.00 13.22 ? 10  SER C OG  1 
ATOM   656  N N   . TYR C 1 13 ? 2.814   -0.594  8.984   1.00 13.92 ? 11  TYR C N   1 
ATOM   657  C CA  . TYR C 1 13 ? 2.121   -1.105  7.775   1.00 14.90 ? 11  TYR C CA  1 
ATOM   658  C C   . TYR C 1 13 ? 2.315   -0.151  6.571   1.00 14.10 ? 11  TYR C C   1 
ATOM   659  O O   . TYR C 1 13 ? 2.340   -0.571  5.418   1.00 13.22 ? 11  TYR C O   1 
ATOM   660  C CB  . TYR C 1 13 ? 0.601   -1.379  8.011   1.00 15.52 ? 11  TYR C CB  1 
ATOM   661  C CG  . TYR C 1 13 ? -0.257  -0.121  8.025   1.00 16.62 ? 11  TYR C CG  1 
ATOM   662  C CD1 . TYR C 1 13 ? -0.671  0.476   6.836   1.00 17.49 ? 11  TYR C CD1 1 
ATOM   663  C CD2 . TYR C 1 13 ? -0.639  0.481   9.223   1.00 17.65 ? 11  TYR C CD2 1 
ATOM   664  C CE1 . TYR C 1 13 ? -1.388  1.656   6.831   1.00 17.56 ? 11  TYR C CE1 1 
ATOM   665  C CE2 . TYR C 1 13 ? -1.399  1.672   9.225   1.00 17.91 ? 11  TYR C CE2 1 
ATOM   666  C CZ  . TYR C 1 13 ? -1.735  2.249   8.005   1.00 18.60 ? 11  TYR C CZ  1 
ATOM   667  O OH  . TYR C 1 13 ? -2.435  3.426   7.920   1.00 22.15 ? 11  TYR C OH  1 
ATOM   668  N N   . GLN C 1 14 ? 2.464   1.130   6.877   1.00 14.40 ? 12  GLN C N   1 
ATOM   669  C CA  . GLN C 1 14 ? 2.631   2.196   5.875   1.00 14.23 ? 12  GLN C CA  1 
ATOM   670  C C   . GLN C 1 14 ? 3.908   2.094   5.083   1.00 14.15 ? 12  GLN C C   1 
ATOM   671  O O   . GLN C 1 14 ? 3.996   2.612   3.973   1.00 15.76 ? 12  GLN C O   1 
ATOM   672  C CB  . GLN C 1 14 ? 2.589   3.550   6.569   1.00 13.75 ? 12  GLN C CB  1 
ATOM   673  C CG  . GLN C 1 14 ? 1.266   3.815   7.234   1.00 13.79 ? 12  GLN C CG  1 
ATOM   674  C CD  . GLN C 1 14 ? 1.287   5.002   8.152   1.00 14.13 ? 12  GLN C CD  1 
ATOM   675  O OE1 . GLN C 1 14 ? 2.337   5.521   8.512   1.00 14.84 ? 12  GLN C OE1 1 
ATOM   676  N NE2 . GLN C 1 14 ? 0.109   5.421   8.568   1.00 14.32 ? 12  GLN C NE2 1 
ATOM   677  N N   . CYS C 1 15 ? 4.893   1.401   5.636   1.00 14.48 ? 13  CYS C N   1 
ATOM   678  C CA  . CYS C 1 15 ? 6.217   1.376   5.058   1.00 14.49 ? 13  CYS C CA  1 
ATOM   679  C C   . CYS C 1 15 ? 6.420   0.269   4.014   1.00 15.05 ? 13  CYS C C   1 
ATOM   680  O O   . CYS C 1 15 ? 7.389   0.288   3.278   1.00 15.35 ? 13  CYS C O   1 
ATOM   681  C CB  . CYS C 1 15 ? 7.221   1.271   6.181   1.00 14.01 ? 13  CYS C CB  1 
ATOM   682  S SG  . CYS C 1 15 ? 7.198   2.701   7.307   1.00 13.86 ? 13  CYS C SG  1 
ATOM   683  N N   . PHE C 1 16 ? 5.508   -0.705  3.964   1.00 15.71 ? 14  PHE C N   1 
ATOM   684  C CA  . PHE C 1 16 ? 5.716   -1.859  3.110   1.00 15.94 ? 14  PHE C CA  1 
ATOM   685  C C   . PHE C 1 16 ? 5.713   -1.532  1.604   1.00 15.20 ? 14  PHE C C   1 
ATOM   686  O O   . PHE C 1 16 ? 6.595   -2.015  0.899   1.00 16.40 ? 14  PHE C O   1 
ATOM   687  C CB  . PHE C 1 16 ? 4.723   -2.996  3.460   1.00 16.11 ? 14  PHE C CB  1 
ATOM   688  C CG  . PHE C 1 16 ? 5.135   -3.788  4.676   1.00 15.93 ? 14  PHE C CG  1 
ATOM   689  C CD1 . PHE C 1 16 ? 4.963   -3.269  5.959   1.00 15.57 ? 14  PHE C CD1 1 
ATOM   690  C CD2 . PHE C 1 16 ? 5.814   -5.009  4.527   1.00 16.18 ? 14  PHE C CD2 1 
ATOM   691  C CE1 . PHE C 1 16 ? 5.347   -3.975  7.081   1.00 15.12 ? 14  PHE C CE1 1 
ATOM   692  C CE2 . PHE C 1 16 ? 6.214   -5.719  5.658   1.00 15.61 ? 14  PHE C CE2 1 
ATOM   693  C CZ  . PHE C 1 16 ? 6.016   -5.184  6.945   1.00 15.39 ? 14  PHE C CZ  1 
ATOM   694  N N   . PRO C 1 17 ? 4.802   -0.674  1.121   1.00 15.40 ? 15  PRO C N   1 
ATOM   695  C CA  . PRO C 1 17 ? 4.865   -0.336  -0.330  1.00 15.77 ? 15  PRO C CA  1 
ATOM   696  C C   . PRO C 1 17 ? 6.129   0.455   -0.707  1.00 16.53 ? 15  PRO C C   1 
ATOM   697  O O   . PRO C 1 17 ? 6.751   0.176   -1.745  1.00 16.87 ? 15  PRO C O   1 
ATOM   698  C CB  . PRO C 1 17 ? 3.612   0.516   -0.557  1.00 14.96 ? 15  PRO C CB  1 
ATOM   699  C CG  . PRO C 1 17 ? 2.671   0.112   0.533   1.00 15.17 ? 15  PRO C CG  1 
ATOM   700  C CD  . PRO C 1 17 ? 3.536   -0.243  1.737   1.00 15.30 ? 15  PRO C CD  1 
ATOM   701  N N   . VAL C 1 18 ? 6.498   1.423   0.129   1.00 16.61 ? 16  VAL C N   1 
ATOM   702  C CA  . VAL C 1 18 ? 7.711   2.191   -0.121  1.00 17.29 ? 16  VAL C CA  1 
ATOM   703  C C   . VAL C 1 18 ? 8.936   1.289   -0.166  1.00 17.10 ? 16  VAL C C   1 
ATOM   704  O O   . VAL C 1 18 ? 9.741   1.384   -1.103  1.00 17.76 ? 16  VAL C O   1 
ATOM   705  C CB  . VAL C 1 18 ? 7.969   3.366   0.821   1.00 18.86 ? 16  VAL C CB  1 
ATOM   706  C CG1 . VAL C 1 18 ? 8.151   2.965   2.237   1.00 20.31 ? 16  VAL C CG1 1 
ATOM   707  C CG2 . VAL C 1 18 ? 9.217   4.085   0.355   1.00 20.63 ? 16  VAL C CG2 1 
ATOM   708  N N   . CYS C 1 19 ? 9.062   0.405   0.816   1.00 15.80 ? 17  CYS C N   1 
ATOM   709  C CA  . CYS C 1 19 ? 10.251  -0.450  0.917   1.00 16.37 ? 17  CYS C CA  1 
ATOM   710  C C   . CYS C 1 19 ? 10.358  -1.430  -0.230  1.00 18.06 ? 17  CYS C C   1 
ATOM   711  O O   . CYS C 1 19 ? 11.443  -1.638  -0.754  1.00 18.67 ? 17  CYS C O   1 
ATOM   712  C CB  . CYS C 1 19 ? 10.234  -1.150  2.272   1.00 15.32 ? 17  CYS C CB  1 
ATOM   713  S SG  . CYS C 1 19 ? 10.465  0.080   3.613   1.00 13.87 ? 17  CYS C SG  1 
ATOM   714  N N   . LYS C 1 20 ? 9.203   -1.943  -0.679  1.00 19.91 ? 18  LYS C N   1 
ATOM   715  C CA  . LYS C 1 20 ? 9.123   -2.840  -1.836  1.00 21.91 ? 18  LYS C CA  1 
ATOM   716  C C   . LYS C 1 20 ? 9.482   -2.104  -3.139  1.00 22.82 ? 18  LYS C C   1 
ATOM   717  O O   . LYS C 1 20 ? 10.349  -2.539  -3.890  1.00 21.21 ? 18  LYS C O   1 
ATOM   718  C CB  . LYS C 1 20 ? 7.707   -3.439  -1.946  1.00 23.71 ? 18  LYS C CB  1 
ATOM   719  C CG  . LYS C 1 20 ? 7.597   -4.665  -2.816  1.00 27.36 ? 18  LYS C CG  1 
ATOM   720  C CD  . LYS C 1 20 ? 8.312   -5.872  -2.181  1.00 29.23 ? 18  LYS C CD  1 
ATOM   721  C CE  . LYS C 1 20 ? 8.120   -7.110  -3.032  1.00 30.70 ? 18  LYS C CE  1 
ATOM   722  N NZ  . LYS C 1 20 ? 8.700   -6.975  -4.402  1.00 29.08 ? 18  LYS C NZ  1 
ATOM   723  N N   . SER C 1 21 ? 8.809   -0.973  -3.378  1.00 24.76 ? 19  SER C N   1 
ATOM   724  C CA  . SER C 1 21 ? 8.988   -0.199  -4.599  1.00 24.93 ? 19  SER C CA  1 
ATOM   725  C C   . SER C 1 21 ? 10.429  0.310   -4.771  1.00 27.11 ? 19  SER C C   1 
ATOM   726  O O   . SER C 1 21 ? 11.022  0.143   -5.834  1.00 26.42 ? 19  SER C O   1 
ATOM   727  C CB  . SER C 1 21 ? 8.025   1.023   -4.631  1.00 24.75 ? 19  SER C CB  1 
ATOM   728  O OG  . SER C 1 21 ? 6.691   0.659   -4.905  1.00 26.91 ? 19  SER C OG  1 
ATOM   729  N N   . ARG C 1 22 ? 10.962  0.949   -3.738  1.00 29.02 ? 20  ARG C N   1 
ATOM   730  C CA  . ARG C 1 22 ? 12.225  1.665   -3.861  1.00 32.87 ? 20  ARG C CA  1 
ATOM   731  C C   . ARG C 1 22 ? 13.403  0.712   -3.833  1.00 31.64 ? 20  ARG C C   1 
ATOM   732  O O   . ARG C 1 22 ? 14.406  0.984   -4.483  1.00 32.09 ? 20  ARG C O   1 
ATOM   733  C CB  . ARG C 1 22 ? 12.430  2.687   -2.721  1.00 35.52 ? 20  ARG C CB  1 
ATOM   734  C CG  . ARG C 1 22 ? 12.239  4.165   -3.141  1.00 42.45 ? 20  ARG C CG  1 
ATOM   735  C CD  . ARG C 1 22 ? 12.949  5.081   -2.169  1.00 46.50 ? 20  ARG C CD  1 
ATOM   736  N NE  . ARG C 1 22 ? 12.327  6.402   -2.095  1.00 50.33 ? 20  ARG C NE  1 
ATOM   737  C CZ  . ARG C 1 22 ? 12.650  7.348   -1.217  1.00 47.31 ? 20  ARG C CZ  1 
ATOM   738  N NH1 . ARG C 1 22 ? 12.020  8.518   -1.247  1.00 45.75 ? 20  ARG C NH1 1 
ATOM   739  N NH2 . ARG C 1 22 ? 13.611  7.170   -0.311  1.00 47.18 ? 20  ARG C NH2 1 
ATOM   740  N N   . PHE C 1 23 ? 13.329  -0.327  -2.998  1.00 29.11 ? 21  PHE C N   1 
ATOM   741  C CA  . PHE C 1 23 ? 14.519  -1.143  -2.714  1.00 28.38 ? 21  PHE C CA  1 
ATOM   742  C C   . PHE C 1 23 ? 14.330  -2.645  -2.915  1.00 28.34 ? 21  PHE C C   1 
ATOM   743  O O   . PHE C 1 23 ? 15.279  -3.404  -2.695  1.00 30.75 ? 21  PHE C O   1 
ATOM   744  C CB  . PHE C 1 23 ? 14.995  -0.897  -1.301  1.00 28.53 ? 21  PHE C CB  1 
ATOM   745  C CG  . PHE C 1 23 ? 15.202  0.544   -0.966  1.00 28.26 ? 21  PHE C CG  1 
ATOM   746  C CD1 . PHE C 1 23 ? 16.260  1.261   -1.505  1.00 28.73 ? 21  PHE C CD1 1 
ATOM   747  C CD2 . PHE C 1 23 ? 14.369  1.170   -0.035  1.00 27.93 ? 21  PHE C CD2 1 
ATOM   748  C CE1 . PHE C 1 23 ? 16.488  2.570   -1.106  1.00 30.13 ? 21  PHE C CE1 1 
ATOM   749  C CE2 . PHE C 1 23 ? 14.593  2.479   0.334   1.00 29.88 ? 21  PHE C CE2 1 
ATOM   750  C CZ  . PHE C 1 23 ? 15.649  3.174   -0.196  1.00 29.86 ? 21  PHE C CZ  1 
ATOM   751  N N   . GLY C 1 24 ? 13.126  -3.074  -3.308  1.00 25.33 ? 22  GLY C N   1 
ATOM   752  C CA  . GLY C 1 24 ? 12.835  -4.487  -3.435  1.00 24.77 ? 22  GLY C CA  1 
ATOM   753  C C   . GLY C 1 24 ? 12.898  -5.222  -2.112  1.00 24.26 ? 22  GLY C C   1 
ATOM   754  O O   . GLY C 1 24 ? 13.070  -6.429  -2.083  1.00 25.61 ? 22  GLY C O   1 
ATOM   755  N N   . LYS C 1 25 ? 12.658  -4.507  -1.014  1.00 23.84 ? 23  LYS C N   1 
ATOM   756  C CA  . LYS C 1 25 ? 12.738  -5.108  0.322   1.00 23.20 ? 23  LYS C CA  1 
ATOM   757  C C   . LYS C 1 25 ? 11.366  -5.499  0.850   1.00 22.44 ? 23  LYS C C   1 
ATOM   758  O O   . LYS C 1 25 ? 10.376  -4.801  0.606   1.00 20.19 ? 23  LYS C O   1 
ATOM   759  C CB  . LYS C 1 25 ? 13.425  -4.154  1.294   1.00 25.29 ? 23  LYS C CB  1 
ATOM   760  C CG  . LYS C 1 25 ? 14.868  -3.876  0.908   1.00 27.03 ? 23  LYS C CG  1 
ATOM   761  C CD  . LYS C 1 25 ? 15.796  -3.719  2.045   1.00 27.44 ? 23  LYS C CD  1 
ATOM   762  C CE  . LYS C 1 25 ? 17.155  -3.397  1.499   1.00 28.96 ? 23  LYS C CE  1 
ATOM   763  N NZ  . LYS C 1 25 ? 17.929  -4.644  1.360   1.00 30.50 ? 23  LYS C NZ  1 
ATOM   764  N N   . THR C 1 26 ? 11.332  -6.588  1.614   1.00 21.52 ? 24  THR C N   1 
ATOM   765  C CA  . THR C 1 26 ? 10.080  -7.259  1.963   1.00 22.77 ? 24  THR C CA  1 
ATOM   766  C C   . THR C 1 26 ? 9.642   -6.958  3.390   1.00 22.22 ? 24  THR C C   1 
ATOM   767  O O   . THR C 1 26 ? 8.635   -7.457  3.844   1.00 22.11 ? 24  THR C O   1 
ATOM   768  C CB  . THR C 1 26 ? 10.184  -8.773  1.771   1.00 23.93 ? 24  THR C CB  1 
ATOM   769  O OG1 . THR C 1 26 ? 11.310  -9.259  2.488   1.00 23.84 ? 24  THR C OG1 1 
ATOM   770  C CG2 . THR C 1 26 ? 10.340  -9.148  0.296   1.00 24.51 ? 24  THR C CG2 1 
ATOM   771  N N   . ASN C 1 27 ? 10.346  -6.054  4.056   1.00 21.34 ? 25  ASN C N   1 
ATOM   772  C CA  . ASN C 1 27 ? 9.981   -5.598  5.375   1.00 20.92 ? 25  ASN C CA  1 
ATOM   773  C C   . ASN C 1 27 ? 10.187  -4.082  5.457   1.00 19.60 ? 25  ASN C C   1 
ATOM   774  O O   . ASN C 1 27 ? 11.198  -3.528  5.006   1.00 17.13 ? 25  ASN C O   1 
ATOM   775  C CB  . ASN C 1 27 ? 10.822  -6.320  6.457   1.00 23.72 ? 25  ASN C CB  1 
ATOM   776  C CG  . ASN C 1 27 ? 10.032  -7.438  7.181   1.00 26.74 ? 25  ASN C CG  1 
ATOM   777  O OD1 . ASN C 1 27 ? 9.008   -7.184  7.810   1.00 28.67 ? 25  ASN C OD1 1 
ATOM   778  N ND2 . ASN C 1 27 ? 10.445  -8.678  6.973   1.00 27.75 ? 25  ASN C ND2 1 
ATOM   779  N N   . GLY C 1 28 ? 9.191   -3.426  6.057   1.00 18.61 ? 26  GLY C N   1 
ATOM   780  C CA  . GLY C 1 28 ? 9.276   -2.043  6.477   1.00 18.97 ? 26  GLY C CA  1 
ATOM   781  C C   . GLY C 1 28 ? 8.966   -1.925  7.968   1.00 18.96 ? 26  GLY C C   1 
ATOM   782  O O   . GLY C 1 28 ? 8.220   -2.738  8.517   1.00 18.20 ? 26  GLY C O   1 
ATOM   783  N N   . ARG C 1 29 ? 9.599   -0.942  8.608   1.00 17.41 ? 27  ARG C N   1 
ATOM   784  C CA  . ARG C 1 29 ? 9.331   -0.597  9.974   1.00 17.80 ? 27  ARG C CA  1 
ATOM   785  C C   . ARG C 1 29 ? 9.289   0.921   10.110  1.00 16.62 ? 27  ARG C C   1 
ATOM   786  O O   . ARG C 1 29 ? 10.174  1.584   9.590   1.00 16.81 ? 27  ARG C O   1 
ATOM   787  C CB  . ARG C 1 29 ? 10.419  -1.181  10.851  1.00 19.45 ? 27  ARG C CB  1 
ATOM   788  C CG  . ARG C 1 29 ? 10.077  -1.302  12.302  1.00 23.08 ? 27  ARG C CG  1 
ATOM   789  C CD  . ARG C 1 29 ? 11.328  -1.513  13.148  1.00 25.87 ? 27  ARG C CD  1 
ATOM   790  N NE  . ARG C 1 29 ? 10.996  -1.849  14.523  1.00 27.47 ? 27  ARG C NE  1 
ATOM   791  C CZ  . ARG C 1 29 ? 11.890  -2.093  15.486  1.00 30.50 ? 27  ARG C CZ  1 
ATOM   792  N NH1 . ARG C 1 29 ? 13.194  -1.967  15.254  1.00 30.43 ? 27  ARG C NH1 1 
ATOM   793  N NH2 . ARG C 1 29 ? 11.467  -2.470  16.687  1.00 32.30 ? 27  ARG C NH2 1 
ATOM   794  N N   . CYS C 1 30 ? 8.300   1.441   10.830  1.00 14.02 ? 28  CYS C N   1 
ATOM   795  C CA  . CYS C 1 30 ? 8.232   2.856   11.155  1.00 15.01 ? 28  CYS C CA  1 
ATOM   796  C C   . CYS C 1 30 ? 9.047   3.093   12.417  1.00 15.68 ? 28  CYS C C   1 
ATOM   797  O O   . CYS C 1 30 ? 8.670   2.626   13.468  1.00 14.75 ? 28  CYS C O   1 
ATOM   798  C CB  . CYS C 1 30 ? 6.782   3.323   11.369  1.00 14.48 ? 28  CYS C CB  1 
ATOM   799  S SG  . CYS C 1 30 ? 6.655   5.119   11.467  1.00 13.98 ? 28  CYS C SG  1 
ATOM   800  N N   . VAL C 1 31 ? 10.173  3.776   12.287  1.00 16.81 ? 29  VAL C N   1 
ATOM   801  C CA  . VAL C 1 31 ? 11.150  3.935   13.366  1.00 16.52 ? 29  VAL C CA  1 
ATOM   802  C C   . VAL C 1 31 ? 11.435  5.425   13.533  1.00 15.96 ? 29  VAL C C   1 
ATOM   803  O O   . VAL C 1 31 ? 11.891  6.075   12.595  1.00 15.40 ? 29  VAL C O   1 
ATOM   804  C CB  . VAL C 1 31 ? 12.509  3.207   13.038  1.00 17.19 ? 29  VAL C CB  1 
ATOM   805  C CG1 . VAL C 1 31 ? 13.554  3.453   14.132  1.00 17.90 ? 29  VAL C CG1 1 
ATOM   806  C CG2 . VAL C 1 31 ? 12.286  1.732   12.869  1.00 17.13 ? 29  VAL C CG2 1 
ATOM   807  N N   . ASN C 1 32 ? 11.125  5.971   14.702  1.00 15.44 ? 30  ASN C N   1 
ATOM   808  C CA  . ASN C 1 32 ? 11.207  7.390   14.952  1.00 17.02 ? 30  ASN C CA  1 
ATOM   809  C C   . ASN C 1 32 ? 10.499  8.240   13.877  1.00 16.36 ? 30  ASN C C   1 
ATOM   810  O O   . ASN C 1 32 ? 11.053  9.243   13.431  1.00 16.37 ? 30  ASN C O   1 
ATOM   811  C CB  . ASN C 1 32 ? 12.674  7.836   15.080  1.00 18.77 ? 30  ASN C CB  1 
ATOM   812  C CG  . ASN C 1 32 ? 13.393  7.156   16.237  1.00 21.72 ? 30  ASN C CG  1 
ATOM   813  O OD1 . ASN C 1 32 ? 12.812  6.867   17.291  1.00 22.80 ? 30  ASN C OD1 1 
ATOM   814  N ND2 . ASN C 1 32 ? 14.638  6.828   16.008  1.00 22.68 ? 30  ASN C ND2 1 
ATOM   815  N N   . GLY C 1 33 ? 9.301   7.822   13.449  1.00 15.55 ? 31  GLY C N   1 
ATOM   816  C CA  . GLY C 1 33 ? 8.493   8.584   12.524  1.00 14.18 ? 31  GLY C CA  1 
ATOM   817  C C   . GLY C 1 33 ? 8.897   8.526   11.057  1.00 13.84 ? 31  GLY C C   1 
ATOM   818  O O   . GLY C 1 33 ? 8.329   9.251   10.207  1.00 12.89 ? 31  GLY C O   1 
ATOM   819  N N   . LEU C 1 34 ? 9.847   7.648   10.729  1.00 13.94 ? 32  LEU C N   1 
ATOM   820  C CA  . LEU C 1 34 ? 10.315  7.467   9.369   1.00 14.51 ? 32  LEU C CA  1 
ATOM   821  C C   . LEU C 1 34 ? 10.355  5.987   8.965   1.00 13.57 ? 32  LEU C C   1 
ATOM   822  O O   . LEU C 1 34 ? 10.690  5.154   9.767   1.00 14.40 ? 32  LEU C O   1 
ATOM   823  C CB  . LEU C 1 34 ? 11.702  8.107   9.182   1.00 16.30 ? 32  LEU C CB  1 
ATOM   824  C CG  . LEU C 1 34 ? 11.776  9.638   9.370   1.00 17.06 ? 32  LEU C CG  1 
ATOM   825  C CD1 . LEU C 1 34 ? 13.220  10.051  9.227   1.00 16.98 ? 32  LEU C CD1 1 
ATOM   826  C CD2 . LEU C 1 34 ? 10.965  10.413  8.350   1.00 17.87 ? 32  LEU C CD2 1 
ATOM   827  N N   . CYS C 1 35 ? 10.054  5.687   7.704   1.00 13.47 ? 33  CYS C N   1 
ATOM   828  C CA  . CYS C 1 35 ? 10.178  4.316   7.194   1.00 13.38 ? 33  CYS C CA  1 
ATOM   829  C C   . CYS C 1 35 ? 11.640  3.856   7.054   1.00 14.41 ? 33  CYS C C   1 
ATOM   830  O O   . CYS C 1 35 ? 12.497  4.564   6.493   1.00 13.32 ? 33  CYS C O   1 
ATOM   831  C CB  . CYS C 1 35 ? 9.450   4.136   5.869   1.00 13.87 ? 33  CYS C CB  1 
ATOM   832  S SG  . CYS C 1 35 ? 7.670   4.238   6.046   1.00 13.57 ? 33  CYS C SG  1 
ATOM   833  N N   . ASP C 1 36 ? 11.898  2.675   7.612   1.00 15.30 ? 34  ASP C N   1 
ATOM   834  C CA  . ASP C 1 36 ? 13.148  1.978   7.463   1.00 16.13 ? 34  ASP C CA  1 
ATOM   835  C C   . ASP C 1 36 ? 12.838  0.641   6.818   1.00 15.96 ? 34  ASP C C   1 
ATOM   836  O O   . ASP C 1 36 ? 11.874  0.013   7.170   1.00 15.22 ? 34  ASP C O   1 
ATOM   837  C CB  . ASP C 1 36 ? 13.772  1.784   8.837   1.00 18.51 ? 34  ASP C CB  1 
ATOM   838  C CG  . ASP C 1 36 ? 15.173  1.237   8.761   1.00 20.44 ? 34  ASP C CG  1 
ATOM   839  O OD1 . ASP C 1 36 ? 15.849  1.386   7.752   1.00 20.26 ? 34  ASP C OD1 1 
ATOM   840  O OD2 . ASP C 1 36 ? 15.645  0.701   9.754   1.00 23.35 ? 34  ASP C OD2 1 
ATOM   841  N N   . CYS C 1 37 ? 13.675  0.217   5.883   1.00 15.72 ? 35  CYS C N   1 
ATOM   842  C CA  . CYS C 1 37 ? 13.397  -0.905  5.020   1.00 16.34 ? 35  CYS C CA  1 
ATOM   843  C C   . CYS C 1 37 ? 14.457  -1.968  5.216   1.00 16.76 ? 35  CYS C C   1 
ATOM   844  O O   . CYS C 1 37 ? 15.633  -1.638  5.359   1.00 16.51 ? 35  CYS C O   1 
ATOM   845  C CB  . CYS C 1 37 ? 13.431  -0.451  3.564   1.00 15.98 ? 35  CYS C CB  1 
ATOM   846  S SG  . CYS C 1 37 ? 12.279  0.871   3.155   1.00 16.12 ? 35  CYS C SG  1 
ATOM   847  N N   . PHE C 1 38 ? 14.058  -3.226  5.227   1.00 17.19 ? 36  PHE C N   1 
ATOM   848  C CA  . PHE C 1 38 ? 15.028  -4.318  5.401   1.00 18.47 ? 36  PHE C CA  1 
ATOM   849  C C   . PHE C 1 38 ? 14.471  -5.634  4.841   1.00 19.29 ? 36  PHE C C   1 
ATOM   850  O O   . PHE C 1 38 ? 13.313  -5.776  4.517   1.00 19.89 ? 36  PHE C O   1 
ATOM   851  C CB  . PHE C 1 38 ? 15.437  -4.461  6.864   1.00 19.31 ? 36  PHE C CB  1 
ATOM   852  C CG  . PHE C 1 38 ? 14.299  -4.824  7.781   1.00 21.39 ? 36  PHE C CG  1 
ATOM   853  C CD1 . PHE C 1 38 ? 13.487  -3.872  8.347   1.00 22.79 ? 36  PHE C CD1 1 
ATOM   854  C CD2 . PHE C 1 38 ? 14.067  -6.184  8.103   1.00 22.16 ? 36  PHE C CD2 1 
ATOM   855  C CE1 . PHE C 1 38 ? 12.447  -4.241  9.194   1.00 23.10 ? 36  PHE C CE1 1 
ATOM   856  C CE2 . PHE C 1 38 ? 13.033  -6.546  8.937   1.00 22.02 ? 36  PHE C CE2 1 
ATOM   857  C CZ  . PHE C 1 38 ? 12.221  -5.568  9.497   1.00 22.85 ? 36  PHE C CZ  1 
ATOM   858  O OXT . PHE C 1 38 ? 15.213  -6.570  4.639   1.00 18.58 ? 36  PHE C OXT 1 
ATOM   859  N N   . GLY D 1 1  ? 9.913   11.154  -17.284 1.00 46.25 ? -1  GLY D N   1 
ATOM   860  C CA  . GLY D 1 1  ? 9.429   12.352  -16.564 1.00 44.79 ? -1  GLY D CA  1 
ATOM   861  C C   . GLY D 1 1  ? 8.484   11.973  -15.447 1.00 43.94 ? -1  GLY D C   1 
ATOM   862  O O   . GLY D 1 1  ? 8.206   10.789  -15.205 1.00 45.47 ? -1  GLY D O   1 
ATOM   863  N N   . SER D 1 2  ? 7.948   12.992  -14.786 1.00 41.81 ? 0   SER D N   1 
ATOM   864  C CA  A SER D 1 2  ? 7.002   12.750  -13.701 0.50 41.52 ? 0   SER D CA  1 
ATOM   865  C CA  B SER D 1 2  ? 6.982   12.827  -13.706 0.50 39.54 ? 0   SER D CA  1 
ATOM   866  C C   . SER D 1 2  ? 5.598   12.525  -14.264 1.00 40.04 ? 0   SER D C   1 
ATOM   867  O O   . SER D 1 2  ? 5.270   12.969  -15.399 1.00 39.71 ? 0   SER D O   1 
ATOM   868  C CB  A SER D 1 2  ? 7.018   13.904  -12.712 0.50 40.94 ? 0   SER D CB  1 
ATOM   869  C CB  B SER D 1 2  ? 6.902   14.109  -12.894 0.50 36.32 ? 0   SER D CB  1 
ATOM   870  O OG  A SER D 1 2  ? 6.264   13.560  -11.575 0.50 43.20 ? 0   SER D OG  1 
ATOM   871  O OG  B SER D 1 2  ? 6.163   15.082  -13.604 0.50 34.46 ? 0   SER D OG  1 
ATOM   872  N N   . ARG D 1 3  ? 4.784   11.798  -13.501 1.00 36.04 ? 1   ARG D N   1 
ATOM   873  C CA  . ARG D 1 3  ? 3.386   11.611  -13.833 1.00 35.82 ? 1   ARG D CA  1 
ATOM   874  C C   . ARG D 1 3  ? 2.531   12.060  -12.649 1.00 31.95 ? 1   ARG D C   1 
ATOM   875  O O   . ARG D 1 3  ? 2.488   11.375  -11.629 1.00 27.22 ? 1   ARG D O   1 
ATOM   876  C CB  . ARG D 1 3  ? 3.101   10.137  -14.204 1.00 41.11 ? 1   ARG D CB  1 
ATOM   877  C CG  . ARG D 1 3  ? 3.852   9.665   -15.450 1.00 48.15 ? 1   ARG D CG  1 
ATOM   878  C CD  . ARG D 1 3  ? 3.267   10.277  -16.701 1.00 52.93 ? 1   ARG D CD  1 
ATOM   879  N NE  . ARG D 1 3  ? 3.807   9.652   -17.905 1.00 57.23 ? 1   ARG D NE  1 
ATOM   880  C CZ  . ARG D 1 3  ? 4.910   10.049  -18.541 1.00 59.42 ? 1   ARG D CZ  1 
ATOM   881  N NH1 . ARG D 1 3  ? 5.619   11.090  -18.101 1.00 60.54 ? 1   ARG D NH1 1 
ATOM   882  N NH2 . ARG D 1 3  ? 5.307   9.402   -19.632 1.00 60.79 ? 1   ARG D NH2 1 
ATOM   883  N N   . PRO D 1 4  ? 1.869   13.225  -12.770 1.00 30.48 ? 2   PRO D N   1 
ATOM   884  C CA  . PRO D 1 4  ? 0.881   13.619  -11.758 1.00 28.09 ? 2   PRO D CA  1 
ATOM   885  C C   . PRO D 1 4  ? -0.381  12.765  -11.862 1.00 26.83 ? 2   PRO D C   1 
ATOM   886  O O   . PRO D 1 4  ? -0.702  12.263  -12.936 1.00 28.40 ? 2   PRO D O   1 
ATOM   887  C CB  . PRO D 1 4  ? 0.579   15.071  -12.085 1.00 28.75 ? 2   PRO D CB  1 
ATOM   888  C CG  . PRO D 1 4  ? 1.783   15.563  -12.853 1.00 29.80 ? 2   PRO D CG  1 
ATOM   889  C CD  . PRO D 1 4  ? 2.255   14.352  -13.637 1.00 30.52 ? 2   PRO D CD  1 
ATOM   890  N N   . THR D 1 5  ? -1.058  12.562  -10.732 1.00 23.53 ? 3   THR D N   1 
ATOM   891  C CA  . THR D 1 5  ? -2.266  11.763  -10.687 1.00 21.94 ? 3   THR D CA  1 
ATOM   892  C C   . THR D 1 5  ? -3.388  12.563  -10.044 1.00 21.02 ? 3   THR D C   1 
ATOM   893  O O   . THR D 1 5  ? -3.163  13.591  -9.434  1.00 20.70 ? 3   THR D O   1 
ATOM   894  C CB  . THR D 1 5  ? -2.086  10.470  -9.842  1.00 22.42 ? 3   THR D CB  1 
ATOM   895  O OG1 . THR D 1 5  ? -2.043  10.829  -8.449  1.00 20.60 ? 3   THR D OG1 1 
ATOM   896  C CG2 . THR D 1 5  ? -0.863  9.744   -10.241 1.00 22.95 ? 3   THR D CG2 1 
ATOM   897  N N   . ASP D 1 6  ? -4.579  12.017  -10.190 1.00 21.73 ? 4   ASP D N   1 
ATOM   898  C CA  . ASP D 1 6  ? -5.796  12.464  -9.527  1.00 23.94 ? 4   ASP D CA  1 
ATOM   899  C C   . ASP D 1 6  ? -6.086  11.720  -8.205  1.00 22.92 ? 4   ASP D C   1 
ATOM   900  O O   . ASP D 1 6  ? -7.141  11.900  -7.645  1.00 25.25 ? 4   ASP D O   1 
ATOM   901  C CB  . ASP D 1 6  ? -6.968  12.285  -10.524 1.00 25.82 ? 4   ASP D CB  1 
ATOM   902  C CG  . ASP D 1 6  ? -7.306  10.797  -10.849 1.00 28.30 ? 4   ASP D CG  1 
ATOM   903  O OD1 . ASP D 1 6  ? -6.475  9.886   -10.654 1.00 25.16 ? 4   ASP D OD1 1 
ATOM   904  O OD2 . ASP D 1 6  ? -8.415  10.542  -11.366 1.00 35.51 ? 4   ASP D OD2 1 
ATOM   905  N N   . ILE D 1 7  ? -5.130  10.928  -7.710  1.00 21.14 ? 5   ILE D N   1 
ATOM   906  C CA  . ILE D 1 7  ? -5.334  10.174  -6.488  1.00 21.22 ? 5   ILE D CA  1 
ATOM   907  C C   . ILE D 1 7  ? -4.994  11.051  -5.290  1.00 19.77 ? 5   ILE D C   1 
ATOM   908  O O   . ILE D 1 7  ? -3.857  11.489  -5.131  1.00 19.82 ? 5   ILE D O   1 
ATOM   909  C CB  . ILE D 1 7  ? -4.467  8.899   -6.444  1.00 22.42 ? 5   ILE D CB  1 
ATOM   910  C CG1 . ILE D 1 7  ? -4.805  7.977   -7.624  1.00 22.97 ? 5   ILE D CG1 1 
ATOM   911  C CG2 . ILE D 1 7  ? -4.709  8.166   -5.133  1.00 21.81 ? 5   ILE D CG2 1 
ATOM   912  C CD1 . ILE D 1 7  ? -6.271  7.589   -7.740  1.00 23.93 ? 5   ILE D CD1 1 
ATOM   913  N N   . LYS D 1 8  ? -5.984  11.277  -4.435  1.00 20.08 ? 6   LYS D N   1 
ATOM   914  C CA  . LYS D 1 8  ? -5.827  12.084  -3.244  1.00 20.75 ? 6   LYS D CA  1 
ATOM   915  C C   . LYS D 1 8  ? -4.968  11.402  -2.161  1.00 19.52 ? 6   LYS D C   1 
ATOM   916  O O   . LYS D 1 8  ? -4.976  10.191  -2.006  1.00 20.70 ? 6   LYS D O   1 
ATOM   917  C CB  . LYS D 1 8  ? -7.200  12.463  -2.685  1.00 22.60 ? 6   LYS D CB  1 
ATOM   918  C CG  . LYS D 1 8  ? -7.920  13.553  -3.522  1.00 24.50 ? 6   LYS D CG  1 
ATOM   919  C CD  . LYS D 1 8  ? -9.088  14.125  -2.706  1.00 25.23 ? 6   LYS D CD  1 
ATOM   920  C CE  . LYS D 1 8  ? -10.262 14.598  -3.540  1.00 25.82 ? 6   LYS D CE  1 
ATOM   921  N NZ  . LYS D 1 8  ? -11.433 14.776  -2.652  1.00 26.47 ? 6   LYS D NZ  1 
ATOM   922  N N   . CYS D 1 9  ? -4.221  12.217  -1.439  1.00 18.39 ? 7   CYS D N   1 
ATOM   923  C CA  . CYS D 1 9  ? -3.311  11.744  -0.418  1.00 17.14 ? 7   CYS D CA  1 
ATOM   924  C C   . CYS D 1 9  ? -3.130  12.784  0.668   1.00 16.86 ? 7   CYS D C   1 
ATOM   925  O O   . CYS D 1 9  ? -3.361  13.967  0.451   1.00 16.25 ? 7   CYS D O   1 
ATOM   926  C CB  . CYS D 1 9  ? -1.949  11.384  -1.021  1.00 16.33 ? 7   CYS D CB  1 
ATOM   927  S SG  . CYS D 1 9  ? -1.134  12.712  -1.970  1.00 14.69 ? 7   CYS D SG  1 
ATOM   928  N N   . SER D 1 10 ? -2.713  12.319  1.841   1.00 16.90 ? 8   SER D N   1 
ATOM   929  C CA  . SER D 1 10 ? -2.263  13.193  2.903   1.00 17.56 ? 8   SER D CA  1 
ATOM   930  C C   . SER D 1 10 ? -0.815  12.948  3.325   1.00 18.62 ? 8   SER D C   1 
ATOM   931  O O   . SER D 1 10 ? -0.255  13.742  4.060   1.00 22.65 ? 8   SER D O   1 
ATOM   932  C CB  . SER D 1 10 ? -3.197  13.044  4.119   1.00 16.51 ? 8   SER D CB  1 
ATOM   933  O OG  . SER D 1 10 ? -3.138  11.740  4.627   1.00 14.78 ? 8   SER D OG  1 
ATOM   934  N N   . ALA D 1 11 ? -0.211  11.855  2.865   1.00 17.78 ? 9   ALA D N   1 
ATOM   935  C CA  . ALA D 1 11 ? 1.190   11.544  3.157   1.00 16.87 ? 9   ALA D CA  1 
ATOM   936  C C   . ALA D 1 11 ? 1.783   10.770  1.991   1.00 15.95 ? 9   ALA D C   1 
ATOM   937  O O   . ALA D 1 11 ? 1.073   9.968   1.340   1.00 15.90 ? 9   ALA D O   1 
ATOM   938  C CB  . ALA D 1 11 ? 1.281   10.720  4.434   1.00 17.20 ? 9   ALA D CB  1 
ATOM   939  N N   . SER D 1 12 ? 3.076   10.947  1.760   1.00 13.73 ? 10  SER D N   1 
ATOM   940  C CA  . SER D 1 12 ? 3.735   10.327  0.612   1.00 13.16 ? 10  SER D CA  1 
ATOM   941  C C   . SER D 1 12 ? 3.728   8.788   0.611   1.00 12.91 ? 10  SER D C   1 
ATOM   942  O O   . SER D 1 12 ? 3.668   8.202   -0.468  1.00 11.89 ? 10  SER D O   1 
ATOM   943  C CB  . SER D 1 12 ? 5.162   10.847  0.442   1.00 13.57 ? 10  SER D CB  1 
ATOM   944  O OG  . SER D 1 12 ? 5.118   12.203  0.051   1.00 12.80 ? 10  SER D OG  1 
ATOM   945  N N   . TYR D 1 13 ? 3.720   8.139   1.784   1.00 12.17 ? 11  TYR D N   1 
ATOM   946  C CA  . TYR D 1 13 ? 3.694   6.649   1.829   1.00 12.84 ? 11  TYR D CA  1 
ATOM   947  C C   . TYR D 1 13 ? 2.500   6.075   1.064   1.00 12.72 ? 11  TYR D C   1 
ATOM   948  O O   . TYR D 1 13 ? 2.578   4.992   0.483   1.00 13.52 ? 11  TYR D O   1 
ATOM   949  C CB  . TYR D 1 13 ? 3.725   6.116   3.306   1.00 13.20 ? 11  TYR D CB  1 
ATOM   950  C CG  . TYR D 1 13 ? 2.375   6.216   3.998   1.00 13.42 ? 11  TYR D CG  1 
ATOM   951  C CD1 . TYR D 1 13 ? 1.385   5.238   3.781   1.00 13.47 ? 11  TYR D CD1 1 
ATOM   952  C CD2 . TYR D 1 13 ? 2.085   7.276   4.873   1.00 13.54 ? 11  TYR D CD2 1 
ATOM   953  C CE1 . TYR D 1 13 ? 0.149   5.324   4.382   1.00 13.79 ? 11  TYR D CE1 1 
ATOM   954  C CE2 . TYR D 1 13 ? 0.845   7.353   5.498   1.00 14.06 ? 11  TYR D CE2 1 
ATOM   955  C CZ  . TYR D 1 13 ? -0.118  6.359   5.243   1.00 14.21 ? 11  TYR D CZ  1 
ATOM   956  O OH  . TYR D 1 13 ? -1.356  6.416   5.813   1.00 13.14 ? 11  TYR D OH  1 
ATOM   957  N N   . GLN D 1 14 ? 1.406   6.840   1.026   1.00 12.91 ? 12  GLN D N   1 
ATOM   958  C CA  . GLN D 1 14 ? 0.165   6.448   0.360   1.00 13.14 ? 12  GLN D CA  1 
ATOM   959  C C   . GLN D 1 14 ? 0.300   6.382   -1.157  1.00 13.34 ? 12  GLN D C   1 
ATOM   960  O O   . GLN D 1 14 ? -0.478  5.714   -1.804  1.00 13.33 ? 12  GLN D O   1 
ATOM   961  C CB  . GLN D 1 14 ? -0.926  7.463   0.698   1.00 13.43 ? 12  GLN D CB  1 
ATOM   962  C CG  . GLN D 1 14 ? -1.251  7.532   2.166   1.00 13.79 ? 12  GLN D CG  1 
ATOM   963  C CD  . GLN D 1 14 ? -2.081  8.706   2.557   1.00 14.41 ? 12  GLN D CD  1 
ATOM   964  O OE1 . GLN D 1 14 ? -2.267  9.641   1.787   1.00 15.07 ? 12  GLN D OE1 1 
ATOM   965  N NE2 . GLN D 1 14 ? -2.560  8.696   3.788   1.00 14.65 ? 12  GLN D NE2 1 
ATOM   966  N N   . CYS D 1 15 ? 1.311   7.038   -1.709  1.00 15.32 ? 13  CYS D N   1 
ATOM   967  C CA  . CYS D 1 15 ? 1.448   7.175   -3.144  1.00 16.94 ? 13  CYS D CA  1 
ATOM   968  C C   . CYS D 1 15 ? 2.215   6.045   -3.833  1.00 18.60 ? 13  CYS D C   1 
ATOM   969  O O   . CYS D 1 15 ? 2.199   5.922   -5.047  1.00 17.99 ? 13  CYS D O   1 
ATOM   970  C CB  . CYS D 1 15 ? 2.100   8.517   -3.467  1.00 17.30 ? 13  CYS D CB  1 
ATOM   971  S SG  . CYS D 1 15 ? 1.029   9.889   -3.020  1.00 16.93 ? 13  CYS D SG  1 
ATOM   972  N N   . PHE D 1 16 ? 2.896   5.229   -3.043  1.00 19.16 ? 14  PHE D N   1 
ATOM   973  C CA  . PHE D 1 16 ? 3.771   4.222   -3.630  1.00 19.49 ? 14  PHE D CA  1 
ATOM   974  C C   . PHE D 1 16 ? 3.030   3.112   -4.402  1.00 20.16 ? 14  PHE D C   1 
ATOM   975  O O   . PHE D 1 16 ? 3.426   2.784   -5.517  1.00 20.87 ? 14  PHE D O   1 
ATOM   976  C CB  . PHE D 1 16 ? 4.762   3.722   -2.587  1.00 19.91 ? 14  PHE D CB  1 
ATOM   977  C CG  . PHE D 1 16 ? 5.913   4.694   -2.362  1.00 21.38 ? 14  PHE D CG  1 
ATOM   978  C CD1 . PHE D 1 16 ? 5.759   5.776   -1.508  1.00 21.22 ? 14  PHE D CD1 1 
ATOM   979  C CD2 . PHE D 1 16 ? 7.106   4.587   -3.103  1.00 21.81 ? 14  PHE D CD2 1 
ATOM   980  C CE1 . PHE D 1 16 ? 6.798   6.736   -1.385  1.00 20.85 ? 14  PHE D CE1 1 
ATOM   981  C CE2 . PHE D 1 16 ? 8.137   5.470   -2.904  1.00 21.02 ? 14  PHE D CE2 1 
ATOM   982  C CZ  . PHE D 1 16 ? 7.996   6.549   -2.038  1.00 21.34 ? 14  PHE D CZ  1 
ATOM   983  N N   . PRO D 1 17 ? 1.909   2.602   -3.862  1.00 19.86 ? 15  PRO D N   1 
ATOM   984  C CA  . PRO D 1 17 ? 1.157   1.584   -4.646  1.00 19.41 ? 15  PRO D CA  1 
ATOM   985  C C   . PRO D 1 17 ? 0.528   2.149   -5.927  1.00 20.29 ? 15  PRO D C   1 
ATOM   986  O O   . PRO D 1 17 ? 0.561   1.518   -6.980  1.00 20.44 ? 15  PRO D O   1 
ATOM   987  C CB  . PRO D 1 17 ? 0.070   1.116   -3.666  1.00 18.58 ? 15  PRO D CB  1 
ATOM   988  C CG  . PRO D 1 17 ? 0.636   1.411   -2.322  1.00 19.20 ? 15  PRO D CG  1 
ATOM   989  C CD  . PRO D 1 17 ? 1.443   2.672   -2.460  1.00 19.14 ? 15  PRO D CD  1 
ATOM   990  N N   . VAL D 1 18 ? -0.032  3.341   -5.827  1.00 20.65 ? 16  VAL D N   1 
ATOM   991  C CA  . VAL D 1 18 ? -0.593  4.049   -6.965  1.00 23.69 ? 16  VAL D CA  1 
ATOM   992  C C   . VAL D 1 18 ? 0.464   4.208   -8.073  1.00 22.51 ? 16  VAL D C   1 
ATOM   993  O O   . VAL D 1 18 ? 0.219   3.875   -9.230  1.00 20.86 ? 16  VAL D O   1 
ATOM   994  C CB  . VAL D 1 18 ? -1.094  5.475   -6.564  1.00 26.51 ? 16  VAL D CB  1 
ATOM   995  C CG1 . VAL D 1 18 ? -1.880  6.045   -7.738  1.00 26.69 ? 16  VAL D CG1 1 
ATOM   996  C CG2 . VAL D 1 18 ? -1.912  5.445   -5.252  1.00 29.21 ? 16  VAL D CG2 1 
ATOM   997  N N   . CYS D 1 19 ? 1.620   4.754   -7.707  1.00 22.13 ? 17  CYS D N   1 
ATOM   998  C CA  . CYS D 1 19 ? 2.662   5.085   -8.682  1.00 22.50 ? 17  CYS D CA  1 
ATOM   999  C C   . CYS D 1 19 ? 3.217   3.831   -9.337  1.00 24.43 ? 17  CYS D C   1 
ATOM   1000 O O   . CYS D 1 19 ? 3.460   3.844   -10.531 1.00 23.50 ? 17  CYS D O   1 
ATOM   1001 C CB  . CYS D 1 19 ? 3.766   5.919   -8.012  1.00 21.44 ? 17  CYS D CB  1 
ATOM   1002 S SG  . CYS D 1 19 ? 3.158   7.569   -7.557  1.00 21.46 ? 17  CYS D SG  1 
ATOM   1003 N N   . LYS D 1 20 ? 3.341   2.749   -8.563  1.00 27.20 ? 18  LYS D N   1 
ATOM   1004 C CA  . LYS D 1 20 ? 3.779   1.451   -9.067  1.00 30.73 ? 18  LYS D CA  1 
ATOM   1005 C C   . LYS D 1 20 ? 2.751   0.829   -10.017 1.00 31.38 ? 18  LYS D C   1 
ATOM   1006 O O   . LYS D 1 20 ? 3.075   0.469   -11.143 1.00 31.23 ? 18  LYS D O   1 
ATOM   1007 C CB  . LYS D 1 20 ? 4.053   0.483   -7.901  1.00 33.94 ? 18  LYS D CB  1 
ATOM   1008 C CG  . LYS D 1 20 ? 4.930   -0.715  -8.264  1.00 35.89 ? 18  LYS D CG  1 
ATOM   1009 C CD  . LYS D 1 20 ? 6.369   -0.251  -8.478  1.00 37.34 ? 18  LYS D CD  1 
ATOM   1010 C CE  . LYS D 1 20 ? 7.327   -1.405  -8.618  1.00 39.57 ? 18  LYS D CE  1 
ATOM   1011 N NZ  . LYS D 1 20 ? 7.041   -2.183  -9.861  1.00 39.16 ? 18  LYS D NZ  1 
ATOM   1012 N N   . SER D 1 21 ? 1.506   0.736   -9.567  1.00 31.62 ? 19  SER D N   1 
ATOM   1013 C CA  . SER D 1 21 ? 0.418   0.135   -10.347 1.00 32.69 ? 19  SER D CA  1 
ATOM   1014 C C   . SER D 1 21 ? 0.175   0.853   -11.669 1.00 34.28 ? 19  SER D C   1 
ATOM   1015 O O   . SER D 1 21 ? 0.085   0.227   -12.710 1.00 39.00 ? 19  SER D O   1 
ATOM   1016 C CB  . SER D 1 21 ? -0.914  0.111   -9.533  1.00 33.51 ? 19  SER D CB  1 
ATOM   1017 O OG  . SER D 1 21 ? -0.921  -0.896  -8.538  1.00 34.85 ? 19  SER D OG  1 
ATOM   1018 N N   . ARG D 1 22 ? 0.014   2.169   -11.613 1.00 35.27 ? 20  ARG D N   1 
ATOM   1019 C CA  . ARG D 1 22 ? -0.442  2.933   -12.770 1.00 37.92 ? 20  ARG D CA  1 
ATOM   1020 C C   . ARG D 1 22 ? 0.665   3.145   -13.762 1.00 36.87 ? 20  ARG D C   1 
ATOM   1021 O O   . ARG D 1 22 ? 0.399   3.174   -14.963 1.00 35.22 ? 20  ARG D O   1 
ATOM   1022 C CB  . ARG D 1 22 ? -0.969  4.306   -12.358 1.00 39.97 ? 20  ARG D CB  1 
ATOM   1023 C CG  . ARG D 1 22 ? -2.204  4.238   -11.483 1.00 42.86 ? 20  ARG D CG  1 
ATOM   1024 C CD  . ARG D 1 22 ? -3.478  4.437   -12.311 1.00 42.77 ? 20  ARG D CD  1 
ATOM   1025 N NE  . ARG D 1 22 ? -3.895  5.841   -12.318 1.00 44.06 ? 20  ARG D NE  1 
ATOM   1026 C CZ  . ARG D 1 22 ? -4.973  6.333   -11.691 1.00 42.83 ? 20  ARG D CZ  1 
ATOM   1027 N NH1 . ARG D 1 22 ? -5.239  7.629   -11.768 1.00 41.67 ? 20  ARG D NH1 1 
ATOM   1028 N NH2 . ARG D 1 22 ? -5.786  5.549   -10.977 1.00 41.35 ? 20  ARG D NH2 1 
ATOM   1029 N N   . PHE D 1 23 ? 1.889   3.394   -13.277 1.00 37.38 ? 21  PHE D N   1 
ATOM   1030 C CA  . PHE D 1 23 ? 2.976   3.853   -14.160 1.00 36.40 ? 21  PHE D CA  1 
ATOM   1031 C C   . PHE D 1 23 ? 4.263   3.045   -14.082 1.00 32.43 ? 21  PHE D C   1 
ATOM   1032 O O   . PHE D 1 23 ? 5.210   3.342   -14.794 1.00 31.20 ? 21  PHE D O   1 
ATOM   1033 C CB  . PHE D 1 23 ? 3.293   5.312   -13.878 1.00 38.60 ? 21  PHE D CB  1 
ATOM   1034 C CG  . PHE D 1 23 ? 2.100   6.212   -13.920 1.00 42.65 ? 21  PHE D CG  1 
ATOM   1035 C CD1 . PHE D 1 23 ? 1.453   6.491   -15.133 1.00 43.64 ? 21  PHE D CD1 1 
ATOM   1036 C CD2 . PHE D 1 23 ? 1.640   6.818   -12.762 1.00 43.50 ? 21  PHE D CD2 1 
ATOM   1037 C CE1 . PHE D 1 23 ? 0.372   7.341   -15.174 1.00 44.26 ? 21  PHE D CE1 1 
ATOM   1038 C CE2 . PHE D 1 23 ? 0.557   7.670   -12.807 1.00 44.91 ? 21  PHE D CE2 1 
ATOM   1039 C CZ  . PHE D 1 23 ? -0.075  7.947   -14.016 1.00 45.95 ? 21  PHE D CZ  1 
ATOM   1040 N N   . GLY D 1 24 ? 4.298   2.024   -13.230 1.00 30.74 ? 22  GLY D N   1 
ATOM   1041 C CA  . GLY D 1 24 ? 5.514   1.246   -13.024 1.00 32.86 ? 22  GLY D CA  1 
ATOM   1042 C C   . GLY D 1 24 ? 6.626   2.058   -12.400 1.00 31.89 ? 22  GLY D C   1 
ATOM   1043 O O   . GLY D 1 24 ? 7.786   1.689   -12.510 1.00 34.74 ? 22  GLY D O   1 
ATOM   1044 N N   . LYS D 1 25 ? 6.275   3.124   -11.687 1.00 30.14 ? 23  LYS D N   1 
ATOM   1045 C CA  . LYS D 1 25 ? 7.280   4.019   -11.086 1.00 30.51 ? 23  LYS D CA  1 
ATOM   1046 C C   . LYS D 1 25 ? 7.533   3.696   -9.627  1.00 28.44 ? 23  LYS D C   1 
ATOM   1047 O O   . LYS D 1 25 ? 6.604   3.332   -8.897  1.00 29.70 ? 23  LYS D O   1 
ATOM   1048 C CB  . LYS D 1 25 ? 6.855   5.470   -11.246 1.00 30.73 ? 23  LYS D CB  1 
ATOM   1049 C CG  . LYS D 1 25 ? 6.783   5.905   -12.703 1.00 33.08 ? 23  LYS D CG  1 
ATOM   1050 C CD  . LYS D 1 25 ? 7.010   7.375   -12.811 1.00 34.33 ? 23  LYS D CD  1 
ATOM   1051 C CE  . LYS D 1 25 ? 6.619   7.942   -14.154 1.00 35.11 ? 23  LYS D CE  1 
ATOM   1052 N NZ  . LYS D 1 25 ? 7.679   7.655   -15.127 1.00 35.06 ? 23  LYS D NZ  1 
ATOM   1053 N N   . THR D 1 26 ? 8.778   3.844   -9.194  1.00 29.00 ? 24  THR D N   1 
ATOM   1054 C CA  . THR D 1 26 ? 9.191   3.350   -7.866  1.00 29.05 ? 24  THR D CA  1 
ATOM   1055 C C   . THR D 1 26 ? 9.333   4.498   -6.876  1.00 29.04 ? 24  THR D C   1 
ATOM   1056 O O   . THR D 1 26 ? 9.740   4.280   -5.744  1.00 32.17 ? 24  THR D O   1 
ATOM   1057 C CB  . THR D 1 26 ? 10.509  2.550   -7.927  1.00 28.99 ? 24  THR D CB  1 
ATOM   1058 O OG1 . THR D 1 26 ? 11.491  3.343   -8.571  1.00 27.78 ? 24  THR D OG1 1 
ATOM   1059 C CG2 . THR D 1 26 ? 10.337  1.257   -8.717  1.00 29.25 ? 24  THR D CG2 1 
ATOM   1060 N N   . ASN D 1 27 ? 8.978   5.724   -7.303  1.00 28.72 ? 25  ASN D N   1 
ATOM   1061 C CA  . ASN D 1 27 ? 8.965   6.842   -6.405  1.00 28.87 ? 25  ASN D CA  1 
ATOM   1062 C C   . ASN D 1 27 ? 7.649   7.639   -6.511  1.00 29.66 ? 25  ASN D C   1 
ATOM   1063 O O   . ASN D 1 27 ? 7.093   7.836   -7.607  1.00 25.54 ? 25  ASN D O   1 
ATOM   1064 C CB  . ASN D 1 27 ? 10.170  7.709   -6.669  1.00 28.43 ? 25  ASN D CB  1 
ATOM   1065 C CG  . ASN D 1 27 ? 10.928  8.017   -5.412  1.00 30.94 ? 25  ASN D CG  1 
ATOM   1066 O OD1 . ASN D 1 27 ? 10.353  8.261   -4.335  1.00 31.60 ? 25  ASN D OD1 1 
ATOM   1067 N ND2 . ASN D 1 27 ? 12.231  7.943   -5.508  1.00 32.34 ? 25  ASN D ND2 1 
ATOM   1068 N N   . GLY D 1 28 ? 7.112   7.978   -5.361  1.00 31.23 ? 26  GLY D N   1 
ATOM   1069 C CA  . GLY D 1 28 ? 5.892   8.749   -5.232  1.00 33.02 ? 26  GLY D CA  1 
ATOM   1070 C C   . GLY D 1 28 ? 6.113   9.849   -4.209  1.00 29.25 ? 26  GLY D C   1 
ATOM   1071 O O   . GLY D 1 28 ? 6.912   9.699   -3.284  1.00 26.17 ? 26  GLY D O   1 
ATOM   1072 N N   . ARG D 1 29 ? 5.363   10.939  -4.372  1.00 26.32 ? 27  ARG D N   1 
ATOM   1073 C CA  . ARG D 1 29 ? 5.319   12.010  -3.392  1.00 23.56 ? 27  ARG D CA  1 
ATOM   1074 C C   . ARG D 1 29 ? 3.920   12.569  -3.340  1.00 20.80 ? 27  ARG D C   1 
ATOM   1075 O O   . ARG D 1 29 ? 3.298   12.764  -4.398  1.00 21.29 ? 27  ARG D O   1 
ATOM   1076 C CB  . ARG D 1 29 ? 6.306   13.126  -3.771  1.00 23.36 ? 27  ARG D CB  1 
ATOM   1077 C CG  . ARG D 1 29 ? 6.900   13.761  -2.529  1.00 24.77 ? 27  ARG D CG  1 
ATOM   1078 C CD  . ARG D 1 29 ? 8.044   12.903  -1.937  1.00 25.46 ? 27  ARG D CD  1 
ATOM   1079 N NE  . ARG D 1 29 ? 8.181   13.081  -0.489  1.00 26.09 ? 27  ARG D NE  1 
ATOM   1080 C CZ  . ARG D 1 29 ? 9.087   12.465  0.268   1.00 27.38 ? 27  ARG D CZ  1 
ATOM   1081 N NH1 . ARG D 1 29 ? 9.943   11.596  -0.263  1.00 27.97 ? 27  ARG D NH1 1 
ATOM   1082 N NH2 . ARG D 1 29 ? 9.109   12.671  1.575   1.00 26.42 ? 27  ARG D NH2 1 
ATOM   1083 N N   . CYS D 1 30 ? 3.427   12.861  -2.129  1.00 18.32 ? 28  CYS D N   1 
ATOM   1084 C CA  . CYS D 1 30 ? 2.142   13.546  -1.966  1.00 18.12 ? 28  CYS D CA  1 
ATOM   1085 C C   . CYS D 1 30 ? 2.401   15.039  -2.044  1.00 18.75 ? 28  CYS D C   1 
ATOM   1086 O O   . CYS D 1 30 ? 3.052   15.580  -1.164  1.00 17.86 ? 28  CYS D O   1 
ATOM   1087 C CB  . CYS D 1 30 ? 1.481   13.196  -0.634  1.00 17.34 ? 28  CYS D CB  1 
ATOM   1088 S SG  . CYS D 1 30 ? -0.210  13.785  -0.562  1.00 17.64 ? 28  CYS D SG  1 
ATOM   1089 N N   . VAL D 1 31 ? 1.923   15.673  -3.113  1.00 18.98 ? 29  VAL D N   1 
ATOM   1090 C CA  . VAL D 1 31 ? 2.216   17.094  -3.377  1.00 22.11 ? 29  VAL D CA  1 
ATOM   1091 C C   . VAL D 1 31 ? 0.890   17.821  -3.517  1.00 22.62 ? 29  VAL D C   1 
ATOM   1092 O O   . VAL D 1 31 ? 0.112   17.499  -4.405  1.00 21.87 ? 29  VAL D O   1 
ATOM   1093 C CB  . VAL D 1 31 ? 3.048   17.277  -4.683  1.00 23.57 ? 29  VAL D CB  1 
ATOM   1094 C CG1 . VAL D 1 31 ? 3.271   18.764  -4.987  1.00 25.81 ? 29  VAL D CG1 1 
ATOM   1095 C CG2 . VAL D 1 31 ? 4.366   16.524  -4.577  1.00 25.56 ? 29  VAL D CG2 1 
ATOM   1096 N N   . ASN D 1 32 ? 0.628   18.761  -2.619  1.00 21.92 ? 30  ASN D N   1 
ATOM   1097 C CA  . ASN D 1 32 ? -0.631  19.490  -2.582  1.00 24.92 ? 30  ASN D CA  1 
ATOM   1098 C C   . ASN D 1 32 ? -1.856  18.575  -2.598  1.00 22.65 ? 30  ASN D C   1 
ATOM   1099 O O   . ASN D 1 32 ? -2.806  18.809  -3.367  1.00 21.62 ? 30  ASN D O   1 
ATOM   1100 C CB  . ASN D 1 32 ? -0.709  20.485  -3.760  1.00 30.59 ? 30  ASN D CB  1 
ATOM   1101 C CG  . ASN D 1 32 ? 0.399   21.530  -3.718  1.00 35.18 ? 30  ASN D CG  1 
ATOM   1102 O OD1 . ASN D 1 32 ? 1.031   21.812  -4.744  1.00 36.68 ? 30  ASN D OD1 1 
ATOM   1103 N ND2 . ASN D 1 32 ? 0.681   22.072  -2.512  1.00 37.81 ? 30  ASN D ND2 1 
ATOM   1104 N N   . GLY D 1 33 ? -1.820  17.510  -1.793  1.00 19.69 ? 31  GLY D N   1 
ATOM   1105 C CA  . GLY D 1 33 ? -2.947  16.610  -1.677  1.00 19.37 ? 31  GLY D CA  1 
ATOM   1106 C C   . GLY D 1 33 ? -3.191  15.625  -2.799  1.00 17.23 ? 31  GLY D C   1 
ATOM   1107 O O   . GLY D 1 33 ? -4.196  14.917  -2.790  1.00 16.78 ? 31  GLY D O   1 
ATOM   1108 N N   . LEU D 1 34 ? -2.257  15.523  -3.732  1.00 18.00 ? 32  LEU D N   1 
ATOM   1109 C CA  . LEU D 1 34 ? -2.344  14.552  -4.836  1.00 19.04 ? 32  LEU D CA  1 
ATOM   1110 C C   . LEU D 1 34 ? -1.041  13.766  -5.010  1.00 17.51 ? 32  LEU D C   1 
ATOM   1111 O O   . LEU D 1 34 ? 0.039   14.313  -4.843  1.00 19.27 ? 32  LEU D O   1 
ATOM   1112 C CB  . LEU D 1 34 ? -2.690  15.285  -6.140  1.00 19.80 ? 32  LEU D CB  1 
ATOM   1113 C CG  . LEU D 1 34 ? -4.067  15.986  -6.175  1.00 20.28 ? 32  LEU D CG  1 
ATOM   1114 C CD1 . LEU D 1 34 ? -4.136  16.821  -7.459  1.00 19.01 ? 32  LEU D CD1 1 
ATOM   1115 C CD2 . LEU D 1 34 ? -5.226  14.971  -6.071  1.00 20.73 ? 32  LEU D CD2 1 
ATOM   1116 N N   . CYS D 1 35 ? -1.155  12.500  -5.390  1.00 16.85 ? 33  CYS D N   1 
ATOM   1117 C CA  . CYS D 1 35 ? 0.041   11.695  -5.708  1.00 17.85 ? 33  CYS D CA  1 
ATOM   1118 C C   . CYS D 1 35 ? 0.712   12.107  -7.006  1.00 18.07 ? 33  CYS D C   1 
ATOM   1119 O O   . CYS D 1 35 ? 0.052   12.263  -8.038  1.00 17.74 ? 33  CYS D O   1 
ATOM   1120 C CB  . CYS D 1 35 ? -0.279  10.181  -5.737  1.00 18.39 ? 33  CYS D CB  1 
ATOM   1121 S SG  . CYS D 1 35 ? -0.668  9.555   -4.096  1.00 17.70 ? 33  CYS D SG  1 
ATOM   1122 N N   . ASP D 1 36 ? 2.017   12.324  -6.918  1.00 18.59 ? 34  ASP D N   1 
ATOM   1123 C CA  . ASP D 1 36 ? 2.862   12.618  -8.065  1.00 21.36 ? 34  ASP D CA  1 
ATOM   1124 C C   . ASP D 1 36 ? 3.917   11.516  -8.090  1.00 22.88 ? 34  ASP D C   1 
ATOM   1125 O O   . ASP D 1 36 ? 4.442   11.149  -7.058  1.00 20.52 ? 34  ASP D O   1 
ATOM   1126 C CB  . ASP D 1 36 ? 3.498   13.965  -7.888  1.00 22.71 ? 34  ASP D CB  1 
ATOM   1127 C CG  . ASP D 1 36 ? 4.286   14.420  -9.077  1.00 26.07 ? 34  ASP D CG  1 
ATOM   1128 O OD1 . ASP D 1 36 ? 4.107   13.934  -10.217 1.00 26.65 ? 34  ASP D OD1 1 
ATOM   1129 O OD2 . ASP D 1 36 ? 5.077   15.365  -8.834  1.00 27.10 ? 34  ASP D OD2 1 
ATOM   1130 N N   . CYS D 1 37 ? 4.176   10.991  -9.281  1.00 22.02 ? 35  CYS D N   1 
ATOM   1131 C CA  . CYS D 1 37 ? 4.941   9.788   -9.448  1.00 21.94 ? 35  CYS D CA  1 
ATOM   1132 C C   . CYS D 1 37 ? 6.164   10.118  -10.291 1.00 23.18 ? 35  CYS D C   1 
ATOM   1133 O O   . CYS D 1 37 ? 6.086   10.878  -11.271 1.00 23.61 ? 35  CYS D O   1 
ATOM   1134 C CB  . CYS D 1 37 ? 4.098   8.736   -10.172 1.00 21.76 ? 35  CYS D CB  1 
ATOM   1135 S SG  . CYS D 1 37 ? 2.535   8.321   -9.358  1.00 18.99 ? 35  CYS D SG  1 
ATOM   1136 N N   . PHE D 1 38 ? 7.304   9.553   -9.929  1.00 25.47 ? 36  PHE D N   1 
ATOM   1137 C CA  . PHE D 1 38 ? 8.521   9.771   -10.700 1.00 28.12 ? 36  PHE D CA  1 
ATOM   1138 C C   . PHE D 1 38 ? 9.542   8.667   -10.495 1.00 30.02 ? 36  PHE D C   1 
ATOM   1139 O O   . PHE D 1 38 ? 9.342   7.687   -9.761  1.00 28.70 ? 36  PHE D O   1 
ATOM   1140 C CB  . PHE D 1 38 ? 9.149   11.142  -10.396 1.00 30.30 ? 36  PHE D CB  1 
ATOM   1141 C CG  . PHE D 1 38 ? 9.249   11.475  -8.933  1.00 29.61 ? 36  PHE D CG  1 
ATOM   1142 C CD1 . PHE D 1 38 ? 10.291  11.007  -8.144  1.00 29.61 ? 36  PHE D CD1 1 
ATOM   1143 C CD2 . PHE D 1 38 ? 8.279   12.286  -8.353  1.00 29.86 ? 36  PHE D CD2 1 
ATOM   1144 C CE1 . PHE D 1 38 ? 10.342  11.313  -6.784  1.00 30.44 ? 36  PHE D CE1 1 
ATOM   1145 C CE2 . PHE D 1 38 ? 8.343   12.633  -7.003  1.00 29.55 ? 36  PHE D CE2 1 
ATOM   1146 C CZ  . PHE D 1 38 ? 9.373   12.148  -6.218  1.00 28.71 ? 36  PHE D CZ  1 
ATOM   1147 O OXT . PHE D 1 38 ? 10.616  8.736   -11.065 1.00 32.13 ? 36  PHE D OXT 1 
HETATM 1148 S S   . SO4 E 2 .  ? -10.339 9.719   -3.896  1.00 39.32 ? 101 SO4 A S   1 
HETATM 1149 O O1  . SO4 E 2 .  ? -11.043 10.992  -3.695  1.00 40.99 ? 101 SO4 A O1  1 
HETATM 1150 O O2  . SO4 E 2 .  ? -10.230 9.033   -2.602  1.00 35.70 ? 101 SO4 A O2  1 
HETATM 1151 O O3  . SO4 E 2 .  ? -11.128 8.881   -4.816  1.00 45.00 ? 101 SO4 A O3  1 
HETATM 1152 O O4  . SO4 E 2 .  ? -9.021  9.913   -4.582  1.00 39.94 ? 101 SO4 A O4  1 
HETATM 1153 C C1  . GOL F 3 .  ? 3.110   -0.122  15.617  1.00 28.91 ? 101 GOL B C1  1 
HETATM 1154 O O1  . GOL F 3 .  ? 2.231   0.941   15.440  1.00 30.83 ? 101 GOL B O1  1 
HETATM 1155 C C2  . GOL F 3 .  ? 3.632   -0.524  14.308  1.00 27.72 ? 101 GOL B C2  1 
HETATM 1156 O O2  . GOL F 3 .  ? 2.579   -0.191  13.395  1.00 32.21 ? 101 GOL B O2  1 
HETATM 1157 C C3  . GOL F 3 .  ? 4.104   -1.999  14.414  1.00 26.17 ? 101 GOL B C3  1 
HETATM 1158 O O3  . GOL F 3 .  ? 3.474   -2.956  13.540  1.00 24.32 ? 101 GOL B O3  1 
HETATM 1159 C C1  . GOL G 3 .  ? -13.056 -4.657  6.326   1.00 26.39 ? 102 GOL B C1  1 
HETATM 1160 O O1  . GOL G 3 .  ? -12.577 -4.938  5.028   1.00 25.69 ? 102 GOL B O1  1 
HETATM 1161 C C2  . GOL G 3 .  ? -11.839 -4.752  7.100   1.00 26.53 ? 102 GOL B C2  1 
HETATM 1162 O O2  . GOL G 3 .  ? -11.695 -6.174  7.311   1.00 30.13 ? 102 GOL B O2  1 
HETATM 1163 C C3  . GOL G 3 .  ? -11.927 -3.897  8.321   1.00 28.57 ? 102 GOL B C3  1 
HETATM 1164 O O3  . GOL G 3 .  ? -11.201 -4.531  9.384   1.00 33.50 ? 102 GOL B O3  1 
HETATM 1165 S S   . SO4 H 2 .  ? -2.996  8.573   8.469   0.50 53.84 ? 101 SO4 C S   1 
HETATM 1166 O O1  . SO4 H 2 .  ? -2.419  9.785   9.108   0.50 54.01 ? 101 SO4 C O1  1 
HETATM 1167 O O2  . SO4 H 2 .  ? -3.810  7.846   9.468   0.50 55.09 ? 101 SO4 C O2  1 
HETATM 1168 O O3  . SO4 H 2 .  ? -3.868  8.943   7.325   0.50 46.87 ? 101 SO4 C O3  1 
HETATM 1169 O O4  . SO4 H 2 .  ? -1.873  7.709   8.019   0.50 53.71 ? 101 SO4 C O4  1 
HETATM 1170 S S   . SO4 I 2 .  ? 5.998   12.979  3.710   1.00 28.11 ? 101 SO4 D S   1 
HETATM 1171 O O1  . SO4 I 2 .  ? 4.526   12.838  3.823   1.00 26.52 ? 101 SO4 D O1  1 
HETATM 1172 O O2  . SO4 I 2 .  ? 6.529   13.887  4.744   1.00 29.51 ? 101 SO4 D O2  1 
HETATM 1173 O O3  . SO4 I 2 .  ? 6.653   11.634  3.800   1.00 22.27 ? 101 SO4 D O3  1 
HETATM 1174 O O4  . SO4 I 2 .  ? 6.286   13.577  2.398   1.00 32.86 ? 101 SO4 D O4  1 
HETATM 1175 S S   . SO4 J 2 .  ? -9.340  7.380   -12.129 1.00 68.14 ? 102 SO4 D S   1 
HETATM 1176 O O1  . SO4 J 2 .  ? -10.376 8.396   -11.790 1.00 73.76 ? 102 SO4 D O1  1 
HETATM 1177 O O2  . SO4 J 2 .  ? -8.351  7.309   -11.029 1.00 67.00 ? 102 SO4 D O2  1 
HETATM 1178 O O3  . SO4 J 2 .  ? -10.015 6.076   -12.310 1.00 71.07 ? 102 SO4 D O3  1 
HETATM 1179 O O4  . SO4 J 2 .  ? -8.652  7.746   -13.386 1.00 64.15 ? 102 SO4 D O4  1 
HETATM 1180 O O   . HOH K 4 .  ? -9.512  8.404   5.082   0.50 10.88 ? 201 HOH A O   1 
HETATM 1181 O O   . HOH K 4 .  ? -21.629 1.436   -4.647  1.00 24.33 ? 202 HOH A O   1 
HETATM 1182 O O   . HOH K 4 .  ? -1.689  -9.068  -0.928  1.00 16.84 ? 203 HOH A O   1 
HETATM 1183 O O   . HOH K 4 .  ? -6.212  -8.825  -14.195 0.50 40.81 ? 204 HOH A O   1 
HETATM 1184 O O   . HOH K 4 .  ? -9.022  10.180  -7.898  1.00 32.42 ? 205 HOH A O   1 
HETATM 1185 O O   . HOH K 4 .  ? -8.696  5.067   -9.607  1.00 27.61 ? 206 HOH A O   1 
HETATM 1186 O O   . HOH K 4 .  ? -21.358 0.485   -0.001  1.00 23.51 ? 207 HOH A O   1 
HETATM 1187 O O   . HOH K 4 .  ? -3.725  -1.654  -8.367  1.00 14.91 ? 208 HOH A O   1 
HETATM 1188 O O   . HOH K 4 .  ? -10.072 -2.582  4.920   1.00 12.18 ? 209 HOH A O   1 
HETATM 1189 O O   . HOH K 4 .  ? -6.294  -3.107  -14.422 1.00 32.55 ? 210 HOH A O   1 
HETATM 1190 O O   . HOH K 4 .  ? -7.117  8.380   -2.471  1.00 14.01 ? 211 HOH A O   1 
HETATM 1191 O O   . HOH K 4 .  ? -16.172 6.174   0.104   1.00 23.12 ? 212 HOH A O   1 
HETATM 1192 O O   . HOH K 4 .  ? -13.412 7.740   -1.474  1.00 30.44 ? 213 HOH A O   1 
HETATM 1193 O O   . HOH L 4 .  ? 1.704   -1.342  11.435  1.00 13.65 ? 201 HOH B O   1 
HETATM 1194 O O   . HOH L 4 .  ? 8.077   -7.624  12.580  1.00 38.74 ? 202 HOH B O   1 
HETATM 1195 O O   . HOH L 4 .  ? 5.668   -11.189 11.631  1.00 25.40 ? 203 HOH B O   1 
HETATM 1196 O O   . HOH L 4 .  ? -9.579  -10.165 3.532   1.00 33.00 ? 204 HOH B O   1 
HETATM 1197 O O   . HOH L 4 .  ? -10.713 -8.786  14.441  1.00 15.79 ? 205 HOH B O   1 
HETATM 1198 O O   . HOH L 4 .  ? -2.324  -4.196  17.196  1.00 26.46 ? 206 HOH B O   1 
HETATM 1199 O O   . HOH L 4 .  ? -1.319  -12.200 13.446  1.00 21.18 ? 207 HOH B O   1 
HETATM 1200 O O   . HOH L 4 .  ? -4.596  -11.625 15.409  1.00 22.08 ? 208 HOH B O   1 
HETATM 1201 O O   . HOH L 4 .  ? -0.559  1.119   14.470  1.00 24.95 ? 209 HOH B O   1 
HETATM 1202 O O   . HOH L 4 .  ? -2.558  -15.887 -1.397  1.00 24.73 ? 210 HOH B O   1 
HETATM 1203 O O   . HOH L 4 .  ? -8.183  -14.113 8.386   1.00 24.74 ? 211 HOH B O   1 
HETATM 1204 O O   . HOH M 4 .  ? -3.171  5.704   9.955   1.00 17.65 ? 201 HOH C O   1 
HETATM 1205 O O   . HOH M 4 .  ? -1.142  5.177   11.787  1.00 11.95 ? 202 HOH C O   1 
HETATM 1206 O O   . HOH M 4 .  ? 0.565   -1.625  3.936   1.00 21.70 ? 203 HOH C O   1 
HETATM 1207 O O   . HOH M 4 .  ? 4.555   9.664   4.253   1.00 13.77 ? 204 HOH C O   1 
HETATM 1208 O O   . HOH M 4 .  ? -3.246  4.159   5.562   1.00 12.89 ? 205 HOH C O   1 
HETATM 1209 O O   . HOH M 4 .  ? 4.754   3.208   1.517   1.00 24.34 ? 206 HOH C O   1 
HETATM 1210 O O   . HOH M 4 .  ? 6.578   10.891  11.515  1.00 11.31 ? 207 HOH C O   1 
HETATM 1211 O O   . HOH M 4 .  ? 7.922   -4.498  1.811   1.00 19.35 ? 208 HOH C O   1 
HETATM 1212 O O   . HOH M 4 .  ? 7.616   6.165   14.891  1.00 17.61 ? 209 HOH C O   1 
HETATM 1213 O O   . HOH M 4 .  ? -0.492  4.584   14.423  1.00 24.44 ? 210 HOH C O   1 
HETATM 1214 O O   . HOH M 4 .  ? 13.961  -7.733  2.001   1.00 23.81 ? 211 HOH C O   1 
HETATM 1215 O O   . HOH M 4 .  ? 13.779  5.304   10.391  1.00 33.79 ? 212 HOH C O   1 
HETATM 1216 O O   . HOH M 4 .  ? 9.894   -4.202  -6.624  1.00 24.91 ? 213 HOH C O   1 
HETATM 1217 O O   . HOH N 4 .  ? 5.962   3.022   -6.302  1.00 17.08 ? 201 HOH D O   1 
HETATM 1218 O O   . HOH N 4 .  ? 9.819   10.284  -2.598  1.00 40.21 ? 202 HOH D O   1 
HETATM 1219 O O   . HOH N 4 .  ? 3.956   15.057  2.021   1.00 23.61 ? 203 HOH D O   1 
HETATM 1220 O O   . HOH N 4 .  ? 0.548   17.198  0.045   1.00 18.66 ? 204 HOH D O   1 
HETATM 1221 O O   . HOH N 4 .  ? -0.761  15.484  -9.190  1.00 27.30 ? 205 HOH D O   1 
HETATM 1222 O O   . HOH N 4 .  ? 0.887   15.958  -7.452  1.00 21.43 ? 206 HOH D O   1 
# 
